data_5SUR
# 
_entry.id   5SUR 
# 
_audit_conform.dict_name       mmcif_pdbx.dic 
_audit_conform.dict_version    5.388 
_audit_conform.dict_location   http://mmcif.pdb.org/dictionaries/ascii/mmcif_pdbx.dic 
# 
loop_
_database_2.database_id 
_database_2.database_code 
_database_2.pdbx_database_accession 
_database_2.pdbx_DOI 
PDB   5SUR         pdb_00005sur 10.2210/pdb5sur/pdb 
WWPDB D_1000223164 ?            ?                   
# 
loop_
_pdbx_audit_revision_history.ordinal 
_pdbx_audit_revision_history.data_content_type 
_pdbx_audit_revision_history.major_revision 
_pdbx_audit_revision_history.minor_revision 
_pdbx_audit_revision_history.revision_date 
1 'Structure model' 1 0 2017-01-11 
2 'Structure model' 1 1 2017-09-13 
3 'Structure model' 1 2 2017-09-27 
4 'Structure model' 1 3 2019-12-25 
5 'Structure model' 1 4 2023-10-04 
6 'Structure model' 1 5 2024-03-27 
# 
_pdbx_audit_revision_details.ordinal             1 
_pdbx_audit_revision_details.revision_ordinal    1 
_pdbx_audit_revision_details.data_content_type   'Structure model' 
_pdbx_audit_revision_details.provider            repository 
_pdbx_audit_revision_details.type                'Initial release' 
_pdbx_audit_revision_details.description         ? 
_pdbx_audit_revision_details.details             ? 
# 
loop_
_pdbx_audit_revision_group.ordinal 
_pdbx_audit_revision_group.revision_ordinal 
_pdbx_audit_revision_group.data_content_type 
_pdbx_audit_revision_group.group 
1 2 'Structure model' Advisory                     
2 2 'Structure model' 'Author supporting evidence' 
3 3 'Structure model' 'Data collection'            
4 4 'Structure model' 'Author supporting evidence' 
5 5 'Structure model' 'Data collection'            
6 5 'Structure model' 'Database references'        
7 5 'Structure model' 'Derived calculations'       
8 5 'Structure model' 'Refinement description'     
9 6 'Structure model' 'Database references'        
# 
loop_
_pdbx_audit_revision_category.ordinal 
_pdbx_audit_revision_category.revision_ordinal 
_pdbx_audit_revision_category.data_content_type 
_pdbx_audit_revision_category.category 
1  2 'Structure model' pdbx_audit_support            
2  2 'Structure model' pdbx_validate_polymer_linkage 
3  3 'Structure model' diffrn_detector               
4  4 'Structure model' pdbx_audit_support            
5  5 'Structure model' chem_comp_atom                
6  5 'Structure model' chem_comp_bond                
7  5 'Structure model' database_2                    
8  5 'Structure model' pdbx_initial_refinement_model 
9  5 'Structure model' pdbx_struct_conn_angle        
10 5 'Structure model' struct_conn                   
11 6 'Structure model' citation                      
12 6 'Structure model' citation_author               
# 
loop_
_pdbx_audit_revision_item.ordinal 
_pdbx_audit_revision_item.revision_ordinal 
_pdbx_audit_revision_item.data_content_type 
_pdbx_audit_revision_item.item 
1  2 'Structure model' '_pdbx_audit_support.funding_organization'    
2  3 'Structure model' '_diffrn_detector.detector'                   
3  4 'Structure model' '_pdbx_audit_support.funding_organization'    
4  5 'Structure model' '_database_2.pdbx_DOI'                        
5  5 'Structure model' '_database_2.pdbx_database_accession'         
6  5 'Structure model' '_pdbx_struct_conn_angle.ptnr1_auth_asym_id'  
7  5 'Structure model' '_pdbx_struct_conn_angle.ptnr1_auth_comp_id'  
8  5 'Structure model' '_pdbx_struct_conn_angle.ptnr1_auth_seq_id'   
9  5 'Structure model' '_pdbx_struct_conn_angle.ptnr1_label_asym_id' 
10 5 'Structure model' '_pdbx_struct_conn_angle.ptnr1_label_atom_id' 
11 5 'Structure model' '_pdbx_struct_conn_angle.ptnr1_label_comp_id' 
12 5 'Structure model' '_pdbx_struct_conn_angle.ptnr1_label_seq_id'  
13 5 'Structure model' '_pdbx_struct_conn_angle.ptnr2_symmetry'      
14 5 'Structure model' '_pdbx_struct_conn_angle.ptnr3_auth_asym_id'  
15 5 'Structure model' '_pdbx_struct_conn_angle.ptnr3_auth_comp_id'  
16 5 'Structure model' '_pdbx_struct_conn_angle.ptnr3_auth_seq_id'   
17 5 'Structure model' '_pdbx_struct_conn_angle.ptnr3_label_asym_id' 
18 5 'Structure model' '_pdbx_struct_conn_angle.ptnr3_label_atom_id' 
19 5 'Structure model' '_pdbx_struct_conn_angle.ptnr3_label_comp_id' 
20 5 'Structure model' '_pdbx_struct_conn_angle.ptnr3_label_seq_id'  
21 5 'Structure model' '_pdbx_struct_conn_angle.value'               
22 5 'Structure model' '_struct_conn.pdbx_dist_value'                
23 5 'Structure model' '_struct_conn.ptnr1_auth_asym_id'             
24 5 'Structure model' '_struct_conn.ptnr1_auth_comp_id'             
25 5 'Structure model' '_struct_conn.ptnr1_auth_seq_id'              
26 5 'Structure model' '_struct_conn.ptnr1_label_asym_id'            
27 5 'Structure model' '_struct_conn.ptnr1_label_atom_id'            
28 5 'Structure model' '_struct_conn.ptnr1_label_comp_id'            
29 5 'Structure model' '_struct_conn.ptnr1_label_seq_id'             
30 5 'Structure model' '_struct_conn.ptnr2_auth_comp_id'             
31 5 'Structure model' '_struct_conn.ptnr2_auth_seq_id'              
32 5 'Structure model' '_struct_conn.ptnr2_label_asym_id'            
33 5 'Structure model' '_struct_conn.ptnr2_label_atom_id'            
34 5 'Structure model' '_struct_conn.ptnr2_label_comp_id'            
35 5 'Structure model' '_struct_conn.ptnr2_label_seq_id'             
36 5 'Structure model' '_struct_conn.ptnr2_symmetry'                 
37 6 'Structure model' '_citation.country'                           
38 6 'Structure model' '_citation.journal_abbrev'                    
39 6 'Structure model' '_citation.journal_id_ASTM'                   
40 6 'Structure model' '_citation.journal_id_CSD'                    
41 6 'Structure model' '_citation.journal_id_ISSN'                   
42 6 'Structure model' '_citation.journal_volume'                    
43 6 'Structure model' '_citation.page_first'                        
44 6 'Structure model' '_citation.page_last'                         
45 6 'Structure model' '_citation.pdbx_database_id_DOI'              
46 6 'Structure model' '_citation.pdbx_database_id_PubMed'           
47 6 'Structure model' '_citation.title'                             
48 6 'Structure model' '_citation.year'                              
49 6 'Structure model' '_citation_author.identifier_ORCID'           
# 
_pdbx_database_status.status_code                     REL 
_pdbx_database_status.status_code_sf                  REL 
_pdbx_database_status.status_code_mr                  ? 
_pdbx_database_status.entry_id                        5SUR 
_pdbx_database_status.recvd_initial_deposition_date   2016-08-03 
_pdbx_database_status.SG_entry                        N 
_pdbx_database_status.deposit_site                    RCSB 
_pdbx_database_status.process_site                    RCSB 
_pdbx_database_status.status_code_cs                  ? 
_pdbx_database_status.methods_development_category    ? 
_pdbx_database_status.pdb_format_compatible           Y 
_pdbx_database_status.status_code_nmr_data            ? 
# 
loop_
_pdbx_database_related.content_type 
_pdbx_database_related.db_id 
_pdbx_database_related.db_name 
_pdbx_database_related.details 
unspecified 5SUS PDB . 
unspecified 5SUT PDB . 
unspecified 5SUU PDB . 
# 
loop_
_audit_author.name 
_audit_author.pdbx_ordinal 
'Kreutzer, A.G.' 1 
'Yoo, S.'        2 
'Nowick, J.S.'   3 
# 
_citation.abstract                  ? 
_citation.abstract_id_CAS           ? 
_citation.book_id_ISBN              ? 
_citation.book_publisher            ? 
_citation.book_publisher_city       ? 
_citation.book_title                ? 
_citation.coordinate_linkage        ? 
_citation.country                   US 
_citation.database_id_Medline       ? 
_citation.details                   ? 
_citation.id                        primary 
_citation.journal_abbrev            J.Am.Chem.Soc. 
_citation.journal_id_ASTM           JACSAT 
_citation.journal_id_CSD            ? 
_citation.journal_id_ISSN           1520-5126 
_citation.journal_full              ? 
_citation.journal_issue             ? 
_citation.journal_volume            139 
_citation.language                  ? 
_citation.page_first                966 
_citation.page_last                 975 
_citation.title                     'Stabilization, Assembly, and Toxicity of Trimers Derived from A beta.' 
_citation.year                      2017 
_citation.database_id_CSD           ? 
_citation.pdbx_database_id_DOI      10.1021/jacs.6b11748 
_citation.pdbx_database_id_PubMed   28001392 
_citation.unpublished_flag          ? 
# 
loop_
_citation_author.citation_id 
_citation_author.name 
_citation_author.ordinal 
_citation_author.identifier_ORCID 
primary 'Kreutzer, A.G.' 1 ?                   
primary 'Yoo, S.'        2 ?                   
primary 'Spencer, R.K.'  3 ?                   
primary 'Nowick, J.S.'   4 0000-0002-2273-1029 
# 
loop_
_entity.id 
_entity.type 
_entity.src_method 
_entity.pdbx_description 
_entity.formula_weight 
_entity.pdbx_number_of_molecules 
_entity.pdbx_ec 
_entity.pdbx_mutation 
_entity.pdbx_fragment 
_entity.details 
1 polymer     syn '16mer A-beta peptide: ORN-CYS-VAL-PHE-MEA-CYS-GLU-ASP-ORN-ALA-ILE-ILE-GLY-LEU-ORN-VAL' 1785.179 4  ? ? ? ? 
2 non-polymer syn 'SODIUM ION'                                                                            22.990   2  ? ? ? ? 
3 non-polymer syn HEXANE-1,6-DIOL                                                                         118.174  4  ? ? ? ? 
4 non-polymer syn 'CHLORIDE ION'                                                                          35.453   2  ? ? ? ? 
5 water       nat water                                                                                   18.015   35 ? ? ? ? 
# 
_entity_poly.entity_id                      1 
_entity_poly.type                           'polypeptide(L)' 
_entity_poly.nstd_linkage                   no 
_entity_poly.nstd_monomer                   yes 
_entity_poly.pdbx_seq_one_letter_code       '(ORN)CVF(MEA)CED(ORN)AIIGL(ORN)V' 
_entity_poly.pdbx_seq_one_letter_code_can   ACVFFCEDAAIIGLAV 
_entity_poly.pdbx_strand_id                 A,B,C,D 
_entity_poly.pdbx_target_identifier         ? 
# 
loop_
_pdbx_entity_nonpoly.entity_id 
_pdbx_entity_nonpoly.name 
_pdbx_entity_nonpoly.comp_id 
2 'SODIUM ION'    NA  
3 HEXANE-1,6-DIOL HEZ 
4 'CHLORIDE ION'  CL  
5 water           HOH 
# 
loop_
_entity_poly_seq.entity_id 
_entity_poly_seq.num 
_entity_poly_seq.mon_id 
_entity_poly_seq.hetero 
1 1  ORN n 
1 2  CYS n 
1 3  VAL n 
1 4  PHE n 
1 5  MEA n 
1 6  CYS n 
1 7  GLU n 
1 8  ASP n 
1 9  ORN n 
1 10 ALA n 
1 11 ILE n 
1 12 ILE n 
1 13 GLY n 
1 14 LEU n 
1 15 ORN n 
1 16 VAL n 
# 
_pdbx_entity_src_syn.entity_id              1 
_pdbx_entity_src_syn.pdbx_src_id            1 
_pdbx_entity_src_syn.pdbx_alt_source_flag   sample 
_pdbx_entity_src_syn.pdbx_beg_seq_num       1 
_pdbx_entity_src_syn.pdbx_end_seq_num       16 
_pdbx_entity_src_syn.organism_scientific    'Homo sapiens' 
_pdbx_entity_src_syn.organism_common_name   ? 
_pdbx_entity_src_syn.ncbi_taxonomy_id       9606 
_pdbx_entity_src_syn.details                '16mer peptide derived from A-beta 17-36' 
# 
loop_
_chem_comp.id 
_chem_comp.type 
_chem_comp.mon_nstd_flag 
_chem_comp.name 
_chem_comp.pdbx_synonyms 
_chem_comp.formula 
_chem_comp.formula_weight 
ALA 'L-peptide linking' y ALANINE               ? 'C3 H7 N O2'   89.093  
ASP 'L-peptide linking' y 'ASPARTIC ACID'       ? 'C4 H7 N O4'   133.103 
CL  non-polymer         . 'CHLORIDE ION'        ? 'Cl -1'        35.453  
CYS 'L-peptide linking' y CYSTEINE              ? 'C3 H7 N O2 S' 121.158 
GLU 'L-peptide linking' y 'GLUTAMIC ACID'       ? 'C5 H9 N O4'   147.129 
GLY 'peptide linking'   y GLYCINE               ? 'C2 H5 N O2'   75.067  
HEZ non-polymer         . HEXANE-1,6-DIOL       ? 'C6 H14 O2'    118.174 
HOH non-polymer         . WATER                 ? 'H2 O'         18.015  
ILE 'L-peptide linking' y ISOLEUCINE            ? 'C6 H13 N O2'  131.173 
LEU 'L-peptide linking' y LEUCINE               ? 'C6 H13 N O2'  131.173 
MEA 'L-peptide linking' n N-METHYLPHENYLALANINE ? 'C10 H13 N O2' 179.216 
NA  non-polymer         . 'SODIUM ION'          ? 'Na 1'         22.990  
ORN 'L-peptide linking' n L-ornithine           ? 'C5 H12 N2 O2' 132.161 
PHE 'L-peptide linking' y PHENYLALANINE         ? 'C9 H11 N O2'  165.189 
VAL 'L-peptide linking' y VALINE                ? 'C5 H11 N O2'  117.146 
# 
loop_
_pdbx_poly_seq_scheme.asym_id 
_pdbx_poly_seq_scheme.entity_id 
_pdbx_poly_seq_scheme.seq_id 
_pdbx_poly_seq_scheme.mon_id 
_pdbx_poly_seq_scheme.ndb_seq_num 
_pdbx_poly_seq_scheme.pdb_seq_num 
_pdbx_poly_seq_scheme.auth_seq_num 
_pdbx_poly_seq_scheme.pdb_mon_id 
_pdbx_poly_seq_scheme.auth_mon_id 
_pdbx_poly_seq_scheme.pdb_strand_id 
_pdbx_poly_seq_scheme.pdb_ins_code 
_pdbx_poly_seq_scheme.hetero 
A 1 1  ORN 1  1  1  ORN ORN A . n 
A 1 2  CYS 2  2  2  CYS CYS A . n 
A 1 3  VAL 3  3  3  VAL VAL A . n 
A 1 4  PHE 4  4  4  PHE PHE A . n 
A 1 5  MEA 5  5  5  MEA MEA A . n 
A 1 6  CYS 6  6  6  CYS CYS A . n 
A 1 7  GLU 7  7  7  GLU GLU A . n 
A 1 8  ASP 8  8  8  ASP ASP A . n 
A 1 9  ORN 9  9  9  ORN ORN A . n 
A 1 10 ALA 10 10 10 ALA ALA A . n 
A 1 11 ILE 11 11 11 ILE ILE A . n 
A 1 12 ILE 12 12 12 ILE ILE A . n 
A 1 13 GLY 13 13 13 GLY GLY A . n 
A 1 14 LEU 14 14 14 LEU LEU A . n 
A 1 15 ORN 15 15 15 ORN ORN A . n 
A 1 16 VAL 16 16 16 VAL VAL A . n 
B 1 1  ORN 1  1  1  ORN ORN B . n 
B 1 2  CYS 2  2  2  CYS CYS B . n 
B 1 3  VAL 3  3  3  VAL VAL B . n 
B 1 4  PHE 4  4  4  PHE PHE B . n 
B 1 5  MEA 5  5  5  MEA MEA B . n 
B 1 6  CYS 6  6  6  CYS CYS B . n 
B 1 7  GLU 7  7  7  GLU GLU B . n 
B 1 8  ASP 8  8  8  ASP ASP B . n 
B 1 9  ORN 9  9  9  ORN ORN B . n 
B 1 10 ALA 10 10 10 ALA ALA B . n 
B 1 11 ILE 11 11 11 ILE ILE B . n 
B 1 12 ILE 12 12 12 ILE ILE B . n 
B 1 13 GLY 13 13 13 GLY GLY B . n 
B 1 14 LEU 14 14 14 LEU LEU B . n 
B 1 15 ORN 15 15 15 ORN ORN B . n 
B 1 16 VAL 16 16 16 VAL VAL B . n 
C 1 1  ORN 1  1  1  ORN ORN C . n 
C 1 2  CYS 2  2  2  CYS CYS C . n 
C 1 3  VAL 3  3  3  VAL VAL C . n 
C 1 4  PHE 4  4  4  PHE PHE C . n 
C 1 5  MEA 5  5  5  MEA MEA C . n 
C 1 6  CYS 6  6  6  CYS CYS C . n 
C 1 7  GLU 7  7  7  GLU GLU C . n 
C 1 8  ASP 8  8  8  ASP ASP C . n 
C 1 9  ORN 9  9  9  ORN ORN C . n 
C 1 10 ALA 10 10 10 ALA ALA C . n 
C 1 11 ILE 11 11 11 ILE ILE C . n 
C 1 12 ILE 12 12 12 ILE ILE C . n 
C 1 13 GLY 13 13 13 GLY GLY C . n 
C 1 14 LEU 14 14 14 LEU LEU C . n 
C 1 15 ORN 15 15 15 ORN ORN C . n 
C 1 16 VAL 16 16 16 VAL VAL C . n 
D 1 1  ORN 1  1  1  ORN ORN D . n 
D 1 2  CYS 2  2  2  CYS CYS D . n 
D 1 3  VAL 3  3  3  VAL VAL D . n 
D 1 4  PHE 4  4  4  PHE PHE D . n 
D 1 5  MEA 5  5  5  MEA MEA D . n 
D 1 6  CYS 6  6  6  CYS CYS D . n 
D 1 7  GLU 7  7  7  GLU GLU D . n 
D 1 8  ASP 8  8  8  ASP ASP D . n 
D 1 9  ORN 9  9  9  ORN ORN D . n 
D 1 10 ALA 10 10 10 ALA ALA D . n 
D 1 11 ILE 11 11 11 ILE ILE D . n 
D 1 12 ILE 12 12 12 ILE ILE D . n 
D 1 13 GLY 13 13 13 GLY GLY D . n 
D 1 14 LEU 14 14 14 LEU LEU D . n 
D 1 15 ORN 15 15 15 ORN ORN D . n 
D 1 16 VAL 16 16 16 VAL VAL D . n 
# 
loop_
_pdbx_nonpoly_scheme.asym_id 
_pdbx_nonpoly_scheme.entity_id 
_pdbx_nonpoly_scheme.mon_id 
_pdbx_nonpoly_scheme.ndb_seq_num 
_pdbx_nonpoly_scheme.pdb_seq_num 
_pdbx_nonpoly_scheme.auth_seq_num 
_pdbx_nonpoly_scheme.pdb_mon_id 
_pdbx_nonpoly_scheme.auth_mon_id 
_pdbx_nonpoly_scheme.pdb_strand_id 
_pdbx_nonpoly_scheme.pdb_ins_code 
E 2 NA  1  101 3  NA  NA  A . 
F 3 HEZ 1  102 3  HEZ HEZ A . 
G 3 HEZ 1  103 4  HEZ HEZ A . 
H 4 CL  1  101 3  CL  CL  C . 
I 3 HEZ 1  102 1  HEZ HEZ C . 
J 3 HEZ 1  103 2  HEZ HEZ C . 
K 4 CL  1  101 4  CL  CL  D . 
L 2 NA  1  102 2  NA  NA  D . 
M 5 HOH 1  201 52 HOH HOH A . 
M 5 HOH 2  202 28 HOH HOH A . 
M 5 HOH 3  203 1  HOH HOH A . 
M 5 HOH 4  204 32 HOH HOH A . 
M 5 HOH 5  205 13 HOH HOH A . 
M 5 HOH 6  206 41 HOH HOH A . 
M 5 HOH 7  207 48 HOH HOH A . 
M 5 HOH 8  208 61 HOH HOH A . 
N 5 HOH 1  101 38 HOH HOH B . 
N 5 HOH 2  102 25 HOH HOH B . 
N 5 HOH 3  103 36 HOH HOH B . 
N 5 HOH 4  104 33 HOH HOH B . 
N 5 HOH 5  105 46 HOH HOH B . 
N 5 HOH 6  106 27 HOH HOH B . 
N 5 HOH 7  107 49 HOH HOH B . 
N 5 HOH 8  108 57 HOH HOH B . 
N 5 HOH 9  109 44 HOH HOH B . 
N 5 HOH 10 110 9  HOH HOH B . 
N 5 HOH 11 111 17 HOH HOH B . 
N 5 HOH 12 112 18 HOH HOH B . 
N 5 HOH 13 113 31 HOH HOH B . 
N 5 HOH 14 114 39 HOH HOH B . 
O 5 HOH 1  201 15 HOH HOH C . 
O 5 HOH 2  202 35 HOH HOH C . 
O 5 HOH 3  203 30 HOH HOH C . 
O 5 HOH 4  204 23 HOH HOH C . 
O 5 HOH 5  205 50 HOH HOH C . 
O 5 HOH 6  206 43 HOH HOH C . 
O 5 HOH 7  207 54 HOH HOH C . 
P 5 HOH 1  201 58 HOH HOH D . 
P 5 HOH 2  202 16 HOH HOH D . 
P 5 HOH 3  203 51 HOH HOH D . 
P 5 HOH 4  204 24 HOH HOH D . 
P 5 HOH 5  205 60 HOH HOH D . 
P 5 HOH 6  206 34 HOH HOH D . 
# 
loop_
_software.citation_id 
_software.classification 
_software.compiler_name 
_software.compiler_version 
_software.contact_author 
_software.contact_author_email 
_software.date 
_software.description 
_software.dependencies 
_software.hardware 
_software.language 
_software.location 
_software.mods 
_software.name 
_software.os 
_software.os_version 
_software.type 
_software.version 
_software.pdbx_ordinal 
? refinement       ? ? ? ? ? ? ? ? ? ? ? PHENIX  ? ? ? '1.10.1_2155: 000' 1 
? 'data reduction' ? ? ? ? ? ? ? ? ? ? ? XDS     ? ? ? .                  2 
? 'data scaling'   ? ? ? ? ? ? ? ? ? ? ? Aimless ? ? ? .                  3 
? phasing          ? ? ? ? ? ? ? ? ? ? ? PHASER  ? ? ? .                  4 
# 
_cell.angle_alpha                  90.00 
_cell.angle_alpha_esd              ? 
_cell.angle_beta                   90.00 
_cell.angle_beta_esd               ? 
_cell.angle_gamma                  120.00 
_cell.angle_gamma_esd              ? 
_cell.entry_id                     5SUR 
_cell.details                      ? 
_cell.formula_units_Z              ? 
_cell.length_a                     57.401 
_cell.length_a_esd                 ? 
_cell.length_b                     57.401 
_cell.length_b_esd                 ? 
_cell.length_c                     94.140 
_cell.length_c_esd                 ? 
_cell.volume                       ? 
_cell.volume_esd                   ? 
_cell.Z_PDB                        48 
_cell.reciprocal_angle_alpha       ? 
_cell.reciprocal_angle_beta        ? 
_cell.reciprocal_angle_gamma       ? 
_cell.reciprocal_angle_alpha_esd   ? 
_cell.reciprocal_angle_beta_esd    ? 
_cell.reciprocal_angle_gamma_esd   ? 
_cell.reciprocal_length_a          ? 
_cell.reciprocal_length_b          ? 
_cell.reciprocal_length_c          ? 
_cell.reciprocal_length_a_esd      ? 
_cell.reciprocal_length_b_esd      ? 
_cell.reciprocal_length_c_esd      ? 
_cell.pdbx_unique_axis             ? 
# 
_symmetry.entry_id                         5SUR 
_symmetry.cell_setting                     ? 
_symmetry.Int_Tables_number                182 
_symmetry.space_group_name_Hall            ? 
_symmetry.space_group_name_H-M             'P 63 2 2' 
_symmetry.pdbx_full_space_group_name_H-M   ? 
# 
_exptl.absorpt_coefficient_mu     ? 
_exptl.absorpt_correction_T_max   ? 
_exptl.absorpt_correction_T_min   ? 
_exptl.absorpt_correction_type    ? 
_exptl.absorpt_process_details    ? 
_exptl.entry_id                   5SUR 
_exptl.crystals_number            1 
_exptl.details                    ? 
_exptl.method                     'X-RAY DIFFRACTION' 
_exptl.method_details             ? 
# 
_exptl_crystal.colour                      ? 
_exptl_crystal.density_diffrn              ? 
_exptl_crystal.density_Matthews            3.13 
_exptl_crystal.density_method              ? 
_exptl_crystal.density_percent_sol         60.76 
_exptl_crystal.description                 ? 
_exptl_crystal.F_000                       ? 
_exptl_crystal.id                          1 
_exptl_crystal.preparation                 ? 
_exptl_crystal.size_max                    ? 
_exptl_crystal.size_mid                    ? 
_exptl_crystal.size_min                    ? 
_exptl_crystal.size_rad                    ? 
_exptl_crystal.colour_lustre               ? 
_exptl_crystal.colour_modifier             ? 
_exptl_crystal.colour_primary              ? 
_exptl_crystal.density_meas                ? 
_exptl_crystal.density_meas_esd            ? 
_exptl_crystal.density_meas_gt             ? 
_exptl_crystal.density_meas_lt             ? 
_exptl_crystal.density_meas_temp           ? 
_exptl_crystal.density_meas_temp_esd       ? 
_exptl_crystal.density_meas_temp_gt        ? 
_exptl_crystal.density_meas_temp_lt        ? 
_exptl_crystal.pdbx_crystal_image_url      ? 
_exptl_crystal.pdbx_crystal_image_format   ? 
_exptl_crystal.pdbx_mosaicity              ? 
_exptl_crystal.pdbx_mosaicity_esd          ? 
# 
_exptl_crystal_grow.apparatus       ? 
_exptl_crystal_grow.atmosphere      ? 
_exptl_crystal_grow.crystal_id      1 
_exptl_crystal_grow.details         ? 
_exptl_crystal_grow.method          'VAPOR DIFFUSION, HANGING DROP' 
_exptl_crystal_grow.method_ref      ? 
_exptl_crystal_grow.pH              ? 
_exptl_crystal_grow.pressure        ? 
_exptl_crystal_grow.pressure_esd    ? 
_exptl_crystal_grow.seeding         ? 
_exptl_crystal_grow.seeding_ref     ? 
_exptl_crystal_grow.temp            296.15 
_exptl_crystal_grow.temp_details    ? 
_exptl_crystal_grow.temp_esd        ? 
_exptl_crystal_grow.time            ? 
_exptl_crystal_grow.pdbx_details    '0.1 M Tris buffer at pH 7.83, 0.2 M MgCl2, 3.32 M 1,6-hexanediol' 
_exptl_crystal_grow.pdbx_pH_range   ? 
# 
_diffrn.ambient_environment    ? 
_diffrn.ambient_temp           100 
_diffrn.ambient_temp_details   ? 
_diffrn.ambient_temp_esd       ? 
_diffrn.crystal_id             1 
_diffrn.crystal_support        ? 
_diffrn.crystal_treatment      ? 
_diffrn.details                ? 
_diffrn.id                     1 
_diffrn.ambient_pressure       ? 
_diffrn.ambient_pressure_esd   ? 
_diffrn.ambient_pressure_gt    ? 
_diffrn.ambient_pressure_lt    ? 
_diffrn.ambient_temp_gt        ? 
_diffrn.ambient_temp_lt        ? 
# 
_diffrn_detector.details                      ? 
_diffrn_detector.detector                     PIXEL 
_diffrn_detector.diffrn_id                    1 
_diffrn_detector.type                         'DECTRIS PILATUS 6M' 
_diffrn_detector.area_resol_mean              ? 
_diffrn_detector.dtime                        ? 
_diffrn_detector.pdbx_frames_total            ? 
_diffrn_detector.pdbx_collection_time_total   ? 
_diffrn_detector.pdbx_collection_date         2016-04-17 
# 
_diffrn_radiation.collimation                      ? 
_diffrn_radiation.diffrn_id                        1 
_diffrn_radiation.filter_edge                      ? 
_diffrn_radiation.inhomogeneity                    ? 
_diffrn_radiation.monochromator                    'Liquid nitrogen-cooled double crystal monochromator, non fixed exit slit' 
_diffrn_radiation.polarisn_norm                    ? 
_diffrn_radiation.polarisn_ratio                   ? 
_diffrn_radiation.probe                            ? 
_diffrn_radiation.type                             ? 
_diffrn_radiation.xray_symbol                      ? 
_diffrn_radiation.wavelength_id                    1 
_diffrn_radiation.pdbx_monochromatic_or_laue_m_l   M 
_diffrn_radiation.pdbx_wavelength_list             ? 
_diffrn_radiation.pdbx_wavelength                  ? 
_diffrn_radiation.pdbx_diffrn_protocol             MAD 
_diffrn_radiation.pdbx_analyzer                    ? 
_diffrn_radiation.pdbx_scattering_type             x-ray 
# 
_diffrn_radiation_wavelength.id           1 
_diffrn_radiation_wavelength.wavelength   0.920 
_diffrn_radiation_wavelength.wt           1.0 
# 
_diffrn_source.current                     ? 
_diffrn_source.details                     ? 
_diffrn_source.diffrn_id                   1 
_diffrn_source.power                       ? 
_diffrn_source.size                        ? 
_diffrn_source.source                      SYNCHROTRON 
_diffrn_source.target                      ? 
_diffrn_source.type                        'SSRL BEAMLINE BL9-2' 
_diffrn_source.voltage                     ? 
_diffrn_source.take-off_angle              ? 
_diffrn_source.pdbx_wavelength_list        0.920 
_diffrn_source.pdbx_wavelength             ? 
_diffrn_source.pdbx_synchrotron_beamline   BL9-2 
_diffrn_source.pdbx_synchrotron_site       SSRL 
# 
_reflns.B_iso_Wilson_estimate            ? 
_reflns.entry_id                         5SUR 
_reflns.data_reduction_details           ? 
_reflns.data_reduction_method            ? 
_reflns.d_resolution_high                1.801 
_reflns.d_resolution_low                 27.45 
_reflns.details                          ? 
_reflns.limit_h_max                      ? 
_reflns.limit_h_min                      ? 
_reflns.limit_k_max                      ? 
_reflns.limit_k_min                      ? 
_reflns.limit_l_max                      ? 
_reflns.limit_l_min                      ? 
_reflns.number_all                       ? 
_reflns.number_obs                       8947 
_reflns.observed_criterion               ? 
_reflns.observed_criterion_F_max         ? 
_reflns.observed_criterion_F_min         ? 
_reflns.observed_criterion_I_max         ? 
_reflns.observed_criterion_I_min         ? 
_reflns.observed_criterion_sigma_F       ? 
_reflns.observed_criterion_sigma_I       ? 
_reflns.percent_possible_obs             99 
_reflns.R_free_details                   ? 
_reflns.Rmerge_F_all                     ? 
_reflns.Rmerge_F_obs                     ? 
_reflns.Friedel_coverage                 ? 
_reflns.number_gt                        ? 
_reflns.threshold_expression             ? 
_reflns.pdbx_redundancy                  2.0 
_reflns.pdbx_Rmerge_I_obs                0.01053 
_reflns.pdbx_Rmerge_I_all                ? 
_reflns.pdbx_Rsym_value                  0.0149 
_reflns.pdbx_netI_over_av_sigmaI         ? 
_reflns.pdbx_netI_over_sigmaI            23.12 
_reflns.pdbx_res_netI_over_av_sigmaI_2   ? 
_reflns.pdbx_res_netI_over_sigmaI_2      ? 
_reflns.pdbx_chi_squared                 ? 
_reflns.pdbx_scaling_rejects             ? 
_reflns.pdbx_d_res_high_opt              ? 
_reflns.pdbx_d_res_low_opt               ? 
_reflns.pdbx_d_res_opt_method            ? 
_reflns.phase_calculation_details        ? 
_reflns.pdbx_Rrim_I_all                  ? 
_reflns.pdbx_Rpim_I_all                  ? 
_reflns.pdbx_d_opt                       ? 
_reflns.pdbx_number_measured_all         ? 
_reflns.pdbx_diffrn_id                   1 
_reflns.pdbx_ordinal                     1 
_reflns.pdbx_CC_half                     1 
_reflns.pdbx_R_split                     ? 
# 
_reflns_shell.d_res_high                  1.801 
_reflns_shell.d_res_low                   1.866 
_reflns_shell.meanI_over_sigI_all         ? 
_reflns_shell.meanI_over_sigI_obs         1.13 
_reflns_shell.number_measured_all         ? 
_reflns_shell.number_measured_obs         ? 
_reflns_shell.number_possible             ? 
_reflns_shell.number_unique_all           ? 
_reflns_shell.number_unique_obs           ? 
_reflns_shell.percent_possible_all        99 
_reflns_shell.percent_possible_obs        ? 
_reflns_shell.Rmerge_F_all                ? 
_reflns_shell.Rmerge_F_obs                ? 
_reflns_shell.Rmerge_I_all                ? 
_reflns_shell.Rmerge_I_obs                0.6542 
_reflns_shell.meanI_over_sigI_gt          ? 
_reflns_shell.meanI_over_uI_all           ? 
_reflns_shell.meanI_over_uI_gt            ? 
_reflns_shell.number_measured_gt          ? 
_reflns_shell.number_unique_gt            ? 
_reflns_shell.percent_possible_gt         ? 
_reflns_shell.Rmerge_F_gt                 ? 
_reflns_shell.Rmerge_I_gt                 ? 
_reflns_shell.pdbx_redundancy             2.0 
_reflns_shell.pdbx_Rsym_value             ? 
_reflns_shell.pdbx_chi_squared            ? 
_reflns_shell.pdbx_netI_over_sigmaI_all   ? 
_reflns_shell.pdbx_netI_over_sigmaI_obs   ? 
_reflns_shell.pdbx_Rrim_I_all             ? 
_reflns_shell.pdbx_Rpim_I_all             ? 
_reflns_shell.pdbx_rejects                ? 
_reflns_shell.pdbx_ordinal                1 
_reflns_shell.pdbx_diffrn_id              1 
_reflns_shell.pdbx_CC_half                0.532 
_reflns_shell.pdbx_R_split                ? 
# 
_refine.aniso_B[1][1]                            ? 
_refine.aniso_B[1][2]                            ? 
_refine.aniso_B[1][3]                            ? 
_refine.aniso_B[2][2]                            ? 
_refine.aniso_B[2][3]                            ? 
_refine.aniso_B[3][3]                            ? 
_refine.B_iso_max                                ? 
_refine.B_iso_mean                               ? 
_refine.B_iso_min                                ? 
_refine.correlation_coeff_Fo_to_Fc               ? 
_refine.correlation_coeff_Fo_to_Fc_free          ? 
_refine.details                                  ? 
_refine.diff_density_max                         ? 
_refine.diff_density_max_esd                     ? 
_refine.diff_density_min                         ? 
_refine.diff_density_min_esd                     ? 
_refine.diff_density_rms                         ? 
_refine.diff_density_rms_esd                     ? 
_refine.entry_id                                 5SUR 
_refine.pdbx_refine_id                           'X-RAY DIFFRACTION' 
_refine.ls_abs_structure_details                 ? 
_refine.ls_abs_structure_Flack                   ? 
_refine.ls_abs_structure_Flack_esd               ? 
_refine.ls_abs_structure_Rogers                  ? 
_refine.ls_abs_structure_Rogers_esd              ? 
_refine.ls_d_res_high                            1.801 
_refine.ls_d_res_low                             27.45 
_refine.ls_extinction_coef                       ? 
_refine.ls_extinction_coef_esd                   ? 
_refine.ls_extinction_expression                 ? 
_refine.ls_extinction_method                     ? 
_refine.ls_goodness_of_fit_all                   ? 
_refine.ls_goodness_of_fit_all_esd               ? 
_refine.ls_goodness_of_fit_obs                   ? 
_refine.ls_goodness_of_fit_obs_esd               ? 
_refine.ls_hydrogen_treatment                    ? 
_refine.ls_matrix_type                           ? 
_refine.ls_number_constraints                    ? 
_refine.ls_number_parameters                     ? 
_refine.ls_number_reflns_all                     ? 
_refine.ls_number_reflns_obs                     15703 
_refine.ls_number_reflns_R_free                  1554 
_refine.ls_number_reflns_R_work                  ? 
_refine.ls_number_restraints                     ? 
_refine.ls_percent_reflns_obs                    97.73 
_refine.ls_percent_reflns_R_free                 9.90 
_refine.ls_R_factor_all                          ? 
_refine.ls_R_factor_obs                          0.2144 
_refine.ls_R_factor_R_free                       0.2488 
_refine.ls_R_factor_R_free_error                 ? 
_refine.ls_R_factor_R_free_error_details         ? 
_refine.ls_R_factor_R_work                       0.2107 
_refine.ls_R_Fsqd_factor_obs                     ? 
_refine.ls_R_I_factor_obs                        ? 
_refine.ls_redundancy_reflns_all                 ? 
_refine.ls_redundancy_reflns_obs                 ? 
_refine.ls_restrained_S_all                      ? 
_refine.ls_restrained_S_obs                      ? 
_refine.ls_shift_over_esd_max                    ? 
_refine.ls_shift_over_esd_mean                   ? 
_refine.ls_structure_factor_coef                 ? 
_refine.ls_weighting_details                     ? 
_refine.ls_weighting_scheme                      ? 
_refine.ls_wR_factor_all                         ? 
_refine.ls_wR_factor_obs                         ? 
_refine.ls_wR_factor_R_free                      ? 
_refine.ls_wR_factor_R_work                      ? 
_refine.occupancy_max                            ? 
_refine.occupancy_min                            ? 
_refine.solvent_model_details                    ? 
_refine.solvent_model_param_bsol                 ? 
_refine.solvent_model_param_ksol                 ? 
_refine.ls_R_factor_gt                           ? 
_refine.ls_goodness_of_fit_gt                    ? 
_refine.ls_goodness_of_fit_ref                   ? 
_refine.ls_shift_over_su_max                     ? 
_refine.ls_shift_over_su_max_lt                  ? 
_refine.ls_shift_over_su_mean                    ? 
_refine.ls_shift_over_su_mean_lt                 ? 
_refine.pdbx_ls_sigma_I                          ? 
_refine.pdbx_ls_sigma_F                          1.33 
_refine.pdbx_ls_sigma_Fsqd                       ? 
_refine.pdbx_data_cutoff_high_absF               ? 
_refine.pdbx_data_cutoff_high_rms_absF           ? 
_refine.pdbx_data_cutoff_low_absF                ? 
_refine.pdbx_isotropic_thermal_model             ? 
_refine.pdbx_ls_cross_valid_method               'FREE R-VALUE' 
_refine.pdbx_method_to_determine_struct          'MOLECULAR REPLACEMENT' 
_refine.pdbx_starting_model                      5SUS 
_refine.pdbx_stereochemistry_target_values       ? 
_refine.pdbx_R_Free_selection_details            ? 
_refine.pdbx_stereochem_target_val_spec_case     ? 
_refine.pdbx_overall_ESU_R                       ? 
_refine.pdbx_overall_ESU_R_Free                  ? 
_refine.pdbx_solvent_vdw_probe_radii             1.11 
_refine.pdbx_solvent_ion_probe_radii             ? 
_refine.pdbx_solvent_shrinkage_radii             0.90 
_refine.pdbx_real_space_R                        ? 
_refine.pdbx_density_correlation                 ? 
_refine.pdbx_pd_number_of_powder_patterns        ? 
_refine.pdbx_pd_number_of_points                 ? 
_refine.pdbx_pd_meas_number_of_points            ? 
_refine.pdbx_pd_proc_ls_prof_R_factor            ? 
_refine.pdbx_pd_proc_ls_prof_wR_factor           ? 
_refine.pdbx_pd_Marquardt_correlation_coeff      ? 
_refine.pdbx_pd_Fsqrd_R_factor                   ? 
_refine.pdbx_pd_ls_matrix_band_width             ? 
_refine.pdbx_overall_phase_error                 26.77 
_refine.pdbx_overall_SU_R_free_Cruickshank_DPI   ? 
_refine.pdbx_overall_SU_R_free_Blow_DPI          ? 
_refine.pdbx_overall_SU_R_Blow_DPI               ? 
_refine.pdbx_TLS_residual_ADP_flag               ? 
_refine.pdbx_diffrn_id                           1 
_refine.overall_SU_B                             ? 
_refine.overall_SU_ML                            0.25 
_refine.overall_SU_R_Cruickshank_DPI             ? 
_refine.overall_SU_R_free                        ? 
_refine.overall_FOM_free_R_set                   ? 
_refine.overall_FOM_work_R_set                   ? 
_refine.pdbx_average_fsc_overall                 ? 
_refine.pdbx_average_fsc_work                    ? 
_refine.pdbx_average_fsc_free                    ? 
# 
_refine_hist.pdbx_refine_id                   'X-RAY DIFFRACTION' 
_refine_hist.cycle_id                         LAST 
_refine_hist.pdbx_number_atoms_protein        492 
_refine_hist.pdbx_number_atoms_nucleic_acid   0 
_refine_hist.pdbx_number_atoms_ligand         36 
_refine_hist.number_atoms_solvent             35 
_refine_hist.number_atoms_total               563 
_refine_hist.d_res_high                       1.801 
_refine_hist.d_res_low                        27.45 
# 
loop_
_refine_ls_restr.pdbx_refine_id 
_refine_ls_restr.criterion 
_refine_ls_restr.dev_ideal 
_refine_ls_restr.dev_ideal_target 
_refine_ls_restr.number 
_refine_ls_restr.rejects 
_refine_ls_restr.type 
_refine_ls_restr.weight 
_refine_ls_restr.pdbx_restraint_function 
'X-RAY DIFFRACTION' ? 0.007  ? 528 ? f_bond_d           ? ? 
'X-RAY DIFFRACTION' ? 0.997  ? 684 ? f_angle_d          ? ? 
'X-RAY DIFFRACTION' ? 30.826 ? 340 ? f_dihedral_angle_d ? ? 
'X-RAY DIFFRACTION' ? 0.066  ? 80  ? f_chiral_restr     ? ? 
'X-RAY DIFFRACTION' ? 0.004  ? 80  ? f_plane_restr      ? ? 
# 
loop_
_refine_ls_shell.pdbx_refine_id 
_refine_ls_shell.d_res_high 
_refine_ls_shell.d_res_low 
_refine_ls_shell.number_reflns_all 
_refine_ls_shell.number_reflns_obs 
_refine_ls_shell.number_reflns_R_free 
_refine_ls_shell.number_reflns_R_work 
_refine_ls_shell.percent_reflns_obs 
_refine_ls_shell.percent_reflns_R_free 
_refine_ls_shell.R_factor_all 
_refine_ls_shell.R_factor_obs 
_refine_ls_shell.R_factor_R_free 
_refine_ls_shell.R_factor_R_free_error 
_refine_ls_shell.R_factor_R_work 
_refine_ls_shell.redundancy_reflns_all 
_refine_ls_shell.redundancy_reflns_obs 
_refine_ls_shell.wR_factor_all 
_refine_ls_shell.wR_factor_obs 
_refine_ls_shell.wR_factor_R_free 
_refine_ls_shell.wR_factor_R_work 
_refine_ls_shell.pdbx_total_number_of_bins_used 
_refine_ls_shell.pdbx_phase_error 
_refine_ls_shell.pdbx_fsc_work 
_refine_ls_shell.pdbx_fsc_free 
'X-RAY DIFFRACTION' 1.8015 1.8596  . . 141 1254 96.00  . . . 0.3568 . 0.3561 . . . . . . . . . . 
'X-RAY DIFFRACTION' 1.8596 1.9261  . . 147 1292 98.00  . . . 0.2994 . 0.3060 . . . . . . . . . . 
'X-RAY DIFFRACTION' 1.9261 2.0032  . . 141 1283 98.00  . . . 0.2966 . 0.3160 . . . . . . . . . . 
'X-RAY DIFFRACTION' 2.0032 2.0943  . . 140 1287 98.00  . . . 0.3399 . 0.2790 . . . . . . . . . . 
'X-RAY DIFFRACTION' 2.0943 2.2047  . . 144 1338 100.00 . . . 0.2592 . 0.2665 . . . . . . . . . . 
'X-RAY DIFFRACTION' 2.2047 2.3428  . . 141 1286 99.00  . . . 0.2865 . 0.2440 . . . . . . . . . . 
'X-RAY DIFFRACTION' 2.3428 2.5237  . . 136 1305 98.00  . . . 0.2949 . 0.2370 . . . . . . . . . . 
'X-RAY DIFFRACTION' 2.5237 2.7776  . . 140 1271 98.00  . . . 0.3129 . 0.2321 . . . . . . . . . . 
'X-RAY DIFFRACTION' 2.7776 3.1792  . . 138 1305 97.00  . . . 0.2559 . 0.2019 . . . . . . . . . . 
'X-RAY DIFFRACTION' 3.1792 4.0045  . . 146 1270 98.00  . . . 0.2091 . 0.1923 . . . . . . . . . . 
'X-RAY DIFFRACTION' 4.0045 34.1852 . . 140 1258 95.00  . . . 0.2226 . 0.1794 . . . . . . . . . . 
# 
_struct.entry_id                     5SUR 
_struct.title                        
;X-ray crystallographic structure of a covalent trimer derived from A-beta 17_36. Synchrotron data set. (ORN)CVF(MEA)CED(ORN)AIIGL(ORN)V.
;
_struct.pdbx_model_details           ? 
_struct.pdbx_formula_weight          ? 
_struct.pdbx_formula_weight_method   ? 
_struct.pdbx_model_type_details      ? 
_struct.pdbx_CASP_flag               N 
# 
_struct_keywords.entry_id        5SUR 
_struct_keywords.text            
;amyloid, oligomer, Alzheimer's, trimer, PROTEIN FIBRIL, DE NOVO PROTEIN
;
_struct_keywords.pdbx_keywords   'DE NOVO PROTEIN' 
# 
loop_
_struct_asym.id 
_struct_asym.pdbx_blank_PDB_chainid_flag 
_struct_asym.pdbx_modified 
_struct_asym.entity_id 
_struct_asym.details 
A N N 1 ? 
B N N 1 ? 
C N N 1 ? 
D N N 1 ? 
E N N 2 ? 
F N N 3 ? 
G N N 3 ? 
H N N 4 ? 
I N N 3 ? 
J N N 3 ? 
K N N 4 ? 
L N N 2 ? 
M N N 5 ? 
N N N 5 ? 
O N N 5 ? 
P N N 5 ? 
# 
_struct_ref.id                         1 
_struct_ref.db_name                    PDB 
_struct_ref.db_code                    5SUR 
_struct_ref.pdbx_db_accession          5SUR 
_struct_ref.pdbx_db_isoform            ? 
_struct_ref.entity_id                  1 
_struct_ref.pdbx_seq_one_letter_code   ? 
_struct_ref.pdbx_align_begin           1 
# 
loop_
_struct_ref_seq.align_id 
_struct_ref_seq.ref_id 
_struct_ref_seq.pdbx_PDB_id_code 
_struct_ref_seq.pdbx_strand_id 
_struct_ref_seq.seq_align_beg 
_struct_ref_seq.pdbx_seq_align_beg_ins_code 
_struct_ref_seq.seq_align_end 
_struct_ref_seq.pdbx_seq_align_end_ins_code 
_struct_ref_seq.pdbx_db_accession 
_struct_ref_seq.db_align_beg 
_struct_ref_seq.pdbx_db_align_beg_ins_code 
_struct_ref_seq.db_align_end 
_struct_ref_seq.pdbx_db_align_end_ins_code 
_struct_ref_seq.pdbx_auth_seq_align_beg 
_struct_ref_seq.pdbx_auth_seq_align_end 
1 1 5SUR A 1 ? 16 ? 5SUR 1 ? 16 ? 1 16 
2 1 5SUR B 1 ? 16 ? 5SUR 1 ? 16 ? 1 16 
3 1 5SUR C 1 ? 16 ? 5SUR 1 ? 16 ? 1 16 
4 1 5SUR D 1 ? 16 ? 5SUR 1 ? 16 ? 1 16 
# 
loop_
_pdbx_struct_assembly.id 
_pdbx_struct_assembly.details 
_pdbx_struct_assembly.method_details 
_pdbx_struct_assembly.oligomeric_details 
_pdbx_struct_assembly.oligomeric_count 
1 software_defined_assembly PISA 24-meric    24 
2 software_defined_assembly PISA dodecameric 12 
# 
loop_
_pdbx_struct_assembly_prop.biol_id 
_pdbx_struct_assembly_prop.type 
_pdbx_struct_assembly_prop.value 
_pdbx_struct_assembly_prop.details 
1 'ABSA (A^2)' 22960 ? 
1 MORE         -337  ? 
1 'SSA (A^2)'  19730 ? 
2 'ABSA (A^2)' 10340 ? 
2 MORE         -151  ? 
2 'SSA (A^2)'  11010 ? 
# 
loop_
_pdbx_struct_assembly_gen.assembly_id 
_pdbx_struct_assembly_gen.oper_expression 
_pdbx_struct_assembly_gen.asym_id_list 
1 1,2,3,10,11,12 B,C,D,H,I,J,K,L,N,O,P 
1 4,5,6,7,8,9    A,E,F,G,M             
2 1,2,3          B,C,D,H,I,J,K,L,N,O,P 
2 7,8,9          A,E,F,G,M             
# 
loop_
_pdbx_struct_oper_list.id 
_pdbx_struct_oper_list.type 
_pdbx_struct_oper_list.name 
_pdbx_struct_oper_list.symmetry_operation 
_pdbx_struct_oper_list.matrix[1][1] 
_pdbx_struct_oper_list.matrix[1][2] 
_pdbx_struct_oper_list.matrix[1][3] 
_pdbx_struct_oper_list.vector[1] 
_pdbx_struct_oper_list.matrix[2][1] 
_pdbx_struct_oper_list.matrix[2][2] 
_pdbx_struct_oper_list.matrix[2][3] 
_pdbx_struct_oper_list.vector[2] 
_pdbx_struct_oper_list.matrix[3][1] 
_pdbx_struct_oper_list.matrix[3][2] 
_pdbx_struct_oper_list.matrix[3][3] 
_pdbx_struct_oper_list.vector[3] 
1  'identity operation'         1_555  x,y,z           1.0000000000  0.0000000000  0.0000000000  0.0000000000   0.0000000000  1.0000000000  0.0000000000  0.0000000000   0.0000000000  0.0000000000  1.0000000000  0.0000000000   
2  'crystal symmetry operation' 2_565  -y,x-y+1,z      -0.4923511556 0.0805727112  -0.8666593205 -12.7804411874 0.1330086222  0.9909763932  0.0165678780  1.5007525460   0.8601738464  -0.1071159483 -0.4986252376 19.2771591907  
3  'crystal symmetry operation' 3_455  -x+y-1,-x,z     -0.4923511556 0.1330086222  0.8601738464  -23.0737861850 0.0805727112  0.9909763932  -0.1071159483 1.6074356384   -0.8666593205 0.0165678780  -0.4986252376 -1.4890746780  
4  'crystal symmetry operation' 4_454  -x-1,-y,z-1/2   -0.9898015407 0.1423875556  -0.0043236494 0.4877947158   0.1423875556  0.9879685242  -0.0603653802 46.7194322964  -0.0043236494 -0.0603653802 -0.9981669835 -15.0781010710 
5  'crystal symmetry operation' 5_554  y,-x+y,z-1/2    0.5025496148  0.0618148444  0.8623356711  3.8112806733   0.0093789334  0.9969921311  -0.0769332582 47.6136758192  -0.8644974958 0.0467505681  0.5004582541  22.2106728837  
6  'crystal symmetry operation' 6_564  x-y,x+1,z-1/2   0.5025496148  0.0093789334  -0.8644974958 -30.0696533511 0.0618148444  0.9969921311  0.0467505681  49.5596981842  0.8623356711  -0.0769332582 0.5004582541  6.3805370663   
7  'crystal symmetry operation' 7_565  y,x+1,-z        -0.9457132622 -0.0137482435 -0.3247112741 -11.0509756849 -0.0137482435 -0.9965182251 0.0822338909  -16.7447895396 -0.3247112741 0.0822338909  0.9422314873  27.9856167003  
8  'crystal symmetry operation' 8_555  x-y,-y,-z       0.1844862369  -0.0550411103 0.9812926702  4.2124686393   -0.0550411103 -0.9974423309 -0.0455990423 -18.8743684474 0.9812926702  -0.0455990423 -0.1870439060 -6.1434040067  
9  'crystal symmetry operation' 9_455  -x-1,-x+y,-z    0.7459293364  -0.1447919796 -0.6500959220 -32.9426491841 -0.1447919796 -0.9879922303 0.0539132217  -16.0991513643 -0.6500959220 0.0539132217  -0.7579371061 -2.3893018371  
10 'crystal symmetry operation' 10_554 -y,-x,-z-1/2    0.9355148030  -0.1286393120 0.3290349235  -0.5361374008  -0.1286393120 -0.9914502991 -0.0218685107 29.3082195477  0.3290349235  -0.0218685107 -0.9440645038 14.6120996033  
11 'crystal symmetry operation' 11_454 -x+y-1,y,-z-1/2 -0.1946846962 -0.0873464453 -0.9769690208 -6.3426264951  -0.0873464453 -0.9905261933 0.1059644226  29.0428023868  -0.9769690208 0.1059644226  0.1852108895  -7.8248128351  
12 'crystal symmetry operation' 12_564 x,x-y+1,-z-1/2  -0.7561277956 0.0024044240  0.6544195714  -22.8187429235 0.0024044240  -0.9999762939 0.0064521585  30.7152868298  0.6544195714  0.0064521585  0.7561040896  8.3906484546 
# 
loop_
_struct_conn.id 
_struct_conn.conn_type_id 
_struct_conn.pdbx_leaving_atom_flag 
_struct_conn.pdbx_PDB_id 
_struct_conn.ptnr1_label_asym_id 
_struct_conn.ptnr1_label_comp_id 
_struct_conn.ptnr1_label_seq_id 
_struct_conn.ptnr1_label_atom_id 
_struct_conn.pdbx_ptnr1_label_alt_id 
_struct_conn.pdbx_ptnr1_PDB_ins_code 
_struct_conn.pdbx_ptnr1_standard_comp_id 
_struct_conn.ptnr1_symmetry 
_struct_conn.ptnr2_label_asym_id 
_struct_conn.ptnr2_label_comp_id 
_struct_conn.ptnr2_label_seq_id 
_struct_conn.ptnr2_label_atom_id 
_struct_conn.pdbx_ptnr2_label_alt_id 
_struct_conn.pdbx_ptnr2_PDB_ins_code 
_struct_conn.ptnr1_auth_asym_id 
_struct_conn.ptnr1_auth_comp_id 
_struct_conn.ptnr1_auth_seq_id 
_struct_conn.ptnr2_auth_asym_id 
_struct_conn.ptnr2_auth_comp_id 
_struct_conn.ptnr2_auth_seq_id 
_struct_conn.ptnr2_symmetry 
_struct_conn.pdbx_ptnr3_label_atom_id 
_struct_conn.pdbx_ptnr3_label_seq_id 
_struct_conn.pdbx_ptnr3_label_comp_id 
_struct_conn.pdbx_ptnr3_label_asym_id 
_struct_conn.pdbx_ptnr3_label_alt_id 
_struct_conn.pdbx_ptnr3_PDB_ins_code 
_struct_conn.details 
_struct_conn.pdbx_dist_value 
_struct_conn.pdbx_value_order 
_struct_conn.pdbx_role 
disulf1  disulf ?    ? A CYS 2  SG  ? ? ? 1_555 B CYS 6  SG ? ? A CYS 2   B CYS 6   8_555 ? ? ? ? ? ? ? 2.051 ? ? 
disulf2  disulf ?    ? A CYS 6  SG  ? ? ? 1_555 D CYS 2  SG ? ? A CYS 6   D CYS 2   7_455 ? ? ? ? ? ? ? 2.031 ? ? 
disulf3  disulf ?    ? B CYS 2  SG  ? ? ? 1_555 D CYS 6  SG ? ? B CYS 2   D CYS 6   3_455 ? ? ? ? ? ? ? 2.033 ? ? 
disulf4  disulf ?    ? C CYS 2  SG  ? ? ? 1_555 C CYS 6  SG ? ? C CYS 2   C CYS 6   2_565 ? ? ? ? ? ? ? 2.044 ? ? 
covale1  covale both ? A ORN 1  C   ? ? ? 1_555 A CYS 2  N  ? ? A ORN 1   A CYS 2   1_555 ? ? ? ? ? ? ? 1.371 ? ? 
covale2  covale both ? A ORN 1  NE  ? ? ? 1_555 A VAL 16 C  ? ? A ORN 1   A VAL 16  1_555 ? ? ? ? ? ? ? 1.372 ? ? 
covale3  covale both ? A PHE 4  C   ? ? ? 1_555 A MEA 5  N  ? ? A PHE 4   A MEA 5   1_555 ? ? ? ? ? ? ? 1.330 ? ? 
covale4  covale both ? A MEA 5  C   ? ? ? 1_555 A CYS 6  N  ? ? A MEA 5   A CYS 6   1_555 ? ? ? ? ? ? ? 1.333 ? ? 
covale5  covale both ? A ASP 8  C   ? ? ? 1_555 A ORN 9  NE ? ? A ASP 8   A ORN 9   1_555 ? ? ? ? ? ? ? 1.378 ? ? 
covale6  covale both ? A ORN 9  C   ? ? ? 1_555 A ALA 10 N  ? ? A ORN 9   A ALA 10  1_555 ? ? ? ? ? ? ? 1.370 ? ? 
covale7  covale both ? A LEU 14 C   ? ? ? 1_555 A ORN 15 N  ? ? A LEU 14  A ORN 15  1_555 ? ? ? ? ? ? ? 1.342 ? ? 
covale8  covale both ? A ORN 15 C   ? ? ? 1_555 A VAL 16 N  ? ? A ORN 15  A VAL 16  1_555 ? ? ? ? ? ? ? 1.330 ? ? 
covale9  covale both ? B ORN 1  C   ? ? ? 1_555 B CYS 2  N  ? ? B ORN 1   B CYS 2   1_555 ? ? ? ? ? ? ? 1.378 ? ? 
covale10 covale both ? B ORN 1  NE  ? ? ? 1_555 B VAL 16 C  ? ? B ORN 1   B VAL 16  1_555 ? ? ? ? ? ? ? 1.379 ? ? 
covale11 covale both ? B PHE 4  C   ? ? ? 1_555 B MEA 5  N  ? ? B PHE 4   B MEA 5   1_555 ? ? ? ? ? ? ? 1.330 ? ? 
covale12 covale both ? B MEA 5  C   ? ? ? 1_555 B CYS 6  N  ? ? B MEA 5   B CYS 6   1_555 ? ? ? ? ? ? ? 1.329 ? ? 
covale13 covale both ? B ASP 8  C   ? ? ? 1_555 B ORN 9  NE ? ? B ASP 8   B ORN 9   1_555 ? ? ? ? ? ? ? 1.381 ? ? 
covale14 covale both ? B ORN 9  C   ? ? ? 1_555 B ALA 10 N  ? ? B ORN 9   B ALA 10  1_555 ? ? ? ? ? ? ? 1.368 ? ? 
covale15 covale both ? B LEU 14 C   ? ? ? 1_555 B ORN 15 N  ? ? B LEU 14  B ORN 15  1_555 ? ? ? ? ? ? ? 1.333 ? ? 
covale16 covale both ? B ORN 15 C   ? ? ? 1_555 B VAL 16 N  ? ? B ORN 15  B VAL 16  1_555 ? ? ? ? ? ? ? 1.327 ? ? 
covale17 covale both ? C ORN 1  C   ? ? ? 1_555 C CYS 2  N  ? ? C ORN 1   C CYS 2   1_555 ? ? ? ? ? ? ? 1.371 ? ? 
covale18 covale both ? C ORN 1  NE  ? ? ? 1_555 C VAL 16 C  ? ? C ORN 1   C VAL 16  1_555 ? ? ? ? ? ? ? 1.375 ? ? 
covale19 covale both ? C PHE 4  C   ? ? ? 1_555 C MEA 5  N  ? ? C PHE 4   C MEA 5   1_555 ? ? ? ? ? ? ? 1.337 ? ? 
covale20 covale both ? C MEA 5  C   ? ? ? 1_555 C CYS 6  N  ? ? C MEA 5   C CYS 6   1_555 ? ? ? ? ? ? ? 1.329 ? ? 
covale21 covale both ? C ASP 8  C   ? ? ? 1_555 C ORN 9  NE ? ? C ASP 8   C ORN 9   1_555 ? ? ? ? ? ? ? 1.379 ? ? 
covale22 covale both ? C ORN 9  C   ? ? ? 1_555 C ALA 10 N  ? ? C ORN 9   C ALA 10  1_555 ? ? ? ? ? ? ? 1.371 ? ? 
covale23 covale both ? C LEU 14 C   ? ? ? 1_555 C ORN 15 N  ? ? C LEU 14  C ORN 15  1_555 ? ? ? ? ? ? ? 1.328 ? ? 
covale24 covale both ? C ORN 15 C   ? ? ? 1_555 C VAL 16 N  ? ? C ORN 15  C VAL 16  1_555 ? ? ? ? ? ? ? 1.325 ? ? 
covale25 covale both ? D ORN 1  C   ? ? ? 1_555 D CYS 2  N  ? ? D ORN 1   D CYS 2   1_555 ? ? ? ? ? ? ? 1.372 ? ? 
covale26 covale both ? D ORN 1  NE  ? ? ? 1_555 D VAL 16 C  ? ? D ORN 1   D VAL 16  1_555 ? ? ? ? ? ? ? 1.380 ? ? 
covale27 covale both ? D PHE 4  C   ? ? ? 1_555 D MEA 5  N  ? ? D PHE 4   D MEA 5   1_555 ? ? ? ? ? ? ? 1.332 ? ? 
covale28 covale both ? D MEA 5  C   ? ? ? 1_555 D CYS 6  N  ? ? D MEA 5   D CYS 6   1_555 ? ? ? ? ? ? ? 1.328 ? ? 
covale29 covale both ? D ASP 8  C   ? ? ? 1_555 D ORN 9  NE ? ? D ASP 8   D ORN 9   1_555 ? ? ? ? ? ? ? 1.376 ? ? 
covale30 covale both ? D ORN 9  C   ? ? ? 1_555 D ALA 10 N  ? ? D ORN 9   D ALA 10  1_555 ? ? ? ? ? ? ? 1.372 ? ? 
covale31 covale both ? D LEU 14 C   ? ? ? 1_555 D ORN 15 N  ? ? D LEU 14  D ORN 15  1_555 ? ? ? ? ? ? ? 1.336 ? ? 
covale32 covale both ? D ORN 15 C   ? ? ? 1_555 D VAL 16 N  ? ? D ORN 15  D VAL 16  1_555 ? ? ? ? ? ? ? 1.327 ? ? 
metalc1  metalc ?    ? A GLU 7  OE1 ? ? ? 1_555 L NA  .  NA ? ? A GLU 7   D NA  102 7_455 ? ? ? ? ? ? ? 2.648 ? ? 
metalc2  metalc ?    ? L NA  .  NA  ? ? ? 1_555 P HOH .  O  ? ? D NA  102 D HOH 206 1_555 ? ? ? ? ? ? ? 2.399 ? ? 
# 
loop_
_struct_conn_type.id 
_struct_conn_type.criteria 
_struct_conn_type.reference 
disulf ? ? 
covale ? ? 
metalc ? ? 
# 
_pdbx_struct_conn_angle.id                    1 
_pdbx_struct_conn_angle.ptnr1_label_atom_id   OE1 
_pdbx_struct_conn_angle.ptnr1_label_alt_id    ? 
_pdbx_struct_conn_angle.ptnr1_label_asym_id   A 
_pdbx_struct_conn_angle.ptnr1_label_comp_id   GLU 
_pdbx_struct_conn_angle.ptnr1_label_seq_id    7 
_pdbx_struct_conn_angle.ptnr1_auth_atom_id    ? 
_pdbx_struct_conn_angle.ptnr1_auth_asym_id    A 
_pdbx_struct_conn_angle.ptnr1_auth_comp_id    GLU 
_pdbx_struct_conn_angle.ptnr1_auth_seq_id     7 
_pdbx_struct_conn_angle.ptnr1_PDB_ins_code    ? 
_pdbx_struct_conn_angle.ptnr1_symmetry        1_555 
_pdbx_struct_conn_angle.ptnr2_label_atom_id   NA 
_pdbx_struct_conn_angle.ptnr2_label_alt_id    ? 
_pdbx_struct_conn_angle.ptnr2_label_asym_id   L 
_pdbx_struct_conn_angle.ptnr2_label_comp_id   NA 
_pdbx_struct_conn_angle.ptnr2_label_seq_id    . 
_pdbx_struct_conn_angle.ptnr2_auth_atom_id    ? 
_pdbx_struct_conn_angle.ptnr2_auth_asym_id    D 
_pdbx_struct_conn_angle.ptnr2_auth_comp_id    NA 
_pdbx_struct_conn_angle.ptnr2_auth_seq_id     102 
_pdbx_struct_conn_angle.ptnr2_PDB_ins_code    ? 
_pdbx_struct_conn_angle.ptnr2_symmetry        7_455 
_pdbx_struct_conn_angle.ptnr3_label_atom_id   O 
_pdbx_struct_conn_angle.ptnr3_label_alt_id    ? 
_pdbx_struct_conn_angle.ptnr3_label_asym_id   P 
_pdbx_struct_conn_angle.ptnr3_label_comp_id   HOH 
_pdbx_struct_conn_angle.ptnr3_label_seq_id    . 
_pdbx_struct_conn_angle.ptnr3_auth_atom_id    ? 
_pdbx_struct_conn_angle.ptnr3_auth_asym_id    D 
_pdbx_struct_conn_angle.ptnr3_auth_comp_id    HOH 
_pdbx_struct_conn_angle.ptnr3_auth_seq_id     206 
_pdbx_struct_conn_angle.ptnr3_PDB_ins_code    ? 
_pdbx_struct_conn_angle.ptnr3_symmetry        1_555 
_pdbx_struct_conn_angle.value                 37.6 
_pdbx_struct_conn_angle.value_esd             ? 
# 
loop_
_struct_sheet.id 
_struct_sheet.type 
_struct_sheet.number_strands 
_struct_sheet.details 
AA1 ? 2 ? 
AA2 ? 4 ? 
AA3 ? 4 ? 
AA4 ? 4 ? 
# 
loop_
_struct_sheet_order.sheet_id 
_struct_sheet_order.range_id_1 
_struct_sheet_order.range_id_2 
_struct_sheet_order.offset 
_struct_sheet_order.sense 
AA1 1 2 ? anti-parallel 
AA2 1 2 ? anti-parallel 
AA2 2 3 ? anti-parallel 
AA2 3 4 ? anti-parallel 
AA3 1 2 ? anti-parallel 
AA3 2 3 ? anti-parallel 
AA3 3 4 ? anti-parallel 
AA4 1 2 ? anti-parallel 
AA4 2 3 ? anti-parallel 
AA4 3 4 ? anti-parallel 
# 
loop_
_struct_sheet_range.sheet_id 
_struct_sheet_range.id 
_struct_sheet_range.beg_label_comp_id 
_struct_sheet_range.beg_label_asym_id 
_struct_sheet_range.beg_label_seq_id 
_struct_sheet_range.pdbx_beg_PDB_ins_code 
_struct_sheet_range.end_label_comp_id 
_struct_sheet_range.end_label_asym_id 
_struct_sheet_range.end_label_seq_id 
_struct_sheet_range.pdbx_end_PDB_ins_code 
_struct_sheet_range.beg_auth_comp_id 
_struct_sheet_range.beg_auth_asym_id 
_struct_sheet_range.beg_auth_seq_id 
_struct_sheet_range.end_auth_comp_id 
_struct_sheet_range.end_auth_asym_id 
_struct_sheet_range.end_auth_seq_id 
AA1 1 CYS A 2  ? GLU A 7  ? CYS A 2  GLU A 7  
AA1 2 ILE A 11 ? VAL A 16 ? ILE A 11 VAL A 16 
AA2 1 CYS B 2  ? GLU B 7  ? CYS B 2  GLU B 7  
AA2 2 ILE B 11 ? VAL B 16 ? ILE B 11 VAL B 16 
AA2 3 ALA D 10 ? VAL D 16 ? ALA D 10 VAL D 16 
AA2 4 CYS D 2  ? GLU D 7  ? CYS D 2  GLU D 7  
AA3 1 CYS B 2  ? GLU B 7  ? CYS B 2  GLU B 7  
AA3 2 ILE B 11 ? VAL B 16 ? ILE B 11 VAL B 16 
AA3 3 ALA C 10 ? VAL C 16 ? ALA C 10 VAL C 16 
AA3 4 CYS C 2  ? CYS C 6  ? CYS C 2  CYS C 6  
AA4 1 CYS C 2  ? CYS C 6  ? CYS C 2  CYS C 6  
AA4 2 ALA C 10 ? VAL C 16 ? ALA C 10 VAL C 16 
AA4 3 ALA D 10 ? VAL D 16 ? ALA D 10 VAL D 16 
AA4 4 CYS D 2  ? GLU D 7  ? CYS D 2  GLU D 7  
# 
loop_
_pdbx_struct_sheet_hbond.sheet_id 
_pdbx_struct_sheet_hbond.range_id_1 
_pdbx_struct_sheet_hbond.range_id_2 
_pdbx_struct_sheet_hbond.range_1_label_atom_id 
_pdbx_struct_sheet_hbond.range_1_label_comp_id 
_pdbx_struct_sheet_hbond.range_1_label_asym_id 
_pdbx_struct_sheet_hbond.range_1_label_seq_id 
_pdbx_struct_sheet_hbond.range_1_PDB_ins_code 
_pdbx_struct_sheet_hbond.range_1_auth_atom_id 
_pdbx_struct_sheet_hbond.range_1_auth_comp_id 
_pdbx_struct_sheet_hbond.range_1_auth_asym_id 
_pdbx_struct_sheet_hbond.range_1_auth_seq_id 
_pdbx_struct_sheet_hbond.range_2_label_atom_id 
_pdbx_struct_sheet_hbond.range_2_label_comp_id 
_pdbx_struct_sheet_hbond.range_2_label_asym_id 
_pdbx_struct_sheet_hbond.range_2_label_seq_id 
_pdbx_struct_sheet_hbond.range_2_PDB_ins_code 
_pdbx_struct_sheet_hbond.range_2_auth_atom_id 
_pdbx_struct_sheet_hbond.range_2_auth_comp_id 
_pdbx_struct_sheet_hbond.range_2_auth_asym_id 
_pdbx_struct_sheet_hbond.range_2_auth_seq_id 
AA1 1 2 N CYS A 2  ? N CYS A 2  O VAL A 16 ? O VAL A 16 
AA2 1 2 N CYS B 2  ? N CYS B 2  O VAL B 16 ? O VAL B 16 
AA2 2 3 N ILE B 11 ? N ILE B 11 O GLY D 13 ? O GLY D 13 
AA2 3 4 O VAL D 16 ? O VAL D 16 N CYS D 2  ? N CYS D 2  
AA3 1 2 N CYS B 2  ? N CYS B 2  O VAL B 16 ? O VAL B 16 
AA3 2 3 N GLY B 13 ? N GLY B 13 O ILE C 11 ? O ILE C 11 
AA3 3 4 O VAL C 16 ? O VAL C 16 N CYS C 2  ? N CYS C 2  
AA4 1 2 N CYS C 2  ? N CYS C 2  O VAL C 16 ? O VAL C 16 
AA4 2 3 N GLY C 13 ? N GLY C 13 O ILE D 11 ? O ILE D 11 
AA4 3 4 O VAL D 16 ? O VAL D 16 N CYS D 2  ? N CYS D 2  
# 
loop_
_struct_site.id 
_struct_site.pdbx_evidence_code 
_struct_site.pdbx_auth_asym_id 
_struct_site.pdbx_auth_comp_id 
_struct_site.pdbx_auth_seq_id 
_struct_site.pdbx_auth_ins_code 
_struct_site.pdbx_num_residues 
_struct_site.details 
AC1 Software A NA  101 ? 1 'binding site for residue NA A 101'  
AC2 Software A HEZ 103 ? 5 'binding site for residue HEZ A 103' 
AC3 Software C CL  101 ? 2 'binding site for residue CL C 101'  
AC4 Software C HEZ 102 ? 2 'binding site for residue HEZ C 102' 
AC5 Software C HEZ 103 ? 5 'binding site for residue HEZ C 103' 
AC6 Software D CL  101 ? 3 'binding site for residue CL D 101'  
AC7 Software D NA  102 ? 3 'binding site for residue NA D 102'  
# 
loop_
_struct_site_gen.id 
_struct_site_gen.site_id 
_struct_site_gen.pdbx_num_res 
_struct_site_gen.label_comp_id 
_struct_site_gen.label_asym_id 
_struct_site_gen.label_seq_id 
_struct_site_gen.pdbx_auth_ins_code 
_struct_site_gen.auth_comp_id 
_struct_site_gen.auth_asym_id 
_struct_site_gen.auth_seq_id 
_struct_site_gen.label_atom_id 
_struct_site_gen.label_alt_id 
_struct_site_gen.symmetry 
_struct_site_gen.details 
1  AC1 1 CL  K .  ? CL  D 101 . ? 7_455 ? 
2  AC2 5 GLU A 7  ? GLU A 7   . ? 3_445 ? 
3  AC2 5 ILE A 11 ? ILE A 11  . ? 3_445 ? 
4  AC2 5 GLU B 7  ? GLU B 7   . ? 8_555 ? 
5  AC2 5 ILE B 11 ? ILE B 11  . ? 8_555 ? 
6  AC2 5 NA  L .  ? NA  D 102 . ? 8_555 ? 
7  AC3 2 HEZ J .  ? HEZ C 103 . ? 2_565 ? 
8  AC3 2 GLU D 7  ? GLU D 7   . ? 1_555 ? 
9  AC4 2 ILE C 11 ? ILE C 11  . ? 1_555 ? 
10 AC4 2 HOH O .  ? HOH C 207 . ? 1_555 ? 
11 AC5 5 GLU C 7  ? GLU C 7   . ? 1_555 ? 
12 AC5 5 ILE C 11 ? ILE C 11  . ? 1_555 ? 
13 AC5 5 CL  H .  ? CL  C 101 . ? 3_455 ? 
14 AC5 5 GLU D 7  ? GLU D 7   . ? 3_455 ? 
15 AC5 5 ILE D 11 ? ILE D 11  . ? 3_455 ? 
16 AC6 3 GLU A 7  ? GLU A 7   . ? 7_565 ? 
17 AC6 3 NA  E .  ? NA  A 101 . ? 7_565 ? 
18 AC6 3 HOH N .  ? HOH B 102 . ? 7_565 ? 
19 AC7 3 GLU A 7  ? GLU A 7   . ? 7_565 ? 
20 AC7 3 HEZ G .  ? HEZ A 103 . ? 8_555 ? 
21 AC7 3 HOH P .  ? HOH D 206 . ? 1_555 ? 
# 
loop_
_pdbx_validate_symm_contact.id 
_pdbx_validate_symm_contact.PDB_model_num 
_pdbx_validate_symm_contact.auth_atom_id_1 
_pdbx_validate_symm_contact.auth_asym_id_1 
_pdbx_validate_symm_contact.auth_comp_id_1 
_pdbx_validate_symm_contact.auth_seq_id_1 
_pdbx_validate_symm_contact.PDB_ins_code_1 
_pdbx_validate_symm_contact.label_alt_id_1 
_pdbx_validate_symm_contact.site_symmetry_1 
_pdbx_validate_symm_contact.auth_atom_id_2 
_pdbx_validate_symm_contact.auth_asym_id_2 
_pdbx_validate_symm_contact.auth_comp_id_2 
_pdbx_validate_symm_contact.auth_seq_id_2 
_pdbx_validate_symm_contact.PDB_ins_code_2 
_pdbx_validate_symm_contact.label_alt_id_2 
_pdbx_validate_symm_contact.site_symmetry_2 
_pdbx_validate_symm_contact.dist 
1 1 HN3 A ORN 1   ? ? 1_555 HN3 A ORN 1   ? ? 8_555 1.15 
2 1 O   A HOH 206 ? ? 1_555 O   B HOH 114 ? ? 2_455 2.16 
# 
loop_
_pdbx_refine_tls.pdbx_refine_id 
_pdbx_refine_tls.id 
_pdbx_refine_tls.details 
_pdbx_refine_tls.method 
_pdbx_refine_tls.origin_x 
_pdbx_refine_tls.origin_y 
_pdbx_refine_tls.origin_z 
_pdbx_refine_tls.T[1][1] 
_pdbx_refine_tls.T[2][2] 
_pdbx_refine_tls.T[3][3] 
_pdbx_refine_tls.T[1][2] 
_pdbx_refine_tls.T[1][3] 
_pdbx_refine_tls.T[2][3] 
_pdbx_refine_tls.L[1][1] 
_pdbx_refine_tls.L[2][2] 
_pdbx_refine_tls.L[3][3] 
_pdbx_refine_tls.L[1][2] 
_pdbx_refine_tls.L[1][3] 
_pdbx_refine_tls.L[2][3] 
_pdbx_refine_tls.S[1][1] 
_pdbx_refine_tls.S[1][2] 
_pdbx_refine_tls.S[1][3] 
_pdbx_refine_tls.S[2][1] 
_pdbx_refine_tls.S[2][2] 
_pdbx_refine_tls.S[2][3] 
_pdbx_refine_tls.S[3][1] 
_pdbx_refine_tls.S[3][2] 
_pdbx_refine_tls.S[3][3] 
'X-RAY DIFFRACTION' 1 ? refined 2.0105  -4.7637 -14.9391 0.4075 0.3668 0.2868 -0.0085 0.0458 -0.0256 2.6900 6.8949 6.0698  0.1363  -0.0450 -6.4531 0.0686  -0.0001 0.2819  -0.6134 0.0777  0.0228  0.1589  -0.2099 -0.1601 
'X-RAY DIFFRACTION' 2 ? refined -0.5599 -2.5990 -1.5531  0.4214 0.3599 0.3948 0.0595  0.0101 -0.0246 1.1667 3.9175 12.0204 -0.4499 -0.2987 -6.5769 0.0135  0.3207  -0.2226 0.1720  0.2752  -0.0026 -0.6479 0.4210  -0.2310 
'X-RAY DIFFRACTION' 3 ? refined -3.2377 9.4838  4.0256   0.5270 0.4383 0.6506 0.0784  0.0810 -0.0565 0.3017 8.0035 10.4164 1.1723  1.6892  6.4616  -0.5395 0.2736  -0.6472 0.0760  0.4651  -0.3544 1.0963  0.9292  0.0039  
'X-RAY DIFFRACTION' 4 ? refined 0.5200  -2.0126 12.3283  0.4115 0.3248 0.4746 0.0454  0.0288 0.0433  8.0477 2.4401 8.6485  -2.4954 0.3893  0.2273  0.7161  -0.1977 0.3324  -0.2230 -0.5513 -1.0672 0.1233  0.7296  -0.0882 
# 
loop_
_pdbx_refine_tls_group.pdbx_refine_id 
_pdbx_refine_tls_group.id 
_pdbx_refine_tls_group.refine_tls_id 
_pdbx_refine_tls_group.beg_auth_asym_id 
_pdbx_refine_tls_group.beg_auth_seq_id 
_pdbx_refine_tls_group.beg_label_asym_id 
_pdbx_refine_tls_group.beg_label_seq_id 
_pdbx_refine_tls_group.end_auth_asym_id 
_pdbx_refine_tls_group.end_auth_seq_id 
_pdbx_refine_tls_group.end_label_asym_id 
_pdbx_refine_tls_group.end_label_seq_id 
_pdbx_refine_tls_group.selection 
_pdbx_refine_tls_group.selection_details 
'X-RAY DIFFRACTION' 1 1 ? ? ? ? ? ? ? ? ? 
;chain 'A' and (resid 1 through 15 )
;
'X-RAY DIFFRACTION' 2 2 ? ? ? ? ? ? ? ? ? 
;chain 'B' and (resid 1 through 15 )
;
'X-RAY DIFFRACTION' 3 3 ? ? ? ? ? ? ? ? ? 
;chain 'C' and (resid 1 through 15 )
;
'X-RAY DIFFRACTION' 4 4 ? ? ? ? ? ? ? ? ? 
;chain 'D' and (resid 1 through 15 )
;
# 
loop_
_chem_comp_atom.comp_id 
_chem_comp_atom.atom_id 
_chem_comp_atom.type_symbol 
_chem_comp_atom.pdbx_aromatic_flag 
_chem_comp_atom.pdbx_stereo_config 
_chem_comp_atom.pdbx_ordinal 
ALA N    N  N N 1   
ALA CA   C  N S 2   
ALA C    C  N N 3   
ALA O    O  N N 4   
ALA CB   C  N N 5   
ALA OXT  O  N N 6   
ALA H    H  N N 7   
ALA H2   H  N N 8   
ALA HA   H  N N 9   
ALA HB1  H  N N 10  
ALA HB2  H  N N 11  
ALA HB3  H  N N 12  
ALA HXT  H  N N 13  
ASP N    N  N N 14  
ASP CA   C  N S 15  
ASP C    C  N N 16  
ASP O    O  N N 17  
ASP CB   C  N N 18  
ASP CG   C  N N 19  
ASP OD1  O  N N 20  
ASP OD2  O  N N 21  
ASP OXT  O  N N 22  
ASP H    H  N N 23  
ASP H2   H  N N 24  
ASP HA   H  N N 25  
ASP HB2  H  N N 26  
ASP HB3  H  N N 27  
ASP HD2  H  N N 28  
ASP HXT  H  N N 29  
CL  CL   CL N N 30  
CYS N    N  N N 31  
CYS CA   C  N R 32  
CYS C    C  N N 33  
CYS O    O  N N 34  
CYS CB   C  N N 35  
CYS SG   S  N N 36  
CYS OXT  O  N N 37  
CYS H    H  N N 38  
CYS H2   H  N N 39  
CYS HA   H  N N 40  
CYS HB2  H  N N 41  
CYS HB3  H  N N 42  
CYS HG   H  N N 43  
CYS HXT  H  N N 44  
GLU N    N  N N 45  
GLU CA   C  N S 46  
GLU C    C  N N 47  
GLU O    O  N N 48  
GLU CB   C  N N 49  
GLU CG   C  N N 50  
GLU CD   C  N N 51  
GLU OE1  O  N N 52  
GLU OE2  O  N N 53  
GLU OXT  O  N N 54  
GLU H    H  N N 55  
GLU H2   H  N N 56  
GLU HA   H  N N 57  
GLU HB2  H  N N 58  
GLU HB3  H  N N 59  
GLU HG2  H  N N 60  
GLU HG3  H  N N 61  
GLU HE2  H  N N 62  
GLU HXT  H  N N 63  
GLY N    N  N N 64  
GLY CA   C  N N 65  
GLY C    C  N N 66  
GLY O    O  N N 67  
GLY OXT  O  N N 68  
GLY H    H  N N 69  
GLY H2   H  N N 70  
GLY HA2  H  N N 71  
GLY HA3  H  N N 72  
GLY HXT  H  N N 73  
HEZ O1   O  N N 74  
HEZ C1   C  N N 75  
HEZ C2   C  N N 76  
HEZ C3   C  N N 77  
HEZ C4   C  N N 78  
HEZ C5   C  N N 79  
HEZ C6   C  N N 80  
HEZ O6   O  N N 81  
HEZ HO1  H  N N 82  
HEZ H11  H  N N 83  
HEZ H12  H  N N 84  
HEZ H21  H  N N 85  
HEZ H22  H  N N 86  
HEZ H31  H  N N 87  
HEZ H32  H  N N 88  
HEZ H41  H  N N 89  
HEZ H42  H  N N 90  
HEZ H51  H  N N 91  
HEZ H52  H  N N 92  
HEZ H61  H  N N 93  
HEZ H62  H  N N 94  
HEZ HO6  H  N N 95  
HOH O    O  N N 96  
HOH H1   H  N N 97  
HOH H2   H  N N 98  
ILE N    N  N N 99  
ILE CA   C  N S 100 
ILE C    C  N N 101 
ILE O    O  N N 102 
ILE CB   C  N S 103 
ILE CG1  C  N N 104 
ILE CG2  C  N N 105 
ILE CD1  C  N N 106 
ILE OXT  O  N N 107 
ILE H    H  N N 108 
ILE H2   H  N N 109 
ILE HA   H  N N 110 
ILE HB   H  N N 111 
ILE HG12 H  N N 112 
ILE HG13 H  N N 113 
ILE HG21 H  N N 114 
ILE HG22 H  N N 115 
ILE HG23 H  N N 116 
ILE HD11 H  N N 117 
ILE HD12 H  N N 118 
ILE HD13 H  N N 119 
ILE HXT  H  N N 120 
LEU N    N  N N 121 
LEU CA   C  N S 122 
LEU C    C  N N 123 
LEU O    O  N N 124 
LEU CB   C  N N 125 
LEU CG   C  N N 126 
LEU CD1  C  N N 127 
LEU CD2  C  N N 128 
LEU OXT  O  N N 129 
LEU H    H  N N 130 
LEU H2   H  N N 131 
LEU HA   H  N N 132 
LEU HB2  H  N N 133 
LEU HB3  H  N N 134 
LEU HG   H  N N 135 
LEU HD11 H  N N 136 
LEU HD12 H  N N 137 
LEU HD13 H  N N 138 
LEU HD21 H  N N 139 
LEU HD22 H  N N 140 
LEU HD23 H  N N 141 
LEU HXT  H  N N 142 
MEA C1   C  N N 143 
MEA N    N  N N 144 
MEA CA   C  N S 145 
MEA C    C  N N 146 
MEA O    O  N N 147 
MEA CB   C  N N 148 
MEA CG   C  Y N 149 
MEA CD1  C  Y N 150 
MEA CE1  C  Y N 151 
MEA CZ   C  Y N 152 
MEA CE2  C  Y N 153 
MEA CD2  C  Y N 154 
MEA OXT  O  N N 155 
MEA HC1  H  N N 156 
MEA HC2  H  N N 157 
MEA HC3  H  N N 158 
MEA H    H  N N 159 
MEA HA   H  N N 160 
MEA HB1  H  N N 161 
MEA HB2  H  N N 162 
MEA HD1  H  N N 163 
MEA HE1  H  N N 164 
MEA HZ   H  N N 165 
MEA HE2  H  N N 166 
MEA HD2  H  N N 167 
MEA HXT  H  N N 168 
NA  NA   NA N N 169 
ORN N    N  N N 170 
ORN CA   C  N S 171 
ORN CB   C  N N 172 
ORN CG   C  N N 173 
ORN CD   C  N N 174 
ORN NE   N  N N 175 
ORN C    C  N N 176 
ORN O    O  N N 177 
ORN OXT  O  N N 178 
ORN H    H  N N 179 
ORN H2   H  N N 180 
ORN HA   H  N N 181 
ORN HB2  H  N N 182 
ORN HB3  H  N N 183 
ORN HG2  H  N N 184 
ORN HG3  H  N N 185 
ORN HD2  H  N N 186 
ORN HD3  H  N N 187 
ORN HE1  H  N N 188 
ORN HE2  H  N N 189 
ORN HXT  H  N N 190 
PHE N    N  N N 191 
PHE CA   C  N S 192 
PHE C    C  N N 193 
PHE O    O  N N 194 
PHE CB   C  N N 195 
PHE CG   C  Y N 196 
PHE CD1  C  Y N 197 
PHE CD2  C  Y N 198 
PHE CE1  C  Y N 199 
PHE CE2  C  Y N 200 
PHE CZ   C  Y N 201 
PHE OXT  O  N N 202 
PHE H    H  N N 203 
PHE H2   H  N N 204 
PHE HA   H  N N 205 
PHE HB2  H  N N 206 
PHE HB3  H  N N 207 
PHE HD1  H  N N 208 
PHE HD2  H  N N 209 
PHE HE1  H  N N 210 
PHE HE2  H  N N 211 
PHE HZ   H  N N 212 
PHE HXT  H  N N 213 
VAL N    N  N N 214 
VAL CA   C  N S 215 
VAL C    C  N N 216 
VAL O    O  N N 217 
VAL CB   C  N N 218 
VAL CG1  C  N N 219 
VAL CG2  C  N N 220 
VAL OXT  O  N N 221 
VAL H    H  N N 222 
VAL H2   H  N N 223 
VAL HA   H  N N 224 
VAL HB   H  N N 225 
VAL HG11 H  N N 226 
VAL HG12 H  N N 227 
VAL HG13 H  N N 228 
VAL HG21 H  N N 229 
VAL HG22 H  N N 230 
VAL HG23 H  N N 231 
VAL HXT  H  N N 232 
# 
loop_
_chem_comp_bond.comp_id 
_chem_comp_bond.atom_id_1 
_chem_comp_bond.atom_id_2 
_chem_comp_bond.value_order 
_chem_comp_bond.pdbx_aromatic_flag 
_chem_comp_bond.pdbx_stereo_config 
_chem_comp_bond.pdbx_ordinal 
ALA N   CA   sing N N 1   
ALA N   H    sing N N 2   
ALA N   H2   sing N N 3   
ALA CA  C    sing N N 4   
ALA CA  CB   sing N N 5   
ALA CA  HA   sing N N 6   
ALA C   O    doub N N 7   
ALA C   OXT  sing N N 8   
ALA CB  HB1  sing N N 9   
ALA CB  HB2  sing N N 10  
ALA CB  HB3  sing N N 11  
ALA OXT HXT  sing N N 12  
ASP N   CA   sing N N 13  
ASP N   H    sing N N 14  
ASP N   H2   sing N N 15  
ASP CA  C    sing N N 16  
ASP CA  CB   sing N N 17  
ASP CA  HA   sing N N 18  
ASP C   O    doub N N 19  
ASP C   OXT  sing N N 20  
ASP CB  CG   sing N N 21  
ASP CB  HB2  sing N N 22  
ASP CB  HB3  sing N N 23  
ASP CG  OD1  doub N N 24  
ASP CG  OD2  sing N N 25  
ASP OD2 HD2  sing N N 26  
ASP OXT HXT  sing N N 27  
CYS N   CA   sing N N 28  
CYS N   H    sing N N 29  
CYS N   H2   sing N N 30  
CYS CA  C    sing N N 31  
CYS CA  CB   sing N N 32  
CYS CA  HA   sing N N 33  
CYS C   O    doub N N 34  
CYS C   OXT  sing N N 35  
CYS CB  SG   sing N N 36  
CYS CB  HB2  sing N N 37  
CYS CB  HB3  sing N N 38  
CYS SG  HG   sing N N 39  
CYS OXT HXT  sing N N 40  
GLU N   CA   sing N N 41  
GLU N   H    sing N N 42  
GLU N   H2   sing N N 43  
GLU CA  C    sing N N 44  
GLU CA  CB   sing N N 45  
GLU CA  HA   sing N N 46  
GLU C   O    doub N N 47  
GLU C   OXT  sing N N 48  
GLU CB  CG   sing N N 49  
GLU CB  HB2  sing N N 50  
GLU CB  HB3  sing N N 51  
GLU CG  CD   sing N N 52  
GLU CG  HG2  sing N N 53  
GLU CG  HG3  sing N N 54  
GLU CD  OE1  doub N N 55  
GLU CD  OE2  sing N N 56  
GLU OE2 HE2  sing N N 57  
GLU OXT HXT  sing N N 58  
GLY N   CA   sing N N 59  
GLY N   H    sing N N 60  
GLY N   H2   sing N N 61  
GLY CA  C    sing N N 62  
GLY CA  HA2  sing N N 63  
GLY CA  HA3  sing N N 64  
GLY C   O    doub N N 65  
GLY C   OXT  sing N N 66  
GLY OXT HXT  sing N N 67  
HEZ O1  C1   sing N N 68  
HEZ O1  HO1  sing N N 69  
HEZ C1  C2   sing N N 70  
HEZ C1  H11  sing N N 71  
HEZ C1  H12  sing N N 72  
HEZ C2  C3   sing N N 73  
HEZ C2  H21  sing N N 74  
HEZ C2  H22  sing N N 75  
HEZ C3  C4   sing N N 76  
HEZ C3  H31  sing N N 77  
HEZ C3  H32  sing N N 78  
HEZ C4  C5   sing N N 79  
HEZ C4  H41  sing N N 80  
HEZ C4  H42  sing N N 81  
HEZ C5  C6   sing N N 82  
HEZ C5  H51  sing N N 83  
HEZ C5  H52  sing N N 84  
HEZ C6  O6   sing N N 85  
HEZ C6  H61  sing N N 86  
HEZ C6  H62  sing N N 87  
HEZ O6  HO6  sing N N 88  
HOH O   H1   sing N N 89  
HOH O   H2   sing N N 90  
ILE N   CA   sing N N 91  
ILE N   H    sing N N 92  
ILE N   H2   sing N N 93  
ILE CA  C    sing N N 94  
ILE CA  CB   sing N N 95  
ILE CA  HA   sing N N 96  
ILE C   O    doub N N 97  
ILE C   OXT  sing N N 98  
ILE CB  CG1  sing N N 99  
ILE CB  CG2  sing N N 100 
ILE CB  HB   sing N N 101 
ILE CG1 CD1  sing N N 102 
ILE CG1 HG12 sing N N 103 
ILE CG1 HG13 sing N N 104 
ILE CG2 HG21 sing N N 105 
ILE CG2 HG22 sing N N 106 
ILE CG2 HG23 sing N N 107 
ILE CD1 HD11 sing N N 108 
ILE CD1 HD12 sing N N 109 
ILE CD1 HD13 sing N N 110 
ILE OXT HXT  sing N N 111 
LEU N   CA   sing N N 112 
LEU N   H    sing N N 113 
LEU N   H2   sing N N 114 
LEU CA  C    sing N N 115 
LEU CA  CB   sing N N 116 
LEU CA  HA   sing N N 117 
LEU C   O    doub N N 118 
LEU C   OXT  sing N N 119 
LEU CB  CG   sing N N 120 
LEU CB  HB2  sing N N 121 
LEU CB  HB3  sing N N 122 
LEU CG  CD1  sing N N 123 
LEU CG  CD2  sing N N 124 
LEU CG  HG   sing N N 125 
LEU CD1 HD11 sing N N 126 
LEU CD1 HD12 sing N N 127 
LEU CD1 HD13 sing N N 128 
LEU CD2 HD21 sing N N 129 
LEU CD2 HD22 sing N N 130 
LEU CD2 HD23 sing N N 131 
LEU OXT HXT  sing N N 132 
MEA C1  N    sing N N 133 
MEA C1  HC1  sing N N 134 
MEA C1  HC2  sing N N 135 
MEA C1  HC3  sing N N 136 
MEA N   CA   sing N N 137 
MEA N   H    sing N N 138 
MEA CA  C    sing N N 139 
MEA CA  CB   sing N N 140 
MEA CA  HA   sing N N 141 
MEA C   O    doub N N 142 
MEA C   OXT  sing N N 143 
MEA CB  CG   sing N N 144 
MEA CB  HB1  sing N N 145 
MEA CB  HB2  sing N N 146 
MEA CG  CD1  doub Y N 147 
MEA CG  CD2  sing Y N 148 
MEA CD1 CE1  sing Y N 149 
MEA CD1 HD1  sing N N 150 
MEA CE1 CZ   doub Y N 151 
MEA CE1 HE1  sing N N 152 
MEA CZ  CE2  sing Y N 153 
MEA CZ  HZ   sing N N 154 
MEA CE2 CD2  doub Y N 155 
MEA CE2 HE2  sing N N 156 
MEA CD2 HD2  sing N N 157 
MEA OXT HXT  sing N N 158 
ORN N   CA   sing N N 159 
ORN N   H    sing N N 160 
ORN N   H2   sing N N 161 
ORN CA  CB   sing N N 162 
ORN CA  C    sing N N 163 
ORN CA  HA   sing N N 164 
ORN CB  CG   sing N N 165 
ORN CB  HB2  sing N N 166 
ORN CB  HB3  sing N N 167 
ORN CG  CD   sing N N 168 
ORN CG  HG2  sing N N 169 
ORN CG  HG3  sing N N 170 
ORN CD  NE   sing N N 171 
ORN CD  HD2  sing N N 172 
ORN CD  HD3  sing N N 173 
ORN NE  HE1  sing N N 174 
ORN NE  HE2  sing N N 175 
ORN C   O    doub N N 176 
ORN C   OXT  sing N N 177 
ORN OXT HXT  sing N N 178 
PHE N   CA   sing N N 179 
PHE N   H    sing N N 180 
PHE N   H2   sing N N 181 
PHE CA  C    sing N N 182 
PHE CA  CB   sing N N 183 
PHE CA  HA   sing N N 184 
PHE C   O    doub N N 185 
PHE C   OXT  sing N N 186 
PHE CB  CG   sing N N 187 
PHE CB  HB2  sing N N 188 
PHE CB  HB3  sing N N 189 
PHE CG  CD1  doub Y N 190 
PHE CG  CD2  sing Y N 191 
PHE CD1 CE1  sing Y N 192 
PHE CD1 HD1  sing N N 193 
PHE CD2 CE2  doub Y N 194 
PHE CD2 HD2  sing N N 195 
PHE CE1 CZ   doub Y N 196 
PHE CE1 HE1  sing N N 197 
PHE CE2 CZ   sing Y N 198 
PHE CE2 HE2  sing N N 199 
PHE CZ  HZ   sing N N 200 
PHE OXT HXT  sing N N 201 
VAL N   CA   sing N N 202 
VAL N   H    sing N N 203 
VAL N   H2   sing N N 204 
VAL CA  C    sing N N 205 
VAL CA  CB   sing N N 206 
VAL CA  HA   sing N N 207 
VAL C   O    doub N N 208 
VAL C   OXT  sing N N 209 
VAL CB  CG1  sing N N 210 
VAL CB  CG2  sing N N 211 
VAL CB  HB   sing N N 212 
VAL CG1 HG11 sing N N 213 
VAL CG1 HG12 sing N N 214 
VAL CG1 HG13 sing N N 215 
VAL CG2 HG21 sing N N 216 
VAL CG2 HG22 sing N N 217 
VAL CG2 HG23 sing N N 218 
VAL OXT HXT  sing N N 219 
# 
_pdbx_audit_support.funding_organization   
'National Institutes of Health/National Institute of General Medical Sciences (NIH/NIGMS)' 
_pdbx_audit_support.country                'United States' 
_pdbx_audit_support.grant_number           GM097562 
_pdbx_audit_support.ordinal                1 
# 
_pdbx_initial_refinement_model.id               1 
_pdbx_initial_refinement_model.entity_id_list   ? 
_pdbx_initial_refinement_model.type             'experimental model' 
_pdbx_initial_refinement_model.source_name      PDB 
_pdbx_initial_refinement_model.accession_code   5SUS 
_pdbx_initial_refinement_model.details          ? 
# 
_atom_sites.entry_id                    5SUR 
_atom_sites.fract_transf_matrix[1][1]   0.00702440 
_atom_sites.fract_transf_matrix[1][2]   0.00006925 
_atom_sites.fract_transf_matrix[1][3]   0.01884960 
_atom_sites.fract_transf_matrix[2][1]   -0.01276467 
_atom_sites.fract_transf_matrix[2][2]   0.00138449 
_atom_sites.fract_transf_matrix[2][3]   0.01548547 
_atom_sites.fract_transf_matrix[3][1]   -0.00075851 
_atom_sites.fract_transf_matrix[3][2]   -0.01059000 
_atom_sites.fract_transf_matrix[3][3]   0.00032157 
_atom_sites.fract_transf_vector[1]      -0.361214 
_atom_sites.fract_transf_vector[2]      0.087518 
_atom_sites.fract_transf_vector[3]      -0.097354 
# 
loop_
_atom_type.symbol 
C  
CL 
H  
N  
NA 
O  
S  
# 
loop_
_atom_site.group_PDB 
_atom_site.id 
_atom_site.type_symbol 
_atom_site.label_atom_id 
_atom_site.label_alt_id 
_atom_site.label_comp_id 
_atom_site.label_asym_id 
_atom_site.label_entity_id 
_atom_site.label_seq_id 
_atom_site.pdbx_PDB_ins_code 
_atom_site.Cartn_x 
_atom_site.Cartn_y 
_atom_site.Cartn_z 
_atom_site.occupancy 
_atom_site.B_iso_or_equiv 
_atom_site.pdbx_formal_charge 
_atom_site.auth_seq_id 
_atom_site.auth_comp_id 
_atom_site.auth_asym_id 
_atom_site.auth_atom_id 
_atom_site.pdbx_PDB_model_num 
HETATM 1    N  N    . ORN A 1 1  ? 5.112   -8.337  -1.893  1.00 32.50  ? 1   ORN A N    1 
HETATM 2    C  CA   . ORN A 1 1  ? 4.550   -7.815  -3.105  1.00 33.07  ? 1   ORN A CA   1 
HETATM 3    C  CB   . ORN A 1 1  ? 5.536   -6.827  -3.713  1.00 31.81  ? 1   ORN A CB   1 
HETATM 4    C  CG   . ORN A 1 1  ? 5.745   -5.604  -2.833  1.00 33.99  ? 1   ORN A CG   1 
HETATM 5    C  CD   . ORN A 1 1  ? 4.486   -4.736  -2.803  1.00 38.45  ? 1   ORN A CD   1 
HETATM 6    N  NE   . ORN A 1 1  ? 4.189   -4.284  -4.154  1.00 32.99  ? 1   ORN A NE   1 
HETATM 7    C  C    . ORN A 1 1  ? 4.295   -8.945  -4.117  1.00 37.60  ? 1   ORN A C    1 
HETATM 8    O  O    . ORN A 1 1  ? 4.786   -10.079 -3.983  1.00 37.70  ? 1   ORN A O    1 
HETATM 9    H  H2   . ORN A 1 1  ? 5.083   -7.672  -1.115  1.00 39.00  ? 1   ORN A H2   1 
HETATM 10   H  H    . ORN A 1 1  ? 6.095   -8.604  -1.984  1.00 39.00  ? 1   ORN A H    1 
HETATM 11   H  HA   . ORN A 1 1  ? 3.590   -7.366  -2.837  1.00 39.68  ? 1   ORN A HA   1 
HETATM 12   H  HB2  . ORN A 1 1  ? 5.156   -6.485  -4.685  1.00 38.17  ? 1   ORN A HB2  1 
HETATM 13   H  HB3  . ORN A 1 1  ? 6.506   -7.329  -3.831  1.00 38.17  ? 1   ORN A HB3  1 
HETATM 14   H  HG2  . ORN A 1 1  ? 6.578   -5.012  -3.229  1.00 40.79  ? 1   ORN A HG2  1 
HETATM 15   H  HG3  . ORN A 1 1  ? 5.987   -5.929  -1.815  1.00 40.79  ? 1   ORN A HG3  1 
HETATM 16   H  HD2  . ORN A 1 1  ? 3.647   -5.327  -2.423  1.00 46.14  ? 1   ORN A HD2  1 
HETATM 17   H  HD3  . ORN A 1 1  ? 4.671   -3.862  -2.172  1.00 46.14  ? 1   ORN A HD3  1 
HETATM 18   H  HE1  . ORN A 1 1  ? 4.697   -3.454  -4.451  1.00 39.58  ? 1   ORN A HE1  1 
HETATM 19   H  HN3  . ORN A 1 1  ? 4.633   -9.174  -1.552  1.00 39.00  ? 1   ORN A HN3  1 
ATOM   20   N  N    . CYS A 1 2  ? 3.501   -8.583  -5.174  1.00 33.69  ? 2   CYS A N    1 
ATOM   21   C  CA   . CYS A 1 2  ? 3.201   -9.489  -6.271  1.00 32.39  ? 2   CYS A CA   1 
ATOM   22   C  C    . CYS A 1 2  ? 3.626   -8.776  -7.551  1.00 34.90  ? 2   CYS A C    1 
ATOM   23   O  O    . CYS A 1 2  ? 3.721   -7.553  -7.591  1.00 37.05  ? 2   CYS A O    1 
ATOM   24   C  CB   . CYS A 1 2  ? 1.726   -9.864  -6.336  1.00 37.40  ? 2   CYS A CB   1 
ATOM   25   S  SG   . CYS A 1 2  ? 1.126   -10.977 -5.030  1.00 38.65  ? 2   CYS A SG   1 
ATOM   26   H  H    . CYS A 1 2  ? 3.184   -7.791  -5.287  1.00 40.43  ? 2   CYS A H    1 
ATOM   27   H  HA   . CYS A 1 2  ? 3.725   -10.300 -6.177  1.00 38.86  ? 2   CYS A HA   1 
ATOM   28   H  HB2  . CYS A 1 2  ? 1.202   -9.050  -6.285  1.00 44.88  ? 2   CYS A HB2  1 
ATOM   29   H  HB3  . CYS A 1 2  ? 1.560   -10.300 -7.186  1.00 44.88  ? 2   CYS A HB3  1 
ATOM   30   N  N    . VAL A 1 3  ? 3.899   -9.543  -8.596  1.00 34.34  ? 3   VAL A N    1 
ATOM   31   C  CA   . VAL A 1 3  ? 4.212   -8.982  -9.901  1.00 38.65  ? 3   VAL A CA   1 
ATOM   32   C  C    . VAL A 1 3  ? 2.944   -9.052  -10.738 1.00 36.65  ? 3   VAL A C    1 
ATOM   33   O  O    . VAL A 1 3  ? 2.349   -10.124 -10.885 1.00 36.24  ? 3   VAL A O    1 
ATOM   34   C  CB   . VAL A 1 3  ? 5.377   -9.730  -10.563 1.00 44.60  ? 3   VAL A CB   1 
ATOM   35   C  CG1  . VAL A 1 3  ? 5.682   -9.146  -11.942 1.00 47.37  ? 3   VAL A CG1  1 
ATOM   36   C  CG2  . VAL A 1 3  ? 6.601   -9.665  -9.662  1.00 40.82  ? 3   VAL A CG2  1 
ATOM   37   H  H    . VAL A 1 3  ? 3.908   -10.402 -8.574  1.00 41.21  ? 3   VAL A H    1 
ATOM   38   H  HA   . VAL A 1 3  ? 4.463   -8.051  -9.800  1.00 46.38  ? 3   VAL A HA   1 
ATOM   39   H  HB   . VAL A 1 3  ? 5.133   -10.662 -10.676 1.00 53.52  ? 3   VAL A HB   1 
ATOM   40   H  HG11 . VAL A 1 3  ? 6.419   -9.637  -12.335 1.00 56.84  ? 3   VAL A HG11 1 
ATOM   41   H  HG12 . VAL A 1 3  ? 4.893   -9.229  -12.500 1.00 56.84  ? 3   VAL A HG12 1 
ATOM   42   H  HG13 . VAL A 1 3  ? 5.921   -8.211  -11.842 1.00 56.84  ? 3   VAL A HG13 1 
ATOM   43   H  HG21 . VAL A 1 3  ? 7.331   -10.140 -10.089 1.00 48.98  ? 3   VAL A HG21 1 
ATOM   44   H  HG22 . VAL A 1 3  ? 6.844   -8.736  -9.527  1.00 48.98  ? 3   VAL A HG22 1 
ATOM   45   H  HG23 . VAL A 1 3  ? 6.389   -10.080 -8.811  1.00 48.98  ? 3   VAL A HG23 1 
ATOM   46   N  N    . PHE A 1 4  ? 2.528   -7.906  -11.271 1.00 42.87  ? 4   PHE A N    1 
ATOM   47   C  CA   . PHE A 1 4  ? 1.388   -7.838  -12.174 1.00 39.38  ? 4   PHE A CA   1 
ATOM   48   C  C    . PHE A 1 4  ? 1.841   -7.473  -13.584 1.00 37.08  ? 4   PHE A C    1 
ATOM   49   O  O    . PHE A 1 4  ? 2.793   -6.719  -13.723 1.00 36.03  ? 4   PHE A O    1 
ATOM   50   C  CB   . PHE A 1 4  ? 0.381   -6.801  -11.698 1.00 43.27  ? 4   PHE A CB   1 
ATOM   51   C  CG   . PHE A 1 4  ? -0.353  -7.199  -10.457 1.00 50.36  ? 4   PHE A CG   1 
ATOM   52   C  CD1  . PHE A 1 4  ? 0.177   -6.928  -9.211  1.00 41.85  ? 4   PHE A CD1  1 
ATOM   53   C  CD2  . PHE A 1 4  ? -1.571  -7.844  -10.540 1.00 83.79  ? 4   PHE A CD2  1 
ATOM   54   C  CE1  . PHE A 1 4  ? -0.505  -7.296  -8.067  1.00 61.92  ? 4   PHE A CE1  1 
ATOM   55   C  CE2  . PHE A 1 4  ? -2.254  -8.213  -9.403  1.00 106.76 ? 4   PHE A CE2  1 
ATOM   56   C  CZ   . PHE A 1 4  ? -1.719  -7.940  -8.165  1.00 86.92  ? 4   PHE A CZ   1 
ATOM   57   H  H    . PHE A 1 4  ? 2.896   -7.143  -11.121 1.00 51.44  ? 4   PHE A H    1 
ATOM   58   H  HA   . PHE A 1 4  ? 0.949   -8.702  -12.206 1.00 47.26  ? 4   PHE A HA   1 
ATOM   59   H  HB2  . PHE A 1 4  ? 0.849   -5.973  -11.514 1.00 51.93  ? 4   PHE A HB2  1 
ATOM   60   H  HB3  . PHE A 1 4  ? -0.275  -6.660  -12.399 1.00 51.93  ? 4   PHE A HB3  1 
ATOM   61   H  HD1  . PHE A 1 4  ? 0.997   -6.494  -9.141  1.00 50.22  ? 4   PHE A HD1  1 
ATOM   62   H  HD2  . PHE A 1 4  ? -1.936  -8.032  -11.375 1.00 100.55 ? 4   PHE A HD2  1 
ATOM   63   H  HE1  . PHE A 1 4  ? -0.143  -7.111  -7.230  1.00 74.30  ? 4   PHE A HE1  1 
ATOM   64   H  HE2  . PHE A 1 4  ? -3.073  -8.648  -9.472  1.00 128.11 ? 4   PHE A HE2  1 
ATOM   65   H  HZ   . PHE A 1 4  ? -2.177  -8.187  -7.395  1.00 104.31 ? 4   PHE A HZ   1 
HETATM 66   C  C1   . MEA A 1 5  ? -0.035  -8.738  -14.553 1.00 42.30  ? 5   MEA A C1   1 
HETATM 67   N  N    . MEA A 1 5  ? 1.170   -7.980  -14.615 1.00 36.31  ? 5   MEA A N    1 
HETATM 68   C  CA   . MEA A 1 5  ? 1.546   -7.618  -15.986 1.00 35.33  ? 5   MEA A CA   1 
HETATM 69   C  C    . MEA A 1 5  ? 0.452   -6.714  -16.641 1.00 33.06  ? 5   MEA A C    1 
HETATM 70   O  O    . MEA A 1 5  ? -0.596  -7.219  -17.092 1.00 39.54  ? 5   MEA A O    1 
HETATM 71   C  CB   . MEA A 1 5  ? 1.818   -8.782  -16.839 1.00 42.81  ? 5   MEA A CB   1 
HETATM 72   C  CG   . MEA A 1 5  ? 3.016   -9.548  -16.254 1.00 68.15  ? 5   MEA A CG   1 
HETATM 73   C  CD1  . MEA A 1 5  ? 2.829   -10.712 -15.518 1.00 101.76 ? 5   MEA A CD1  1 
HETATM 74   C  CE1  . MEA A 1 5  ? 3.932   -11.383 -14.995 1.00 112.16 ? 5   MEA A CE1  1 
HETATM 75   C  CZ   . MEA A 1 5  ? 5.219   -10.886 -15.211 1.00 91.26  ? 5   MEA A CZ   1 
HETATM 76   C  CE2  . MEA A 1 5  ? 5.407   -9.714  -15.951 1.00 68.61  ? 5   MEA A CE2  1 
HETATM 77   C  CD2  . MEA A 1 5  ? 4.318   -9.048  -16.473 1.00 51.06  ? 5   MEA A CD2  1 
HETATM 78   H  HC1  . MEA A 1 5  ? -0.816  -8.122  -14.586 1.00 50.76  ? 5   MEA A HC1  1 
HETATM 79   H  HC2  . MEA A 1 5  ? -0.073  -9.356  -15.317 1.00 50.76  ? 5   MEA A HC2  1 
HETATM 80   H  HC3  . MEA A 1 5  ? -0.059  -9.258  -13.702 1.00 50.76  ? 5   MEA A HC3  1 
HETATM 81   H  HA   . MEA A 1 5  ? 2.380   -7.086  -15.935 1.00 42.40  ? 5   MEA A HA   1 
HETATM 82   H  HB1  . MEA A 1 5  ? 2.034   -8.479  -17.751 1.00 51.38  ? 5   MEA A HB1  1 
HETATM 83   H  HB2  . MEA A 1 5  ? 1.025   -9.369  -16.864 1.00 51.38  ? 5   MEA A HB2  1 
HETATM 84   H  HD1  . MEA A 1 5  ? 1.933   -11.056 -15.368 1.00 122.11 ? 5   MEA A HD1  1 
HETATM 85   H  HE1  . MEA A 1 5  ? 3.806   -12.209 -14.473 1.00 134.59 ? 5   MEA A HE1  1 
HETATM 86   H  HZ   . MEA A 1 5  ? 6.005   -11.368 -14.839 1.00 109.51 ? 5   MEA A HZ   1 
HETATM 87   H  HE2  . MEA A 1 5  ? 6.295   -9.375  -16.100 1.00 82.33  ? 5   MEA A HE2  1 
HETATM 88   H  HD2  . MEA A 1 5  ? 4.667   -8.264  -16.947 1.00 61.27  ? 5   MEA A HD2  1 
ATOM   89   N  N    . CYS A 1 6  ? 0.726   -5.412  -16.731 1.00 37.63  ? 6   CYS A N    1 
ATOM   90   C  CA   . CYS A 1 6  ? -0.291  -4.454  -17.159 1.00 37.15  ? 6   CYS A CA   1 
ATOM   91   C  C    . CYS A 1 6  ? 0.177   -3.510  -18.246 1.00 36.48  ? 6   CYS A C    1 
ATOM   92   O  O    . CYS A 1 6  ? 1.367   -3.237  -18.388 1.00 38.29  ? 6   CYS A O    1 
ATOM   93   C  CB   . CYS A 1 6  ? -0.762  -3.642  -15.952 1.00 39.64  ? 6   CYS A CB   1 
ATOM   94   S  SG   . CYS A 1 6  ? -1.120  -4.660  -14.501 1.00 46.19  ? 6   CYS A SG   1 
ATOM   95   H  H    . CYS A 1 6  ? 1.489   -5.060  -16.550 1.00 45.16  ? 6   CYS A H    1 
ATOM   96   H  HA   . CYS A 1 6  ? -1.055  -4.944  -17.503 1.00 44.58  ? 6   CYS A HA   1 
ATOM   97   H  HB2  . CYS A 1 6  ? -0.068  -3.009  -15.708 1.00 47.57  ? 6   CYS A HB2  1 
ATOM   98   H  HB3  . CYS A 1 6  ? -1.574  -3.167  -16.189 1.00 47.57  ? 6   CYS A HB3  1 
ATOM   99   N  N    . GLU A 1 7  ? -0.772  -3.005  -19.019 1.00 33.93  ? 7   GLU A N    1 
ATOM   100  C  CA   . GLU A 1 7  ? -0.474  -2.078  -20.094 1.00 39.41  ? 7   GLU A CA   1 
ATOM   101  C  C    . GLU A 1 7  ? -1.410  -0.886  -20.012 1.00 61.83  ? 7   GLU A C    1 
ATOM   102  O  O    . GLU A 1 7  ? -2.565  -1.010  -19.592 1.00 54.83  ? 7   GLU A O    1 
ATOM   103  C  CB   . GLU A 1 7  ? -0.603  -2.748  -21.471 1.00 57.14  ? 7   GLU A CB   1 
ATOM   104  C  CG   . GLU A 1 7  ? -1.897  -3.523  -21.678 1.00 64.35  ? 7   GLU A CG   1 
ATOM   105  C  CD   . GLU A 1 7  ? -3.037  -2.669  -22.194 1.00 72.34  ? 7   GLU A CD   1 
ATOM   106  O  OE1  . GLU A 1 7  ? -4.199  -3.065  -21.979 1.00 58.98  ? 7   GLU A OE1  1 
ATOM   107  O  OE2  . GLU A 1 7  ? -2.777  -1.619  -22.822 1.00 69.87  ? 7   GLU A OE2  1 
ATOM   108  H  H    . GLU A 1 7  ? -1.609  -3.188  -18.939 1.00 40.71  ? 7   GLU A H    1 
ATOM   109  H  HA   . GLU A 1 7  ? 0.436   -1.757  -19.996 1.00 47.29  ? 7   GLU A HA   1 
ATOM   110  H  HB2  . GLU A 1 7  ? -0.560  -2.061  -22.155 1.00 68.57  ? 7   GLU A HB2  1 
ATOM   111  H  HB3  . GLU A 1 7  ? 0.133   -3.368  -21.584 1.00 68.57  ? 7   GLU A HB3  1 
ATOM   112  H  HG2  . GLU A 1 7  ? -1.739  -4.230  -22.322 1.00 77.22  ? 7   GLU A HG2  1 
ATOM   113  H  HG3  . GLU A 1 7  ? -2.172  -3.905  -20.830 1.00 77.22  ? 7   GLU A HG3  1 
ATOM   114  N  N    . ASP A 1 8  ? -0.893  0.268   -20.420 1.00 58.60  ? 8   ASP A N    1 
ATOM   115  C  CA   . ASP A 1 8  ? -1.684  1.491   -20.468 1.00 76.28  ? 8   ASP A CA   1 
ATOM   116  C  C    . ASP A 1 8  ? -1.454  2.205   -21.797 1.00 79.28  ? 8   ASP A C    1 
ATOM   117  O  O    . ASP A 1 8  ? -0.825  3.262   -21.843 1.00 103.25 ? 8   ASP A O    1 
ATOM   118  C  CB   . ASP A 1 8  ? -1.331  2.406   -19.293 1.00 99.12  ? 8   ASP A CB   1 
ATOM   119  C  CG   . ASP A 1 8  ? -2.468  3.329   -18.911 1.00 119.11 ? 8   ASP A CG   1 
ATOM   120  O  OD1  . ASP A 1 8  ? -3.223  3.749   -19.814 1.00 138.28 ? 8   ASP A OD1  1 
ATOM   121  O  OD2  . ASP A 1 8  ? -2.612  3.631   -17.707 1.00 121.83 ? 8   ASP A OD2  1 
ATOM   122  H  H    . ASP A 1 8  ? -0.078  0.369   -20.676 1.00 70.32  ? 8   ASP A H    1 
ATOM   123  H  HA   . ASP A 1 8  ? -2.625  1.264   -20.405 1.00 91.54  ? 8   ASP A HA   1 
ATOM   124  H  HB2  . ASP A 1 8  ? -1.115  1.860   -18.521 1.00 118.95 ? 8   ASP A HB2  1 
ATOM   125  H  HB3  . ASP A 1 8  ? -0.568  2.954   -19.537 1.00 118.95 ? 8   ASP A HB3  1 
HETATM 126  N  N    . ORN A 1 9  ? 0.619   -0.214  -26.959 1.00 71.58  ? 9   ORN A N    1 
HETATM 127  C  CA   . ORN A 1 9  ? 1.193   0.193   -25.632 1.00 60.29  ? 9   ORN A CA   1 
HETATM 128  C  CB   . ORN A 1 9  ? 0.070   0.465   -24.618 1.00 47.51  ? 9   ORN A CB   1 
HETATM 129  C  CG   . ORN A 1 9  ? -1.116  1.243   -25.220 1.00 64.45  ? 9   ORN A CG   1 
HETATM 130  C  CD   . ORN A 1 9  ? -1.820  2.183   -24.232 1.00 81.28  ? 9   ORN A CD   1 
HETATM 131  N  NE   . ORN A 1 9  ? -1.968  1.588   -22.916 1.00 79.89  ? 9   ORN A NE   1 
HETATM 132  C  C    . ORN A 1 9  ? 2.129   -0.899  -25.080 1.00 49.93  ? 9   ORN A C    1 
HETATM 133  O  O    . ORN A 1 9  ? 2.103   -2.056  -25.500 1.00 55.79  ? 9   ORN A O    1 
HETATM 134  H  H2   . ORN A 1 9  ? 0.200   0.563   -27.474 1.00 85.90  ? 9   ORN A H2   1 
HETATM 135  H  H    . ORN A 1 9  ? -0.120  -0.917  -26.881 1.00 85.90  ? 9   ORN A H    1 
HETATM 136  H  HA   . ORN A 1 9  ? 1.798   1.081   -25.836 1.00 72.35  ? 9   ORN A HA   1 
HETATM 137  H  HB2  . ORN A 1 9  ? -0.316  -0.494  -24.246 1.00 57.01  ? 9   ORN A HB2  1 
HETATM 138  H  HB3  . ORN A 1 9  ? 0.482   1.058   -23.790 1.00 57.01  ? 9   ORN A HB3  1 
HETATM 139  H  HG2  . ORN A 1 9  ? -0.737  1.847   -26.051 1.00 77.34  ? 9   ORN A HG2  1 
HETATM 140  H  HG3  . ORN A 1 9  ? -1.848  0.529   -25.615 1.00 77.34  ? 9   ORN A HG3  1 
HETATM 141  H  HD2  . ORN A 1 9  ? -2.816  2.411   -24.623 1.00 97.53  ? 9   ORN A HD2  1 
HETATM 142  H  HD3  . ORN A 1 9  ? -1.228  3.098   -24.139 1.00 97.53  ? 9   ORN A HD3  1 
HETATM 143  H  HE1  . ORN A 1 9  ? -2.489  0.714   -22.876 1.00 95.87  ? 9   ORN A HE1  1 
HETATM 144  H  HN3  . ORN A 1 9  ? 1.313   -0.618  -27.593 1.00 85.90  ? 9   ORN A HN3  1 
ATOM   145  N  N    . ALA A 1 10 ? 2.979   -0.508  -24.079 1.00 50.87  ? 10  ALA A N    1 
ATOM   146  C  CA   . ALA A 1 10 ? 3.898   -1.462  -23.471 1.00 48.92  ? 10  ALA A CA   1 
ATOM   147  C  C    . ALA A 1 10 ? 3.168   -2.265  -22.410 1.00 53.84  ? 10  ALA A C    1 
ATOM   148  O  O    . ALA A 1 10 ? 2.348   -1.715  -21.680 1.00 44.01  ? 10  ALA A O    1 
ATOM   149  C  CB   . ALA A 1 10 ? 5.093   -0.743  -22.862 1.00 53.93  ? 10  ALA A CB   1 
ATOM   150  H  H    . ALA A 1 10 ? 3.023   0.288   -23.753 1.00 61.04  ? 10  ALA A H    1 
ATOM   151  H  HA   . ALA A 1 10 ? 4.223   -2.074  -24.149 1.00 58.70  ? 10  ALA A HA   1 
ATOM   152  H  HB1  . ALA A 1 10 ? 5.686   -1.400  -22.465 1.00 64.71  ? 10  ALA A HB1  1 
ATOM   153  H  HB2  . ALA A 1 10 ? 5.557   -0.256  -23.560 1.00 64.71  ? 10  ALA A HB2  1 
ATOM   154  H  HB3  . ALA A 1 10 ? 4.778   -0.128  -22.182 1.00 64.71  ? 10  ALA A HB3  1 
ATOM   155  N  N    . ILE A 1 11 ? 3.453   -3.560  -22.335 1.00 43.77  ? 11  ILE A N    1 
ATOM   156  C  CA   . ILE A 1 11 ? 3.029   -4.396  -21.216 1.00 42.26  ? 11  ILE A CA   1 
ATOM   157  C  C    . ILE A 1 11 ? 4.205   -4.499  -20.261 1.00 40.14  ? 11  ILE A C    1 
ATOM   158  O  O    . ILE A 1 11 ? 5.268   -5.011  -20.634 1.00 47.11  ? 11  ILE A O    1 
ATOM   159  C  CB   . ILE A 1 11 ? 2.578   -5.789  -21.675 1.00 48.22  ? 11  ILE A CB   1 
ATOM   160  C  CG1  . ILE A 1 11 ? 1.514   -5.674  -22.767 1.00 59.73  ? 11  ILE A CG1  1 
ATOM   161  C  CG2  . ILE A 1 11 ? 2.054   -6.598  -20.470 1.00 48.84  ? 11  ILE A CG2  1 
ATOM   162  C  CD1  . ILE A 1 11 ? 1.293   -6.963  -23.523 1.00 57.93  ? 11  ILE A CD1  1 
ATOM   163  H  H    . ILE A 1 11 ? 3.901   -3.987  -22.932 1.00 52.52  ? 11  ILE A H    1 
ATOM   164  H  HA   . ILE A 1 11 ? 2.290   -3.969  -20.753 1.00 50.71  ? 11  ILE A HA   1 
ATOM   165  H  HB   . ILE A 1 11 ? 3.346   -6.252  -22.044 1.00 57.86  ? 11  ILE A HB   1 
ATOM   166  H  HG12 . ILE A 1 11 ? 0.672   -5.418  -22.360 1.00 71.67  ? 11  ILE A HG12 1 
ATOM   167  H  HG13 . ILE A 1 11 ? 1.792   -4.998  -23.405 1.00 71.67  ? 11  ILE A HG13 1 
ATOM   168  H  HG21 . ILE A 1 11 ? 1.774   -7.474  -20.777 1.00 58.61  ? 11  ILE A HG21 1 
ATOM   169  H  HG22 . ILE A 1 11 ? 2.767   -6.687  -19.818 1.00 58.61  ? 11  ILE A HG22 1 
ATOM   170  H  HG23 . ILE A 1 11 ? 1.302   -6.128  -20.077 1.00 58.61  ? 11  ILE A HG23 1 
ATOM   171  H  HD11 . ILE A 1 11 ? 0.611   -6.820  -24.197 1.00 69.52  ? 11  ILE A HD11 1 
ATOM   172  H  HD12 . ILE A 1 11 ? 2.125   -7.229  -23.944 1.00 69.52  ? 11  ILE A HD12 1 
ATOM   173  H  HD13 . ILE A 1 11 ? 1.005   -7.648  -22.899 1.00 69.52  ? 11  ILE A HD13 1 
ATOM   174  N  N    . ILE A 1 12 ? 3.993   -4.029  -19.035 1.00 38.22  ? 12  ILE A N    1 
ATOM   175  C  CA   . ILE A 1 12 ? 5.048   -3.783  -18.061 1.00 41.57  ? 12  ILE A CA   1 
ATOM   176  C  C    . ILE A 1 12 ? 4.800   -4.677  -16.855 1.00 40.37  ? 12  ILE A C    1 
ATOM   177  O  O    . ILE A 1 12 ? 3.670   -4.737  -16.348 1.00 42.03  ? 12  ILE A O    1 
ATOM   178  C  CB   . ILE A 1 12 ? 5.078   -2.299  -17.645 1.00 52.47  ? 12  ILE A CB   1 
ATOM   179  C  CG1  . ILE A 1 12 ? 5.405   -1.417  -18.856 1.00 86.69  ? 12  ILE A CG1  1 
ATOM   180  C  CG2  . ILE A 1 12 ? 6.076   -2.059  -16.516 1.00 64.18  ? 12  ILE A CG2  1 
ATOM   181  C  CD1  . ILE A 1 12 ? 5.191   0.062   -18.610 1.00 111.68 ? 12  ILE A CD1  1 
ATOM   182  H  H    . ILE A 1 12 ? 3.211   -3.837  -18.734 1.00 45.87  ? 12  ILE A H    1 
ATOM   183  H  HA   . ILE A 1 12 ? 5.908   -4.014  -18.447 1.00 49.89  ? 12  ILE A HA   1 
ATOM   184  H  HB   . ILE A 1 12 ? 4.196   -2.057  -17.325 1.00 62.96  ? 12  ILE A HB   1 
ATOM   185  H  HG12 . ILE A 1 12 ? 6.335   -1.548  -19.096 1.00 104.03 ? 12  ILE A HG12 1 
ATOM   186  H  HG13 . ILE A 1 12 ? 4.835   -1.680  -19.596 1.00 104.03 ? 12  ILE A HG13 1 
ATOM   187  H  HG21 . ILE A 1 12 ? 6.067   -1.119  -16.282 1.00 77.02  ? 12  ILE A HG21 1 
ATOM   188  H  HG22 . ILE A 1 12 ? 5.817   -2.594  -15.749 1.00 77.02  ? 12  ILE A HG22 1 
ATOM   189  H  HG23 . ILE A 1 12 ? 6.960   -2.319  -16.818 1.00 77.02  ? 12  ILE A HG23 1 
ATOM   190  H  HD11 . ILE A 1 12 ? 5.417   0.552   -19.416 1.00 134.02 ? 12  ILE A HD11 1 
ATOM   191  H  HD12 . ILE A 1 12 ? 4.261   0.213   -18.380 1.00 134.02 ? 12  ILE A HD12 1 
ATOM   192  H  HD13 . ILE A 1 12 ? 5.762   0.346   -17.879 1.00 134.02 ? 12  ILE A HD13 1 
ATOM   193  N  N    . GLY A 1 13 ? 5.841   -5.372  -16.409 1.00 42.64  ? 13  GLY A N    1 
ATOM   194  C  CA   . GLY A 1 13 ? 5.801   -6.011  -15.103 1.00 43.85  ? 13  GLY A CA   1 
ATOM   195  C  C    . GLY A 1 13 ? 5.857   -4.959  -14.009 1.00 37.99  ? 13  GLY A C    1 
ATOM   196  O  O    . GLY A 1 13 ? 6.718   -4.073  -14.023 1.00 46.58  ? 13  GLY A O    1 
ATOM   197  H  H    . GLY A 1 13 ? 6.575   -5.487  -16.841 1.00 51.17  ? 13  GLY A H    1 
ATOM   198  H  HA2  . GLY A 1 13 ? 4.983   -6.521  -15.009 1.00 52.62  ? 13  GLY A HA2  1 
ATOM   199  H  HA3  . GLY A 1 13 ? 6.559   -6.609  -15.004 1.00 52.62  ? 13  GLY A HA3  1 
ATOM   200  N  N    . LEU A 1 14 ? 4.906   -5.019  -13.094 1.00 34.26  ? 14  LEU A N    1 
ATOM   201  C  CA   . LEU A 1 14 ? 4.822   -4.074  -11.989 1.00 38.87  ? 14  LEU A CA   1 
ATOM   202  C  C    . LEU A 1 14 ? 5.036   -4.762  -10.651 1.00 35.18  ? 14  LEU A C    1 
ATOM   203  O  O    . LEU A 1 14 ? 4.345   -5.739  -10.372 1.00 36.14  ? 14  LEU A O    1 
ATOM   204  C  CB   . LEU A 1 14 ? 3.451   -3.385  -11.984 1.00 38.64  ? 14  LEU A CB   1 
ATOM   205  C  CG   . LEU A 1 14 ? 3.056   -2.629  -13.248 1.00 56.53  ? 14  LEU A CG   1 
ATOM   206  C  CD1  . LEU A 1 14 ? 1.589   -2.199  -13.177 1.00 45.15  ? 14  LEU A CD1  1 
ATOM   207  C  CD2  . LEU A 1 14 ? 3.966   -1.424  -13.434 1.00 51.98  ? 14  LEU A CD2  1 
ATOM   208  H  H    . LEU A 1 14 ? 4.283   -5.611  -13.088 1.00 41.11  ? 14  LEU A H    1 
ATOM   209  H  HA   . LEU A 1 14 ? 5.506   -3.394  -12.095 1.00 46.64  ? 14  LEU A HA   1 
ATOM   210  H  HB2  . LEU A 1 14 ? 2.773   -4.062  -11.832 1.00 46.37  ? 14  LEU A HB2  1 
ATOM   211  H  HB3  . LEU A 1 14 ? 3.436   -2.748  -11.253 1.00 46.37  ? 14  LEU A HB3  1 
ATOM   212  H  HG   . LEU A 1 14 ? 3.163   -3.211  -14.016 1.00 67.84  ? 14  LEU A HG   1 
ATOM   213  H  HD11 . LEU A 1 14 ? 1.361   -1.721  -13.990 1.00 54.18  ? 14  LEU A HD11 1 
ATOM   214  H  HD12 . LEU A 1 14 ? 1.033   -2.989  -13.090 1.00 54.18  ? 14  LEU A HD12 1 
ATOM   215  H  HD13 . LEU A 1 14 ? 1.467   -1.622  -12.407 1.00 54.18  ? 14  LEU A HD13 1 
ATOM   216  H  HD21 . LEU A 1 14 ? 3.705   -0.952  -14.240 1.00 62.38  ? 14  LEU A HD21 1 
ATOM   217  H  HD22 . LEU A 1 14 ? 3.877   -0.840  -12.665 1.00 62.38  ? 14  LEU A HD22 1 
ATOM   218  H  HD23 . LEU A 1 14 ? 4.883   -1.731  -13.513 1.00 62.38  ? 14  LEU A HD23 1 
HETATM 219  N  N    . ORN A 1 15 ? 5.962   -4.228  -9.839  1.00 37.38  ? 15  ORN A N    1 
HETATM 220  C  CA   . ORN A 1 15 ? 6.134   -4.599  -8.568  1.00 46.71  ? 15  ORN A CA   1 
HETATM 221  C  CB   . ORN A 1 15 ? 7.606   -4.702  -8.143  1.00 43.31  ? 15  ORN A CB   1 
HETATM 222  C  CG   . ORN A 1 15 ? 7.820   -4.829  -6.638  1.00 51.64  ? 15  ORN A CG   1 
HETATM 223  C  CD   . ORN A 1 15 ? 9.300   -4.717  -6.296  1.00 48.67  ? 15  ORN A CD   1 
HETATM 224  N  NE   . ORN A 1 15 ? 9.507   -5.090  -4.930  1.00 49.91  ? 15  ORN A NE   1 
HETATM 225  C  C    . ORN A 1 15 ? 5.179   -4.077  -7.730  1.00 35.23  ? 15  ORN A C    1 
HETATM 226  O  O    . ORN A 1 15 ? 5.272   -2.888  -7.473  1.00 36.82  ? 15  ORN A O    1 
HETATM 227  H  H    . ORN A 1 15 ? 6.521   -3.572  -10.144 1.00 44.85  ? 15  ORN A H    1 
HETATM 228  H  HA   . ORN A 1 15 ? 5.964   -5.564  -8.552  1.00 56.05  ? 15  ORN A HA   1 
HETATM 229  H  HB2  . ORN A 1 15 ? 8.086   -3.916  -8.471  1.00 51.98  ? 15  ORN A HB2  1 
HETATM 230  H  HB3  . ORN A 1 15 ? 7.988   -5.498  -8.565  1.00 51.98  ? 15  ORN A HB3  1 
HETATM 231  H  HG2  . ORN A 1 15 ? 7.486   -5.699  -6.339  1.00 61.97  ? 15  ORN A HG2  1 
HETATM 232  H  HG3  . ORN A 1 15 ? 7.327   -4.120  -6.179  1.00 61.97  ? 15  ORN A HG3  1 
HETATM 233  H  HD2  . ORN A 1 15 ? 9.600   -3.794  -6.433  1.00 58.40  ? 15  ORN A HD2  1 
HETATM 234  H  HD3  . ORN A 1 15 ? 9.814   -5.317  -6.874  1.00 58.40  ? 15  ORN A HD3  1 
HETATM 235  H  HE1  . ORN A 1 15 ? 9.220   -5.953  -4.802  1.00 59.90  ? 15  ORN A HE1  1 
HETATM 236  H  HE2  . ORN A 1 15 ? 10.400  -5.030  -4.727  1.00 59.90  ? 15  ORN A HE2  1 
HETATM 237  H  HN3  . ORN A 1 15 ? 9.031   -4.526  -4.383  1.00 59.90  ? 15  ORN A HN3  1 
ATOM   238  N  N    . VAL A 1 16 ? 4.194   -4.816  -7.227  1.00 36.48  ? 16  VAL A N    1 
ATOM   239  C  CA   . VAL A 1 16 ? 3.160   -4.286  -6.354  1.00 32.68  ? 16  VAL A CA   1 
ATOM   240  C  C    . VAL A 1 16 ? 3.298   -4.920  -4.981  1.00 31.06  ? 16  VAL A C    1 
ATOM   241  O  O    . VAL A 1 16 ? 2.673   -5.932  -4.674  1.00 33.31  ? 16  VAL A O    1 
ATOM   242  C  CB   . VAL A 1 16 ? 1.771   -4.524  -6.956  1.00 33.51  ? 16  VAL A CB   1 
ATOM   243  C  CG1  . VAL A 1 16 ? 0.715   -3.825  -6.144  1.00 41.56  ? 16  VAL A CG1  1 
ATOM   244  C  CG2  . VAL A 1 16 ? 1.754   -4.042  -8.403  1.00 34.11  ? 16  VAL A CG2  1 
ATOM   245  H  H    . VAL A 1 16 ? 4.108   -5.654  -7.403  1.00 43.77  ? 16  VAL A H    1 
ATOM   246  H  HA   . VAL A 1 16 ? 3.286   -3.329  -6.258  1.00 39.21  ? 16  VAL A HA   1 
ATOM   247  H  HB   . VAL A 1 16 ? 1.579   -5.475  -6.950  1.00 40.21  ? 16  VAL A HB   1 
ATOM   248  H  HG11 . VAL A 1 16 ? -0.152  -3.993  -6.546  1.00 49.87  ? 16  VAL A HG11 1 
ATOM   249  H  HG12 . VAL A 1 16 ? 0.733   -4.171  -5.238  1.00 49.87  ? 16  VAL A HG12 1 
ATOM   250  H  HG13 . VAL A 1 16 ? 0.899   -2.873  -6.140  1.00 49.87  ? 16  VAL A HG13 1 
ATOM   251  H  HG21 . VAL A 1 16 ? 0.871   -4.197  -8.776  1.00 40.93  ? 16  VAL A HG21 1 
ATOM   252  H  HG22 . VAL A 1 16 ? 1.961   -3.096  -8.422  1.00 40.93  ? 16  VAL A HG22 1 
ATOM   253  H  HG23 . VAL A 1 16 ? 2.418   -4.537  -8.907  1.00 40.93  ? 16  VAL A HG23 1 
HETATM 254  N  N    . ORN B 1 1  ? -7.682  3.535   -11.898 1.00 48.89  ? 1   ORN B N    1 
HETATM 255  C  CA   . ORN B 1 1  ? -6.721  2.624   -11.192 1.00 56.50  ? 1   ORN B CA   1 
HETATM 256  C  CB   . ORN B 1 1  ? -5.512  3.409   -10.662 1.00 52.75  ? 1   ORN B CB   1 
HETATM 257  C  CG   . ORN B 1 1  ? -4.557  3.909   -11.757 1.00 52.74  ? 1   ORN B CG   1 
HETATM 258  C  CD   . ORN B 1 1  ? -3.699  2.774   -12.358 1.00 51.40  ? 1   ORN B CD   1 
HETATM 259  N  NE   . ORN B 1 1  ? -2.836  2.187   -11.343 1.00 59.23  ? 1   ORN B NE   1 
HETATM 260  C  C    . ORN B 1 1  ? -7.412  1.880   -10.026 1.00 58.90  ? 1   ORN B C    1 
HETATM 261  O  O    . ORN B 1 1  ? -8.527  2.220   -9.609  1.00 46.46  ? 1   ORN B O    1 
HETATM 262  H  H2   . ORN B 1 1  ? -7.882  4.392   -11.378 1.00 58.67  ? 1   ORN B H2   1 
HETATM 263  H  H    . ORN B 1 1  ? -8.593  3.105   -12.073 1.00 58.67  ? 1   ORN B H    1 
HETATM 264  H  HA   . ORN B 1 1  ? -6.434  1.870   -11.933 1.00 67.80  ? 1   ORN B HA   1 
HETATM 265  H  HB2  . ORN B 1 1  ? -4.934  2.760   -9.990  1.00 63.31  ? 1   ORN B HB2  1 
HETATM 266  H  HB3  . ORN B 1 1  ? -5.884  4.286   -10.116 1.00 63.31  ? 1   ORN B HB3  1 
HETATM 267  H  HG2  . ORN B 1 1  ? -3.887  4.661   -11.325 1.00 63.28  ? 1   ORN B HG2  1 
HETATM 268  H  HG3  . ORN B 1 1  ? -5.145  4.377   -12.556 1.00 63.28  ? 1   ORN B HG3  1 
HETATM 269  H  HD2  . ORN B 1 1  ? -4.362  2.000   -12.758 1.00 61.68  ? 1   ORN B HD2  1 
HETATM 270  H  HD3  . ORN B 1 1  ? -3.070  3.192   -13.150 1.00 61.68  ? 1   ORN B HD3  1 
HETATM 271  H  HE1  . ORN B 1 1  ? -2.001  2.721   -11.112 1.00 71.08  ? 1   ORN B HE1  1 
HETATM 272  H  HN3  . ORN B 1 1  ? -7.348  3.846   -12.814 1.00 58.67  ? 1   ORN B HN3  1 
ATOM   273  N  N    . CYS B 1 2  ? -6.693  0.831   -9.496  1.00 49.62  ? 2   CYS B N    1 
ATOM   274  C  CA   . CYS B 1 2  ? -7.187  0.004   -8.401  1.00 41.56  ? 2   CYS B CA   1 
ATOM   275  C  C    . CYS B 1 2  ? -6.243  0.067   -7.204  1.00 51.52  ? 2   CYS B C    1 
ATOM   276  O  O    . CYS B 1 2  ? -5.053  0.339   -7.362  1.00 48.31  ? 2   CYS B O    1 
ATOM   277  C  CB   . CYS B 1 2  ? -7.345  -1.437  -8.873  1.00 47.47  ? 2   CYS B CB   1 
ATOM   278  S  SG   . CYS B 1 2  ? -8.430  -1.605  -10.297 1.00 48.55  ? 2   CYS B SG   1 
ATOM   279  H  H    . CYS B 1 2  ? -5.921  0.587   -9.786  1.00 59.54  ? 2   CYS B H    1 
ATOM   280  H  HA   . CYS B 1 2  ? -8.056  0.329   -8.121  1.00 49.87  ? 2   CYS B HA   1 
ATOM   281  H  HB2  . CYS B 1 2  ? -6.474  -1.785  -9.119  1.00 56.96  ? 2   CYS B HB2  1 
ATOM   282  H  HB3  . CYS B 1 2  ? -7.719  -1.965  -8.149  1.00 56.96  ? 2   CYS B HB3  1 
ATOM   283  N  N    . VAL B 1 3  ? -6.769  -0.173  -6.007  1.00 44.48  ? 3   VAL B N    1 
ATOM   284  C  CA   . VAL B 1 3  ? -5.960  -0.205  -4.790  1.00 46.41  ? 3   VAL B CA   1 
ATOM   285  C  C    . VAL B 1 3  ? -5.717  -1.650  -4.395  1.00 44.51  ? 3   VAL B C    1 
ATOM   286  O  O    . VAL B 1 3  ? -6.668  -2.442  -4.259  1.00 38.88  ? 3   VAL B O    1 
ATOM   287  C  CB   . VAL B 1 3  ? -6.636  0.557   -3.639  1.00 68.99  ? 3   VAL B CB   1 
ATOM   288  C  CG1  . VAL B 1 3  ? -5.714  0.572   -2.407  1.00 56.65  ? 3   VAL B CG1  1 
ATOM   289  C  CG2  . VAL B 1 3  ? -6.994  1.952   -4.075  1.00 89.42  ? 3   VAL B CG2  1 
ATOM   290  H  H    . VAL B 1 3  ? -7.605  -0.323  -5.870  1.00 53.38  ? 3   VAL B H    1 
ATOM   291  H  HA   . VAL B 1 3  ? -5.101  0.210   -4.966  1.00 55.69  ? 3   VAL B HA   1 
ATOM   292  H  HB   . VAL B 1 3  ? -7.455  0.099   -3.394  1.00 82.78  ? 3   VAL B HB   1 
ATOM   293  H  HG11 . VAL B 1 3  ? -6.154  1.056   -1.691  1.00 67.98  ? 3   VAL B HG11 1 
ATOM   294  H  HG12 . VAL B 1 3  ? -5.540  -0.341  -2.132  1.00 67.98  ? 3   VAL B HG12 1 
ATOM   295  H  HG13 . VAL B 1 3  ? -4.882  1.011   -2.642  1.00 67.98  ? 3   VAL B HG13 1 
ATOM   296  H  HG21 . VAL B 1 3  ? -7.418  2.414   -3.334  1.00 107.30 ? 3   VAL B HG21 1 
ATOM   297  H  HG22 . VAL B 1 3  ? -6.185  2.418   -4.336  1.00 107.30 ? 3   VAL B HG22 1 
ATOM   298  H  HG23 . VAL B 1 3  ? -7.604  1.900   -4.826  1.00 107.30 ? 3   VAL B HG23 1 
ATOM   299  N  N    . PHE B 1 4  ? -4.450  -1.990  -4.162  1.00 40.06  ? 4   PHE B N    1 
ATOM   300  C  CA   . PHE B 1 4  ? -4.103  -3.320  -3.679  1.00 41.86  ? 4   PHE B CA   1 
ATOM   301  C  C    . PHE B 1 4  ? -3.498  -3.209  -2.283  1.00 46.02  ? 4   PHE B C    1 
ATOM   302  O  O    . PHE B 1 4  ? -2.974  -2.157  -1.920  1.00 42.57  ? 4   PHE B O    1 
ATOM   303  C  CB   . PHE B 1 4  ? -3.160  -3.995  -4.669  1.00 46.76  ? 4   PHE B CB   1 
ATOM   304  C  CG   . PHE B 1 4  ? -3.798  -4.237  -6.004  1.00 54.70  ? 4   PHE B CG   1 
ATOM   305  C  CD1  . PHE B 1 4  ? -4.611  -5.339  -6.198  1.00 64.32  ? 4   PHE B CD1  1 
ATOM   306  C  CD2  . PHE B 1 4  ? -3.621  -3.345  -7.049  1.00 51.33  ? 4   PHE B CD2  1 
ATOM   307  C  CE1  . PHE B 1 4  ? -5.221  -5.562  -7.415  1.00 72.20  ? 4   PHE B CE1  1 
ATOM   308  C  CE2  . PHE B 1 4  ? -4.231  -3.567  -8.269  1.00 54.79  ? 4   PHE B CE2  1 
ATOM   309  C  CZ   . PHE B 1 4  ? -5.034  -4.672  -8.449  1.00 54.05  ? 4   PHE B CZ   1 
ATOM   310  H  H    . PHE B 1 4  ? -3.777  -1.466  -4.274  1.00 48.07  ? 4   PHE B H    1 
ATOM   311  H  HA   . PHE B 1 4  ? -4.910  -3.855  -3.617  1.00 50.23  ? 4   PHE B HA   1 
ATOM   312  H  HB2  . PHE B 1 4  ? -2.385  -3.428  -4.805  1.00 56.11  ? 4   PHE B HB2  1 
ATOM   313  H  HB3  . PHE B 1 4  ? -2.885  -4.852  -4.309  1.00 56.11  ? 4   PHE B HB3  1 
ATOM   314  H  HD1  . PHE B 1 4  ? -4.743  -5.940  -5.501  1.00 77.18  ? 4   PHE B HD1  1 
ATOM   315  H  HD2  . PHE B 1 4  ? -3.082  -2.596  -6.930  1.00 61.60  ? 4   PHE B HD2  1 
ATOM   316  H  HE1  . PHE B 1 4  ? -5.761  -6.310  -7.535  1.00 86.64  ? 4   PHE B HE1  1 
ATOM   317  H  HE2  . PHE B 1 4  ? -4.103  -2.968  -8.969  1.00 65.74  ? 4   PHE B HE2  1 
ATOM   318  H  HZ   . PHE B 1 4  ? -5.440  -4.823  -9.272  1.00 64.86  ? 4   PHE B HZ   1 
HETATM 319  C  C1   . MEA B 1 5  ? -3.985  -5.583  -1.825  1.00 43.40  ? 5   MEA B C1   1 
HETATM 320  N  N    . MEA B 1 5  ? -3.628  -4.256  -1.473  1.00 39.14  ? 5   MEA B N    1 
HETATM 321  C  CA   . MEA B 1 5  ? -3.089  -4.200  -0.116  1.00 40.30  ? 5   MEA B CA   1 
HETATM 322  C  C    . MEA B 1 5  ? -1.986  -5.274  -0.001  1.00 34.82  ? 5   MEA B C    1 
HETATM 323  O  O    . MEA B 1 5  ? -2.267  -6.493  0.040   1.00 36.88  ? 5   MEA B O    1 
HETATM 324  C  CB   . MEA B 1 5  ? -4.113  -4.377  0.921   1.00 53.81  ? 5   MEA B CB   1 
HETATM 325  C  CG   . MEA B 1 5  ? -5.200  -3.309  0.721   1.00 82.61  ? 5   MEA B CG   1 
HETATM 326  C  CD1  . MEA B 1 5  ? -6.408  -3.639  0.117   1.00 60.59  ? 5   MEA B CD1  1 
HETATM 327  C  CE1  . MEA B 1 5  ? -7.386  -2.662  -0.053  1.00 71.01  ? 5   MEA B CE1  1 
HETATM 328  C  CZ   . MEA B 1 5  ? -7.150  -1.352  0.374   1.00 75.86  ? 5   MEA B CZ   1 
HETATM 329  C  CE2  . MEA B 1 5  ? -5.932  -1.019  0.979   1.00 90.66  ? 5   MEA B CE2  1 
HETATM 330  C  CD2  . MEA B 1 5  ? -4.963  -1.986  1.152   1.00 108.48 ? 5   MEA B CD2  1 
HETATM 331  H  HC1  . MEA B 1 5  ? -3.176  -6.072  -2.133  1.00 52.08  ? 5   MEA B HC1  1 
HETATM 332  H  HC2  . MEA B 1 5  ? -4.367  -6.038  -1.041  1.00 52.08  ? 5   MEA B HC2  1 
HETATM 333  H  HC3  . MEA B 1 5  ? -4.661  -5.562  -2.560  1.00 52.08  ? 5   MEA B HC3  1 
HETATM 334  H  HA   . MEA B 1 5  ? -2.670  -3.312  0.013   1.00 48.36  ? 5   MEA B HA   1 
HETATM 335  H  HB1  . MEA B 1 5  ? -3.703  -4.268  1.810   1.00 64.58  ? 5   MEA B HB1  1 
HETATM 336  H  HB2  . MEA B 1 5  ? -4.510  -5.278  0.847   1.00 64.58  ? 5   MEA B HB2  1 
HETATM 337  H  HD1  . MEA B 1 5  ? -6.573  -4.549  -0.179  1.00 72.71  ? 5   MEA B HD1  1 
HETATM 338  H  HE1  . MEA B 1 5  ? -8.244  -2.891  -0.480  1.00 85.21  ? 5   MEA B HE1  1 
HETATM 339  H  HZ   . MEA B 1 5  ? -7.848  -0.656  0.248   1.00 91.03  ? 5   MEA B HZ   1 
HETATM 340  H  HE2  . MEA B 1 5  ? -5.771  -0.116  1.273   1.00 108.80 ? 5   MEA B HE2  1 
HETATM 341  H  HD2  . MEA B 1 5  ? -4.202  -1.548  1.588   1.00 130.18 ? 5   MEA B HD2  1 
ATOM   342  N  N    . CYS B 1 6  ? -0.738  -4.823  0.045   1.00 34.18  ? 6   CYS B N    1 
ATOM   343  C  CA   . CYS B 1 6  ? 0.388   -5.726  -0.145  1.00 35.79  ? 6   CYS B CA   1 
ATOM   344  C  C    . CYS B 1 6  ? 1.493   -5.447  0.857   1.00 35.44  ? 6   CYS B C    1 
ATOM   345  O  O    . CYS B 1 6  ? 1.711   -4.315  1.279   1.00 34.58  ? 6   CYS B O    1 
ATOM   346  C  CB   . CYS B 1 6  ? 0.952   -5.606  -1.568  1.00 41.80  ? 6   CYS B CB   1 
ATOM   347  S  SG   . CYS B 1 6  ? -0.259  -5.866  -2.887  1.00 41.16  ? 6   CYS B SG   1 
ATOM   348  H  H    . CYS B 1 6  ? -0.518  -4.003  0.182   1.00 41.02  ? 6   CYS B H    1 
ATOM   349  H  HA   . CYS B 1 6  ? 0.087   -6.639  -0.015  1.00 42.94  ? 6   CYS B HA   1 
ATOM   350  H  HB2  . CYS B 1 6  ? 1.321   -4.716  -1.680  1.00 50.15  ? 6   CYS B HB2  1 
ATOM   351  H  HB3  . CYS B 1 6  ? 1.653   -6.267  -1.679  1.00 50.15  ? 6   CYS B HB3  1 
ATOM   352  N  N    . GLU B 1 7  ? 2.186   -6.516  1.224   1.00 35.81  ? 7   GLU B N    1 
ATOM   353  C  CA   . GLU B 1 7  ? 3.324   -6.414  2.119   1.00 44.89  ? 7   GLU B CA   1 
ATOM   354  C  C    . GLU B 1 7  ? 4.548   -5.976  1.331   1.00 49.46  ? 7   GLU B C    1 
ATOM   355  O  O    . GLU B 1 7  ? 4.918   -6.601  0.333   1.00 46.54  ? 7   GLU B O    1 
ATOM   356  C  CB   . GLU B 1 7  ? 3.562   -7.758  2.799   1.00 44.96  ? 7   GLU B CB   1 
ATOM   357  C  CG   . GLU B 1 7  ? 4.469   -7.710  4.014   1.00 66.19  ? 7   GLU B CG   1 
ATOM   358  C  CD   . GLU B 1 7  ? 4.203   -8.874  4.948   1.00 72.39  ? 7   GLU B CD   1 
ATOM   359  O  OE1  . GLU B 1 7  ? 4.405   -8.727  6.173   1.00 66.19  ? 7   GLU B OE1  1 
ATOM   360  O  OE2  . GLU B 1 7  ? 3.763   -9.934  4.448   1.00 57.84  ? 7   GLU B OE2  1 
ATOM   361  H  H    . GLU B 1 7  ? 2.014   -7.318  0.965   1.00 42.97  ? 7   GLU B H    1 
ATOM   362  H  HA   . GLU B 1 7  ? 3.142   -5.750  2.802   1.00 53.86  ? 7   GLU B HA   1 
ATOM   363  H  HB2  . GLU B 1 7  ? 2.707   -8.115  3.086   1.00 53.96  ? 7   GLU B HB2  1 
ATOM   364  H  HB3  . GLU B 1 7  ? 3.967   -8.362  2.156   1.00 53.96  ? 7   GLU B HB3  1 
ATOM   365  H  HG2  . GLU B 1 7  ? 5.394   -7.756  3.725   1.00 79.42  ? 7   GLU B HG2  1 
ATOM   366  H  HG3  . GLU B 1 7  ? 4.309   -6.887  4.500   1.00 79.42  ? 7   GLU B HG3  1 
ATOM   367  N  N    . ASP B 1 8  ? 5.158   -4.883  1.770   1.00 53.37  ? 8   ASP B N    1 
ATOM   368  C  CA   . ASP B 1 8  ? 6.390   -4.384  1.170   1.00 54.06  ? 8   ASP B CA   1 
ATOM   369  C  C    . ASP B 1 8  ? 7.482   -4.437  2.239   1.00 62.90  ? 8   ASP B C    1 
ATOM   370  O  O    . ASP B 1 8  ? 7.615   -3.516  3.043   1.00 70.25  ? 8   ASP B O    1 
ATOM   371  C  CB   . ASP B 1 8  ? 6.189   -2.959  0.639   1.00 65.84  ? 8   ASP B CB   1 
ATOM   372  C  CG   . ASP B 1 8  ? 7.115   -2.618  -0.520  1.00 69.46  ? 8   ASP B CG   1 
ATOM   373  O  OD1  . ASP B 1 8  ? 8.208   -3.217  -0.628  1.00 54.69  ? 8   ASP B OD1  1 
ATOM   374  O  OD2  . ASP B 1 8  ? 6.741   -1.739  -1.334  1.00 68.12  ? 8   ASP B OD2  1 
ATOM   375  H  H    . ASP B 1 8  ? 4.874   -4.403  2.424   1.00 64.04  ? 8   ASP B H    1 
ATOM   376  H  HA   . ASP B 1 8  ? 6.650   -4.958  0.432   1.00 64.87  ? 8   ASP B HA   1 
ATOM   377  H  HB2  . ASP B 1 8  ? 5.275   -2.864  0.330   1.00 79.01  ? 8   ASP B HB2  1 
ATOM   378  H  HB3  . ASP B 1 8  ? 6.364   -2.329  1.356   1.00 79.01  ? 8   ASP B HB3  1 
HETATM 379  N  N    . ORN B 1 9  ? 8.663   -5.730  7.373   1.00 106.36 ? 9   ORN B N    1 
HETATM 380  C  CA   . ORN B 1 9  ? 7.923   -5.146  6.219   1.00 78.29  ? 9   ORN B CA   1 
HETATM 381  C  CB   . ORN B 1 9  ? 7.658   -6.215  5.144   1.00 53.56  ? 9   ORN B CB   1 
HETATM 382  C  CG   . ORN B 1 9  ? 8.914   -6.684  4.393   1.00 59.82  ? 9   ORN B CG   1 
HETATM 383  C  CD   . ORN B 1 9  ? 9.334   -5.743  3.242   1.00 63.50  ? 9   ORN B CD   1 
HETATM 384  N  NE   . ORN B 1 9  ? 8.263   -5.576  2.266   1.00 59.95  ? 9   ORN B NE   1 
HETATM 385  C  C    . ORN B 1 9  ? 6.578   -4.546  6.684   1.00 55.07  ? 9   ORN B C    1 
HETATM 386  O  O    . ORN B 1 9  ? 6.057   -4.856  7.750   1.00 60.97  ? 9   ORN B O    1 
HETATM 387  H  H2   . ORN B 1 9  ? 8.279   -6.625  7.689   1.00 127.63 ? 9   ORN B H2   1 
HETATM 388  H  H    . ORN B 1 9  ? 8.662   -5.128  8.199   1.00 127.63 ? 9   ORN B H    1 
HETATM 389  H  HA   . ORN B 1 9  ? 8.544   -4.324  5.851   1.00 93.94  ? 9   ORN B HA   1 
HETATM 390  H  HB2  . ORN B 1 9  ? 6.962   -5.806  4.398   1.00 64.27  ? 9   ORN B HB2  1 
HETATM 391  H  HB3  . ORN B 1 9  ? 7.215   -7.093  5.634   1.00 64.27  ? 9   ORN B HB3  1 
HETATM 392  H  HG2  . ORN B 1 9  ? 9.741   -6.760  5.109   1.00 71.78  ? 9   ORN B HG2  1 
HETATM 393  H  HG3  . ORN B 1 9  ? 8.722   -7.679  3.975   1.00 71.78  ? 9   ORN B HG3  1 
HETATM 394  H  HD2  . ORN B 1 9  ? 9.589   -4.765  3.660   1.00 76.20  ? 9   ORN B HD2  1 
HETATM 395  H  HD3  . ORN B 1 9  ? 10.197  -6.181  2.732   1.00 76.20  ? 9   ORN B HD3  1 
HETATM 396  H  HE1  . ORN B 1 9  ? 8.145   -6.339  1.603   1.00 71.94  ? 9   ORN B HE1  1 
HETATM 397  H  HN3  . ORN B 1 9  ? 9.648   -5.914  7.170   1.00 127.63 ? 9   ORN B HN3  1 
ATOM   398  N  N    . ALA B 1 10 ? 6.018   -3.643  5.823   1.00 59.69  ? 10  ALA B N    1 
ATOM   399  C  CA   . ALA B 1 10 ? 4.753   -3.001  6.119   1.00 54.96  ? 10  ALA B CA   1 
ATOM   400  C  C    . ALA B 1 10 ? 3.727   -3.408  5.076   1.00 52.85  ? 10  ALA B C    1 
ATOM   401  O  O    . ALA B 1 10 ? 4.038   -3.516  3.889   1.00 51.36  ? 10  ALA B O    1 
ATOM   402  C  CB   . ALA B 1 10 ? 4.916   -1.489  6.146   1.00 66.52  ? 10  ALA B CB   1 
ATOM   403  H  H    . ALA B 1 10 ? 6.362   -3.411  5.069   1.00 71.62  ? 10  ALA B H    1 
ATOM   404  H  HA   . ALA B 1 10 ? 4.438   -3.291  6.989   1.00 65.95  ? 10  ALA B HA   1 
ATOM   405  H  HB1  . ALA B 1 10 ? 4.058   -1.082  6.344   1.00 79.82  ? 10  ALA B HB1  1 
ATOM   406  H  HB2  . ALA B 1 10 ? 5.561   -1.252  6.831   1.00 79.82  ? 10  ALA B HB2  1 
ATOM   407  H  HB3  . ALA B 1 10 ? 5.230   -1.190  5.278   1.00 79.82  ? 10  ALA B HB3  1 
ATOM   408  N  N    . ILE B 1 11 ? 2.503   -3.648  5.523   1.00 44.23  ? 11  ILE B N    1 
ATOM   409  C  CA   . ILE B 1 11 ? 1.381   -3.846  4.617   1.00 42.06  ? 11  ILE B CA   1 
ATOM   410  C  C    . ILE B 1 11 ? 0.755   -2.481  4.373   1.00 41.39  ? 11  ILE B C    1 
ATOM   411  O  O    . ILE B 1 11 ? 0.365   -1.783  5.319   1.00 40.88  ? 11  ILE B O    1 
ATOM   412  C  CB   . ILE B 1 11 ? 0.362   -4.840  5.191   1.00 44.51  ? 11  ILE B CB   1 
ATOM   413  C  CG1  . ILE B 1 11 ? 1.078   -6.108  5.655   1.00 53.46  ? 11  ILE B CG1  1 
ATOM   414  C  CG2  . ILE B 1 11 ? -0.704  -5.155  4.144   1.00 46.86  ? 11  ILE B CG2  1 
ATOM   415  C  CD1  . ILE B 1 11 ? 0.221   -7.026  6.492   1.00 57.14  ? 11  ILE B CD1  1 
ATOM   416  H  H    . ILE B 1 11 ? 2.293   -3.702  6.355   1.00 53.08  ? 11  ILE B H    1 
ATOM   417  H  HA   . ILE B 1 11 ? 1.705   -4.192  3.771   1.00 50.47  ? 11  ILE B HA   1 
ATOM   418  H  HB   . ILE B 1 11 ? -0.070  -4.431  5.958   1.00 53.41  ? 11  ILE B HB   1 
ATOM   419  H  HG12 . ILE B 1 11 ? 1.368   -6.606  4.875   1.00 64.15  ? 11  ILE B HG12 1 
ATOM   420  H  HG13 . ILE B 1 11 ? 1.847   -5.856  6.188   1.00 64.15  ? 11  ILE B HG13 1 
ATOM   421  H  HG21 . ILE B 1 11 ? -1.340  -5.783  4.521   1.00 56.24  ? 11  ILE B HG21 1 
ATOM   422  H  HG22 . ILE B 1 11 ? -1.157  -4.333  3.899   1.00 56.24  ? 11  ILE B HG22 1 
ATOM   423  H  HG23 . ILE B 1 11 ? -0.277  -5.543  3.365   1.00 56.24  ? 11  ILE B HG23 1 
ATOM   424  H  HD11 . ILE B 1 11 ? 0.744   -7.802  6.746   1.00 68.57  ? 11  ILE B HD11 1 
ATOM   425  H  HD12 . ILE B 1 11 ? -0.070  -6.549  7.286   1.00 68.57  ? 11  ILE B HD12 1 
ATOM   426  H  HD13 . ILE B 1 11 ? -0.549  -7.300  5.971   1.00 68.57  ? 11  ILE B HD13 1 
ATOM   427  N  N    . ILE B 1 12 ? 0.688   -2.087  3.099   1.00 41.96  ? 12  ILE B N    1 
ATOM   428  C  CA   . ILE B 1 12 ? 0.252   -0.754  2.709   1.00 41.91  ? 12  ILE B CA   1 
ATOM   429  C  C    . ILE B 1 12 ? -0.667  -0.886  1.507   1.00 39.37  ? 12  ILE B C    1 
ATOM   430  O  O    . ILE B 1 12 ? -0.711  -1.919  0.838   1.00 40.31  ? 12  ILE B O    1 
ATOM   431  C  CB   . ILE B 1 12 ? 1.434   0.178   2.361   1.00 45.96  ? 12  ILE B CB   1 
ATOM   432  C  CG1  . ILE B 1 12 ? 2.259   -0.421  1.217   1.00 45.41  ? 12  ILE B CG1  1 
ATOM   433  C  CG2  . ILE B 1 12 ? 2.286   0.416   3.593   1.00 55.31  ? 12  ILE B CG2  1 
ATOM   434  C  CD1  . ILE B 1 12 ? 3.356   0.489   0.704   1.00 63.15  ? 12  ILE B CD1  1 
ATOM   435  H  H    . ILE B 1 12 ? 0.894   -2.588  2.431   1.00 50.35  ? 12  ILE B H    1 
ATOM   436  H  HA   . ILE B 1 12 ? -0.250  -0.354  3.436   1.00 50.29  ? 12  ILE B HA   1 
ATOM   437  H  HB   . ILE B 1 12 ? 1.075   1.031   2.067   1.00 55.15  ? 12  ILE B HB   1 
ATOM   438  H  HG12 . ILE B 1 12 ? 2.676   -1.240  1.529   1.00 54.50  ? 12  ILE B HG12 1 
ATOM   439  H  HG13 . ILE B 1 12 ? 1.667   -0.617  0.473   1.00 54.50  ? 12  ILE B HG13 1 
ATOM   440  H  HG21 . ILE B 1 12 ? 3.022   1.003   3.359   1.00 66.38  ? 12  ILE B HG21 1 
ATOM   441  H  HG22 . ILE B 1 12 ? 1.740   0.828   4.281   1.00 66.38  ? 12  ILE B HG22 1 
ATOM   442  H  HG23 . ILE B 1 12 ? 2.628   -0.435  3.910   1.00 66.38  ? 12  ILE B HG23 1 
ATOM   443  H  HD11 . ILE B 1 12 ? 3.829   0.039   -0.014  1.00 75.79  ? 12  ILE B HD11 1 
ATOM   444  H  HD12 . ILE B 1 12 ? 2.957   1.310   0.375   1.00 75.79  ? 12  ILE B HD12 1 
ATOM   445  H  HD13 . ILE B 1 12 ? 3.968   0.686   1.431   1.00 75.79  ? 12  ILE B HD13 1 
ATOM   446  N  N    . GLY B 1 13 ? -1.421  0.181   1.250   1.00 42.77  ? 13  GLY B N    1 
ATOM   447  C  CA   . GLY B 1 13 ? -2.197  0.256   0.030   1.00 44.95  ? 13  GLY B CA   1 
ATOM   448  C  C    . GLY B 1 13 ? -1.321  0.720   -1.123  1.00 45.60  ? 13  GLY B C    1 
ATOM   449  O  O    . GLY B 1 13 ? -0.432  1.556   -0.956  1.00 46.21  ? 13  GLY B O    1 
ATOM   450  H  H    . GLY B 1 13 ? -1.496  0.866   1.765   1.00 51.32  ? 13  GLY B H    1 
ATOM   451  H  HA2  . GLY B 1 13 ? -2.562  -0.617  -0.184  1.00 53.94  ? 13  GLY B HA2  1 
ATOM   452  H  HA3  . GLY B 1 13 ? -2.928  0.884   0.142   1.00 53.94  ? 13  GLY B HA3  1 
ATOM   453  N  N    . LEU B 1 14 ? -1.553  0.135   -2.296  1.00 41.20  ? 14  LEU B N    1 
ATOM   454  C  CA   . LEU B 1 14 ? -0.821  0.529   -3.499  1.00 42.97  ? 14  LEU B CA   1 
ATOM   455  C  C    . LEU B 1 14 ? -1.742  0.773   -4.713  1.00 61.72  ? 14  LEU B C    1 
ATOM   456  O  O    . LEU B 1 14 ? -2.604  -0.050  -5.031  1.00 46.39  ? 14  LEU B O    1 
ATOM   457  C  CB   . LEU B 1 14 ? 0.214   -0.535  -3.847  1.00 46.17  ? 14  LEU B CB   1 
ATOM   458  C  CG   . LEU B 1 14 ? 1.289   -0.796  -2.785  1.00 50.30  ? 14  LEU B CG   1 
ATOM   459  C  CD1  . LEU B 1 14 ? 1.864   -2.174  -2.980  1.00 51.77  ? 14  LEU B CD1  1 
ATOM   460  C  CD2  . LEU B 1 14 ? 2.391   0.253   -2.839  1.00 46.01  ? 14  LEU B CD2  1 
ATOM   461  H  H    . LEU B 1 14 ? -2.129  -0.491  -2.422  1.00 49.44  ? 14  LEU B H    1 
ATOM   462  H  HA   . LEU B 1 14 ? -0.346  1.356   -3.319  1.00 51.56  ? 14  LEU B HA   1 
ATOM   463  H  HB2  . LEU B 1 14 ? -0.250  -1.373  -4.000  1.00 55.41  ? 14  LEU B HB2  1 
ATOM   464  H  HB3  . LEU B 1 14 ? 0.669   -0.265  -4.660  1.00 55.41  ? 14  LEU B HB3  1 
ATOM   465  H  HG   . LEU B 1 14 ? 0.883   -0.761  -1.905  1.00 60.36  ? 14  LEU B HG   1 
ATOM   466  H  HD11 . LEU B 1 14 ? 2.543   -2.332  -2.305  1.00 62.12  ? 14  LEU B HD11 1 
ATOM   467  H  HD12 . LEU B 1 14 ? 1.152   -2.828  -2.893  1.00 62.12  ? 14  LEU B HD12 1 
ATOM   468  H  HD13 . LEU B 1 14 ? 2.257   -2.229  -3.865  1.00 62.12  ? 14  LEU B HD13 1 
ATOM   469  H  HD21 . LEU B 1 14 ? 3.051   0.055   -2.156  1.00 55.22  ? 14  LEU B HD21 1 
ATOM   470  H  HD22 . LEU B 1 14 ? 2.807   0.229   -3.715  1.00 55.22  ? 14  LEU B HD22 1 
ATOM   471  H  HD23 . LEU B 1 14 ? 2.003   1.128   -2.680  1.00 55.22  ? 14  LEU B HD23 1 
HETATM 472  N  N    . ORN B 1 15 ? -1.524  1.899   -5.393  1.00 53.33  ? 15  ORN B N    1 
HETATM 473  C  CA   . ORN B 1 15 ? -2.251  2.249   -6.447  1.00 55.49  ? 15  ORN B CA   1 
HETATM 474  C  CB   . ORN B 1 15 ? -2.972  3.571   -6.279  1.00 58.56  ? 15  ORN B CB   1 
HETATM 475  C  CG   . ORN B 1 15 ? -2.955  4.461   -7.503  1.00 72.50  ? 15  ORN B CG   1 
HETATM 476  C  CD   . ORN B 1 15 ? -3.510  5.807   -7.072  1.00 76.88  ? 15  ORN B CD   1 
HETATM 477  N  NE   . ORN B 1 15 ? -3.804  6.625   -8.205  1.00 63.45  ? 15  ORN B NE   1 
HETATM 478  C  C    . ORN B 1 15 ? -1.777  1.847   -7.650  1.00 62.08  ? 15  ORN B C    1 
HETATM 479  O  O    . ORN B 1 15 ? -0.696  2.263   -8.031  1.00 70.95  ? 15  ORN B O    1 
HETATM 480  H  H    . ORN B 1 15 ? -0.855  2.473   -5.148  1.00 63.99  ? 15  ORN B H    1 
HETATM 481  H  HA   . ORN B 1 15 ? -3.068  1.716   -6.351  1.00 66.59  ? 15  ORN B HA   1 
HETATM 482  H  HB2  . ORN B 1 15 ? -2.560  4.055   -5.536  1.00 70.27  ? 15  ORN B HB2  1 
HETATM 483  H  HB3  . ORN B 1 15 ? -3.904  3.384   -6.050  1.00 70.27  ? 15  ORN B HB3  1 
HETATM 484  H  HG2  . ORN B 1 15 ? -3.521  4.075   -8.201  1.00 87.00  ? 15  ORN B HG2  1 
HETATM 485  H  HG3  . ORN B 1 15 ? -2.039  4.565   -7.833  1.00 87.00  ? 15  ORN B HG3  1 
HETATM 486  H  HD2  . ORN B 1 15 ? -2.851  6.261   -6.505  1.00 92.25  ? 15  ORN B HD2  1 
HETATM 487  H  HD3  . ORN B 1 15 ? -4.332  5.664   -6.560  1.00 92.25  ? 15  ORN B HD3  1 
HETATM 488  H  HE1  . ORN B 1 15 ? -4.420  6.201   -8.737  1.00 76.14  ? 15  ORN B HE1  1 
HETATM 489  H  HE2  . ORN B 1 15 ? -4.145  7.429   -7.921  1.00 76.14  ? 15  ORN B HE2  1 
HETATM 490  H  HN3  . ORN B 1 15 ? -3.035  6.772   -8.685  1.00 76.14  ? 15  ORN B HN3  1 
ATOM   491  N  N    . VAL B 1 16 ? -2.518  1.017   -8.372  1.00 61.84  ? 16  VAL B N    1 
ATOM   492  C  CA   . VAL B 1 16 ? -2.150  0.503   -9.687  1.00 63.68  ? 16  VAL B CA   1 
ATOM   493  C  C    . VAL B 1 16 ? -3.145  0.993   -10.727 1.00 53.89  ? 16  VAL B C    1 
ATOM   494  O  O    . VAL B 1 16 ? -4.149  0.330   -10.993 1.00 46.83  ? 16  VAL B O    1 
ATOM   495  C  CB   . VAL B 1 16 ? -2.085  -1.030  -9.696  1.00 71.63  ? 16  VAL B CB   1 
ATOM   496  C  CG1  . VAL B 1 16 ? -1.771  -1.553  -11.106 1.00 55.50  ? 16  VAL B CG1  1 
ATOM   497  C  CG2  . VAL B 1 16 ? -1.059  -1.521  -8.689  1.00 83.47  ? 16  VAL B CG2  1 
ATOM   498  H  H    . VAL B 1 16 ? -3.281  0.737   -8.088  1.00 74.21  ? 16  VAL B H    1 
ATOM   499  H  HA   . VAL B 1 16 ? -1.274  0.843   -9.925  1.00 76.41  ? 16  VAL B HA   1 
ATOM   500  H  HB   . VAL B 1 16 ? -2.950  -1.382  -9.434  1.00 85.96  ? 16  VAL B HB   1 
ATOM   501  H  HG11 . VAL B 1 16 ? -1.737  -2.521  -11.083 1.00 66.60  ? 16  VAL B HG11 1 
ATOM   502  H  HG12 . VAL B 1 16 ? -2.470  -1.260  -11.714 1.00 66.60  ? 16  VAL B HG12 1 
ATOM   503  H  HG13 . VAL B 1 16 ? -0.916  -1.196  -11.392 1.00 66.60  ? 16  VAL B HG13 1 
ATOM   504  H  HG21 . VAL B 1 16 ? -1.033  -2.491  -8.711  1.00 100.17 ? 16  VAL B HG21 1 
ATOM   505  H  HG22 . VAL B 1 16 ? -0.189  -1.163  -8.925  1.00 100.17 ? 16  VAL B HG22 1 
ATOM   506  H  HG23 . VAL B 1 16 ? -1.314  -1.216  -7.804  1.00 100.17 ? 16  VAL B HG23 1 
HETATM 507  N  N    . ORN C 1 1  ? -6.414  13.944  16.914  1.00 51.50  ? 1   ORN C N    1 
HETATM 508  C  CA   . ORN C 1 1  ? -5.947  13.827  15.534  1.00 43.60  ? 1   ORN C CA   1 
HETATM 509  C  CB   . ORN C 1 1  ? -4.509  13.288  15.529  1.00 50.97  ? 1   ORN C CB   1 
HETATM 510  C  CG   . ORN C 1 1  ? -3.473  14.366  15.885  1.00 56.08  ? 1   ORN C CG   1 
HETATM 511  C  CD   . ORN C 1 1  ? -3.315  15.395  14.753  1.00 57.10  ? 1   ORN C CD   1 
HETATM 512  N  NE   . ORN C 1 1  ? -2.717  14.767  13.597  1.00 54.08  ? 1   ORN C NE   1 
HETATM 513  C  C    . ORN C 1 1  ? -6.886  12.888  14.724  1.00 46.23  ? 1   ORN C C    1 
HETATM 514  O  O    . ORN C 1 1  ? -7.706  12.154  15.273  1.00 47.26  ? 1   ORN C O    1 
HETATM 515  H  H2   . ORN C 1 1  ? -6.209  13.117  17.482  1.00 61.80  ? 1   ORN C H2   1 
HETATM 516  H  H    . ORN C 1 1  ? -7.424  14.081  16.990  1.00 61.80  ? 1   ORN C H    1 
HETATM 517  H  HA   . ORN C 1 1  ? -6.025  14.829  15.102  1.00 52.32  ? 1   ORN C HA   1 
HETATM 518  H  HB2  . ORN C 1 1  ? -4.268  12.911  14.525  1.00 61.17  ? 1   ORN C HB2  1 
HETATM 519  H  HB3  . ORN C 1 1  ? -4.434  12.480  16.271  1.00 61.17  ? 1   ORN C HB3  1 
HETATM 520  H  HG2  . ORN C 1 1  ? -2.505  13.885  16.062  1.00 67.29  ? 1   ORN C HG2  1 
HETATM 521  H  HG3  . ORN C 1 1  ? -3.787  14.880  16.802  1.00 67.29  ? 1   ORN C HG3  1 
HETATM 522  H  HD2  . ORN C 1 1  ? -4.301  15.786  14.484  1.00 68.52  ? 1   ORN C HD2  1 
HETATM 523  H  HD3  . ORN C 1 1  ? -2.657  16.198  15.097  1.00 68.52  ? 1   ORN C HD3  1 
HETATM 524  H  HE1  . ORN C 1 1  ? -1.719  14.579  13.662  1.00 64.90  ? 1   ORN C HE1  1 
HETATM 525  H  HN3  . ORN C 1 1  ? -5.994  14.728  17.419  1.00 61.80  ? 1   ORN C HN3  1 
ATOM   526  N  N    . CYS C 1 2  ? -6.739  12.937  13.362  1.00 41.51  ? 2   CYS C N    1 
ATOM   527  C  CA   . CYS C 1 2  ? -7.576  12.136  12.486  1.00 43.35  ? 2   CYS C CA   1 
ATOM   528  C  C    . CYS C 1 2  ? -6.716  11.311  11.558  1.00 50.45  ? 2   CYS C C    1 
ATOM   529  O  O    . CYS C 1 2  ? -5.533  11.603  11.387  1.00 50.96  ? 2   CYS C O    1 
ATOM   530  C  CB   . CYS C 1 2  ? -8.514  13.048  11.682  1.00 38.97  ? 2   CYS C CB   1 
ATOM   531  S  SG   . CYS C 1 2  ? -9.535  14.140  12.699  1.00 40.80  ? 2   CYS C SG   1 
ATOM   532  H  H    . CYS C 1 2  ? -6.184  13.450  12.950  1.00 49.81  ? 2   CYS C H    1 
ATOM   533  H  HA   . CYS C 1 2  ? -8.117  11.533  13.019  1.00 52.02  ? 2   CYS C HA   1 
ATOM   534  H  HB2  . CYS C 1 2  ? -7.980  13.605  11.095  1.00 46.76  ? 2   CYS C HB2  1 
ATOM   535  H  HB3  . CYS C 1 2  ? -9.111  12.494  11.154  1.00 46.76  ? 2   CYS C HB3  1 
ATOM   536  N  N    . VAL C 1 3  ? -7.300  10.280  10.960  1.00 41.56  ? 3   VAL C N    1 
ATOM   537  C  CA   . VAL C 1 3  ? -6.606  9.469   9.966   1.00 42.49  ? 3   VAL C CA   1 
ATOM   538  C  C    . VAL C 1 3  ? -7.107  9.857   8.583   1.00 47.01  ? 3   VAL C C    1 
ATOM   539  O  O    . VAL C 1 3  ? -8.319  9.867   8.332   1.00 45.21  ? 3   VAL C O    1 
ATOM   540  C  CB   . VAL C 1 3  ? -6.804  7.967   10.223  1.00 53.08  ? 3   VAL C CB   1 
ATOM   541  C  CG1  . VAL C 1 3  ? -6.033  7.152   9.181   1.00 56.73  ? 3   VAL C CG1  1 
ATOM   542  C  CG2  . VAL C 1 3  ? -6.359  7.609   11.627  1.00 139.64 ? 3   VAL C CG2  1 
ATOM   543  H  H    . VAL C 1 3  ? -8.107  10.025  11.116  1.00 49.88  ? 3   VAL C H    1 
ATOM   544  H  HA   . VAL C 1 3  ? -5.656  9.660   10.007  1.00 50.99  ? 3   VAL C HA   1 
ATOM   545  H  HB   . VAL C 1 3  ? -7.745  7.750   10.139  1.00 63.70  ? 3   VAL C HB   1 
ATOM   546  H  HG11 . VAL C 1 3  ? -6.168  6.208   9.357   1.00 68.08  ? 3   VAL C HG11 1 
ATOM   547  H  HG12 . VAL C 1 3  ? -6.364  7.376   8.297   1.00 68.08  ? 3   VAL C HG12 1 
ATOM   548  H  HG13 . VAL C 1 3  ? -5.090  7.369   9.247   1.00 68.08  ? 3   VAL C HG13 1 
ATOM   549  H  HG21 . VAL C 1 3  ? -6.492  6.658   11.767  1.00 167.57 ? 3   VAL C HG21 1 
ATOM   550  H  HG22 . VAL C 1 3  ? -5.419  7.829   11.726  1.00 167.57 ? 3   VAL C HG22 1 
ATOM   551  H  HG23 . VAL C 1 3  ? -6.886  8.114   12.264  1.00 167.57 ? 3   VAL C HG23 1 
ATOM   552  N  N    . PHE C 1 4  ? -6.180  10.182  7.688   1.00 45.55  ? 4   PHE C N    1 
ATOM   553  C  CA   . PHE C 1 4  ? -6.531  10.499  6.307   1.00 44.27  ? 4   PHE C CA   1 
ATOM   554  C  C    . PHE C 1 4  ? -5.877  9.493   5.349   1.00 42.29  ? 4   PHE C C    1 
ATOM   555  O  O    . PHE C 1 4  ? -4.762  9.031   5.614   1.00 49.83  ? 4   PHE C O    1 
ATOM   556  C  CB   . PHE C 1 4  ? -6.105  11.924  5.968   1.00 50.33  ? 4   PHE C CB   1 
ATOM   557  C  CG   . PHE C 1 4  ? -6.680  12.960  6.894   1.00 49.79  ? 4   PHE C CG   1 
ATOM   558  C  CD1  . PHE C 1 4  ? -8.027  13.263  6.857   1.00 64.89  ? 4   PHE C CD1  1 
ATOM   559  C  CD2  . PHE C 1 4  ? -5.877  13.625  7.796   1.00 50.84  ? 4   PHE C CD2  1 
ATOM   560  C  CE1  . PHE C 1 4  ? -8.564  14.214  7.705   1.00 58.51  ? 4   PHE C CE1  1 
ATOM   561  C  CE2  . PHE C 1 4  ? -6.410  14.580  8.646   1.00 50.91  ? 4   PHE C CE2  1 
ATOM   562  C  CZ   . PHE C 1 4  ? -7.753  14.868  8.600   1.00 50.44  ? 4   PHE C CZ   1 
ATOM   563  H  H    . PHE C 1 4  ? -5.337  10.227  7.855   1.00 54.66  ? 4   PHE C H    1 
ATOM   564  H  HA   . PHE C 1 4  ? -7.494  10.437  6.201   1.00 53.12  ? 4   PHE C HA   1 
ATOM   565  H  HB2  . PHE C 1 4  ? -5.139  11.983  6.019   1.00 60.40  ? 4   PHE C HB2  1 
ATOM   566  H  HB3  . PHE C 1 4  ? -6.401  12.134  5.068   1.00 60.40  ? 4   PHE C HB3  1 
ATOM   567  H  HD1  . PHE C 1 4  ? -8.580  12.821  6.254   1.00 77.87  ? 4   PHE C HD1  1 
ATOM   568  H  HD2  . PHE C 1 4  ? -4.967  13.433  7.832   1.00 61.01  ? 4   PHE C HD2  1 
ATOM   569  H  HE1  . PHE C 1 4  ? -9.473  14.409  7.671   1.00 70.21  ? 4   PHE C HE1  1 
ATOM   570  H  HE2  . PHE C 1 4  ? -5.860  15.023  9.251   1.00 61.09  ? 4   PHE C HE2  1 
ATOM   571  H  HZ   . PHE C 1 4  ? -8.111  15.509  9.170   1.00 60.53  ? 4   PHE C HZ   1 
HETATM 572  C  C1   . MEA C 1 5  ? -7.540  9.968   3.629   1.00 52.51  ? 5   MEA C C1   1 
HETATM 573  N  N    . MEA C 1 5  ? -6.558  9.145   4.252   1.00 47.33  ? 5   MEA C N    1 
HETATM 574  C  CA   . MEA C 1 5  ? -5.998  8.191   3.297   1.00 47.92  ? 5   MEA C CA   1 
HETATM 575  C  C    . MEA C 1 5  ? -5.591  8.910   1.982   1.00 43.92  ? 5   MEA C C    1 
HETATM 576  O  O    . MEA C 1 5  ? -6.463  9.229   1.137   1.00 47.08  ? 5   MEA C O    1 
HETATM 577  C  CB   . MEA C 1 5  ? -6.930  7.112   2.983   1.00 51.76  ? 5   MEA C CB   1 
HETATM 578  C  CG   . MEA C 1 5  ? -7.440  6.495   4.290   1.00 71.39  ? 5   MEA C CG   1 
HETATM 579  C  CD1  . MEA C 1 5  ? -8.641  6.930   4.838   1.00 82.31  ? 5   MEA C CD1  1 
HETATM 580  C  CE1  . MEA C 1 5  ? -9.102  6.370   6.026   1.00 91.11  ? 5   MEA C CE1  1 
HETATM 581  C  CZ   . MEA C 1 5  ? -8.361  5.372   6.660   1.00 94.79  ? 5   MEA C CZ   1 
HETATM 582  C  CE2  . MEA C 1 5  ? -7.152  4.929   6.107   1.00 87.80  ? 5   MEA C CE2  1 
HETATM 583  C  CD2  . MEA C 1 5  ? -6.690  5.483   4.931   1.00 79.36  ? 5   MEA C CD2  1 
HETATM 584  H  HC1  . MEA C 1 5  ? -7.091  10.716  3.150   1.00 63.01  ? 5   MEA C HC1  1 
HETATM 585  H  HC2  . MEA C 1 5  ? -8.057  9.431   2.986   1.00 63.01  ? 5   MEA C HC2  1 
HETATM 586  H  HC3  . MEA C 1 5  ? -8.155  10.338  4.322   1.00 63.01  ? 5   MEA C HC3  1 
HETATM 587  H  HA   . MEA C 1 5  ? -5.185  7.793   3.698   1.00 57.50  ? 5   MEA C HA   1 
HETATM 588  H  HB1  . MEA C 1 5  ? -6.470  6.423   2.450   1.00 62.11  ? 5   MEA C HB1  1 
HETATM 589  H  HB2  . MEA C 1 5  ? -7.690  7.474   2.468   1.00 62.11  ? 5   MEA C HB2  1 
HETATM 590  H  HD1  . MEA C 1 5  ? -9.153  7.626   4.396   1.00 98.78  ? 5   MEA C HD1  1 
HETATM 591  H  HE1  . MEA C 1 5  ? -9.953  6.677   6.419   1.00 109.33 ? 5   MEA C HE1  1 
HETATM 592  H  HZ   . MEA C 1 5  ? -8.693  4.972   7.507   1.00 113.74 ? 5   MEA C HZ   1 
HETATM 593  H  HE2  . MEA C 1 5  ? -6.644  4.240   6.548   1.00 105.36 ? 5   MEA C HE2  1 
HETATM 594  H  HD2  . MEA C 1 5  ? -5.840  5.040   4.721   1.00 95.23  ? 5   MEA C HD2  1 
ATOM   595  N  N    . CYS C 1 6  ? -4.292  9.137   1.813   1.00 45.61  ? 6   CYS C N    1 
ATOM   596  C  CA   . CYS C 1 6  ? -3.790  9.966   0.727   1.00 45.72  ? 6   CYS C CA   1 
ATOM   597  C  C    . CYS C 1 6  ? -2.602  9.354   0.012   1.00 54.09  ? 6   CYS C C    1 
ATOM   598  O  O    . CYS C 1 6  ? -1.934  8.458   0.527   1.00 53.39  ? 6   CYS C O    1 
ATOM   599  C  CB   . CYS C 1 6  ? -3.391  11.350  1.261   1.00 49.62  ? 6   CYS C CB   1 
ATOM   600  S  SG   . CYS C 1 6  ? -4.716  12.257  2.061   1.00 46.73  ? 6   CYS C SG   1 
ATOM   601  H  H    . CYS C 1 6  ? -3.676  8.817   2.321   1.00 54.73  ? 6   CYS C H    1 
ATOM   602  H  HA   . CYS C 1 6  ? -4.498  10.091  0.075   1.00 54.86  ? 6   CYS C HA   1 
ATOM   603  H  HB2  . CYS C 1 6  ? -2.678  11.239  1.909   1.00 59.55  ? 6   CYS C HB2  1 
ATOM   604  H  HB3  . CYS C 1 6  ? -3.074  11.889  0.518   1.00 59.55  ? 6   CYS C HB3  1 
ATOM   605  N  N    . GLU C 1 7  ? -2.331  9.875   -1.182  1.00 46.19  ? 7   GLU C N    1 
ATOM   606  C  CA   . GLU C 1 7  ? -1.241  9.389   -2.007  1.00 49.42  ? 7   GLU C CA   1 
ATOM   607  C  C    . GLU C 1 7  ? -0.604  10.563  -2.731  1.00 69.40  ? 7   GLU C C    1 
ATOM   608  O  O    . GLU C 1 7  ? -1.260  11.570  -3.012  1.00 48.87  ? 7   GLU C O    1 
ATOM   609  C  CB   . GLU C 1 7  ? -1.728  8.340   -3.015  1.00 53.12  ? 7   GLU C CB   1 
ATOM   610  C  CG   . GLU C 1 7  ? -2.880  8.800   -3.897  1.00 75.33  ? 7   GLU C CG   1 
ATOM   611  C  CD   . GLU C 1 7  ? -2.439  9.281   -5.265  1.00 101.21 ? 7   GLU C CD   1 
ATOM   612  O  OE1  . GLU C 1 7  ? -1.221  9.340   -5.523  1.00 115.90 ? 7   GLU C OE1  1 
ATOM   613  O  OE2  . GLU C 1 7  ? -3.322  9.597   -6.092  1.00 105.16 ? 7   GLU C OE2  1 
ATOM   614  H  H    . GLU C 1 7  ? -2.773  10.521  -1.537  1.00 55.43  ? 7   GLU C H    1 
ATOM   615  H  HA   . GLU C 1 7  ? -0.569  8.978   -1.441  1.00 59.30  ? 7   GLU C HA   1 
ATOM   616  H  HB2  . GLU C 1 7  ? -0.989  8.101   -3.597  1.00 63.74  ? 7   GLU C HB2  1 
ATOM   617  H  HB3  . GLU C 1 7  ? -2.026  7.556   -2.527  1.00 63.74  ? 7   GLU C HB3  1 
ATOM   618  H  HG2  . GLU C 1 7  ? -3.492  8.058   -4.026  1.00 90.40  ? 7   GLU C HG2  1 
ATOM   619  H  HG3  . GLU C 1 7  ? -3.338  9.533   -3.457  1.00 90.40  ? 7   GLU C HG3  1 
ATOM   620  N  N    . ASP C 1 8  ? 0.685   10.423  -3.018  1.00 66.28  ? 8   ASP C N    1 
ATOM   621  C  CA   . ASP C 1 8  ? 1.449   11.450  -3.707  1.00 83.12  ? 8   ASP C CA   1 
ATOM   622  C  C    . ASP C 1 8  ? 2.487   10.807  -4.625  1.00 89.26  ? 8   ASP C C    1 
ATOM   623  O  O    . ASP C 1 8  ? 3.643   11.229  -4.658  1.00 98.12  ? 8   ASP C O    1 
ATOM   624  C  CB   . ASP C 1 8  ? 2.131   12.373  -2.693  1.00 70.14  ? 8   ASP C CB   1 
ATOM   625  C  CG   . ASP C 1 8  ? 2.680   13.632  -3.325  1.00 67.71  ? 8   ASP C CG   1 
ATOM   626  O  OD1  . ASP C 1 8  ? 2.721   13.707  -4.571  1.00 73.54  ? 8   ASP C OD1  1 
ATOM   627  O  OD2  . ASP C 1 8  ? 3.091   14.540  -2.570  1.00 73.84  ? 8   ASP C OD2  1 
ATOM   628  H  H    . ASP C 1 8  ? 1.147   9.725   -2.820  1.00 79.53  ? 8   ASP C H    1 
ATOM   629  H  HA   . ASP C 1 8  ? 0.850   11.985  -4.251  1.00 99.74  ? 8   ASP C HA   1 
ATOM   630  H  HB2  . ASP C 1 8  ? 1.484   12.634  -2.018  1.00 84.17  ? 8   ASP C HB2  1 
ATOM   631  H  HB3  . ASP C 1 8  ? 2.868   11.898  -2.279  1.00 84.17  ? 8   ASP C HB3  1 
HETATM 632  N  N    . ORN C 1 9  ? 1.594   4.769   -6.879  1.00 85.41  ? 9   ORN C N    1 
HETATM 633  C  CA   . ORN C 1 9  ? 2.013   5.382   -5.593  1.00 75.62  ? 9   ORN C CA   1 
HETATM 634  C  CB   . ORN C 1 9  ? 1.743   6.899   -5.599  1.00 71.21  ? 9   ORN C CB   1 
HETATM 635  C  CG   . ORN C 1 9  ? 2.439   7.673   -6.732  1.00 68.43  ? 9   ORN C CG   1 
HETATM 636  C  CD   . ORN C 1 9  ? 2.978   9.054   -6.288  1.00 68.91  ? 9   ORN C CD   1 
HETATM 637  N  NE   . ORN C 1 9  ? 2.061   9.735   -5.381  1.00 81.26  ? 9   ORN C NE   1 
HETATM 638  C  C    . ORN C 1 9  ? 1.259   4.745   -4.406  1.00 68.74  ? 9   ORN C C    1 
HETATM 639  O  O    . ORN C 1 9  ? 0.095   4.341   -4.508  1.00 65.33  ? 9   ORN C O    1 
HETATM 640  H  H2   . ORN C 1 9  ? 0.672   5.080   -7.193  1.00 102.50 ? 9   ORN C H2   1 
HETATM 641  H  H    . ORN C 1 9  ? 1.538   3.748   -6.842  1.00 102.50 ? 9   ORN C H    1 
HETATM 642  H  HA   . ORN C 1 9  ? 3.075   5.142   -5.481  1.00 90.75  ? 9   ORN C HA   1 
HETATM 643  H  HB2  . ORN C 1 9  ? 2.085   7.328   -4.646  1.00 85.45  ? 9   ORN C HB2  1 
HETATM 644  H  HB3  . ORN C 1 9  ? 0.661   7.060   -5.709  1.00 85.45  ? 9   ORN C HB3  1 
HETATM 645  H  HG2  . ORN C 1 9  ? 3.284   7.073   -7.087  1.00 82.11  ? 9   ORN C HG2  1 
HETATM 646  H  HG3  . ORN C 1 9  ? 1.735   7.809   -7.561  1.00 82.11  ? 9   ORN C HG3  1 
HETATM 647  H  HD2  . ORN C 1 9  ? 3.933   8.907   -5.773  1.00 82.69  ? 9   ORN C HD2  1 
HETATM 648  H  HD3  . ORN C 1 9  ? 3.112   9.677   -7.176  1.00 82.69  ? 9   ORN C HD3  1 
HETATM 649  H  HE1  . ORN C 1 9  ? 1.107   9.381   -5.355  1.00 97.51  ? 9   ORN C HE1  1 
HETATM 650  H  HN3  . ORN C 1 9  ? 2.229   4.979   -7.653  1.00 102.50 ? 9   ORN C HN3  1 
ATOM   651  N  N    . ALA C 1 10 ? 1.960   4.680   -3.229  1.00 70.94  ? 10  ALA C N    1 
ATOM   652  C  CA   . ALA C 1 10 ? 1.364   4.128   -2.017  1.00 69.80  ? 10  ALA C CA   1 
ATOM   653  C  C    . ALA C 1 10 ? 0.209   4.998   -1.528  1.00 71.67  ? 10  ALA C C    1 
ATOM   654  O  O    . ALA C 1 10 ? 0.300   6.235   -1.516  1.00 58.66  ? 10  ALA C O    1 
ATOM   655  C  CB   . ALA C 1 10 ? 2.412   3.994   -0.927  1.00 66.76  ? 10  ALA C CB   1 
ATOM   656  H  H    . ALA C 1 10 ? 2.764   4.965   -3.127  1.00 85.13  ? 10  ALA C H    1 
ATOM   657  H  HA   . ALA C 1 10 ? 1.015   3.243   -2.210  1.00 83.76  ? 10  ALA C HA   1 
ATOM   658  H  HB1  . ALA C 1 10 ? 1.996   3.625   -0.133  1.00 80.12  ? 10  ALA C HB1  1 
ATOM   659  H  HB2  . ALA C 1 10 ? 3.116   3.403   -1.238  1.00 80.12  ? 10  ALA C HB2  1 
ATOM   660  H  HB3  . ALA C 1 10 ? 2.778   4.871   -0.734  1.00 80.12  ? 10  ALA C HB3  1 
ATOM   661  N  N    . ILE C 1 11 ? -0.881  4.355   -1.117  1.00 57.12  ? 11  ILE C N    1 
ATOM   662  C  CA   . ILE C 1 11 ? -1.971  5.035   -0.428  1.00 53.42  ? 11  ILE C CA   1 
ATOM   663  C  C    . ILE C 1 11 ? -1.944  4.558   1.011   1.00 54.12  ? 11  ILE C C    1 
ATOM   664  O  O    . ILE C 1 11 ? -2.077  3.357   1.283   1.00 61.32  ? 11  ILE C O    1 
ATOM   665  C  CB   . ILE C 1 11 ? -3.340  4.756   -1.056  1.00 63.13  ? 11  ILE C CB   1 
ATOM   666  C  CG1  . ILE C 1 11 ? -3.288  4.845   -2.574  1.00 80.75  ? 11  ILE C CG1  1 
ATOM   667  C  CG2  . ILE C 1 11 ? -4.366  5.759   -0.515  1.00 61.96  ? 11  ILE C CG2  1 
ATOM   668  C  CD1  . ILE C 1 11 ? -4.279  3.933   -3.192  1.00 94.37  ? 11  ILE C CD1  1 
ATOM   669  H  H    . ILE C 1 11 ? -1.013  3.512   -1.228  1.00 68.55  ? 11  ILE C H    1 
ATOM   670  H  HA   . ILE C 1 11 ? -1.816  5.992   -0.438  1.00 64.11  ? 11  ILE C HA   1 
ATOM   671  H  HB   . ILE C 1 11 ? -3.620  3.861   -0.807  1.00 75.75  ? 11  ILE C HB   1 
ATOM   672  H  HG12 . ILE C 1 11 ? -3.493  5.752   -2.851  1.00 96.90  ? 11  ILE C HG12 1 
ATOM   673  H  HG13 . ILE C 1 11 ? -2.405  4.589   -2.882  1.00 96.90  ? 11  ILE C HG13 1 
ATOM   674  H  HG21 . ILE C 1 11 ? -5.229  5.576   -0.918  1.00 74.35  ? 11  ILE C HG21 1 
ATOM   675  H  HG22 . ILE C 1 11 ? -4.423  5.662   0.448   1.00 74.35  ? 11  ILE C HG22 1 
ATOM   676  H  HG23 . ILE C 1 11 ? -4.079  6.657   -0.742  1.00 74.35  ? 11  ILE C HG23 1 
ATOM   677  H  HD11 . ILE C 1 11 ? -4.222  4.012   -4.157  1.00 113.24 ? 11  ILE C HD11 1 
ATOM   678  H  HD12 . ILE C 1 11 ? -4.082  3.023   -2.921  1.00 113.24 ? 11  ILE C HD12 1 
ATOM   679  H  HD13 . ILE C 1 11 ? -5.167  4.183   -2.891  1.00 113.24 ? 11  ILE C HD13 1 
ATOM   680  N  N    . ILE C 1 12 ? -1.783  5.492   1.925   1.00 55.10  ? 12  ILE C N    1 
ATOM   681  C  CA   . ILE C 1 12 ? -1.529  5.176   3.317   1.00 70.79  ? 12  ILE C CA   1 
ATOM   682  C  C    . ILE C 1 12 ? -2.464  6.005   4.179   1.00 72.95  ? 12  ILE C C    1 
ATOM   683  O  O    . ILE C 1 12 ? -2.814  7.137   3.830   1.00 56.49  ? 12  ILE C O    1 
ATOM   684  C  CB   . ILE C 1 12 ? -0.057  5.452   3.671   1.00 99.07  ? 12  ILE C CB   1 
ATOM   685  C  CG1  . ILE C 1 12 ? 0.262   6.927   3.392   1.00 100.58 ? 12  ILE C CG1  1 
ATOM   686  C  CG2  . ILE C 1 12 ? 0.836   4.521   2.864   1.00 126.00 ? 12  ILE C CG2  1 
ATOM   687  C  CD1  . ILE C 1 12 ? 1.728   7.294   3.445   1.00 99.69  ? 12  ILE C CD1  1 
ATOM   688  H  H    . ILE C 1 12 ? -1.816  6.336   1.762   1.00 66.12  ? 12  ILE C H    1 
ATOM   689  H  HA   . ILE C 1 12 ? -1.714  4.237   3.477   1.00 84.95  ? 12  ILE C HA   1 
ATOM   690  H  HB   . ILE C 1 12 ? 0.077   5.276   4.616   1.00 118.88 ? 12  ILE C HB   1 
ATOM   691  H  HG12 . ILE C 1 12 ? -0.061  7.148   2.505   1.00 120.70 ? 12  ILE C HG12 1 
ATOM   692  H  HG13 . ILE C 1 12 ? -0.198  7.471   4.050   1.00 120.70 ? 12  ILE C HG13 1 
ATOM   693  H  HG21 . ILE C 1 12 ? 1.763   4.698   3.090   1.00 151.20 ? 12  ILE C HG21 1 
ATOM   694  H  HG22 . ILE C 1 12 ? 0.612   3.603   3.081   1.00 151.20 ? 12  ILE C HG22 1 
ATOM   695  H  HG23 . ILE C 1 12 ? 0.689   4.684   1.919   1.00 151.20 ? 12  ILE C HG23 1 
ATOM   696  H  HD11 . ILE C 1 12 ? 1.824   8.240   3.256   1.00 119.63 ? 12  ILE C HD11 1 
ATOM   697  H  HD12 . ILE C 1 12 ? 2.070   7.096   4.332   1.00 119.63 ? 12  ILE C HD12 1 
ATOM   698  H  HD13 . ILE C 1 12 ? 2.207   6.773   2.782   1.00 119.63 ? 12  ILE C HD13 1 
ATOM   699  N  N    . GLY C 1 13 ? -2.895  5.418   5.292   1.00 61.43  ? 13  GLY C N    1 
ATOM   700  C  CA   . GLY C 1 13 ? -3.560  6.175   6.329   1.00 71.86  ? 13  GLY C CA   1 
ATOM   701  C  C    . GLY C 1 13 ? -2.544  6.975   7.117   1.00 56.14  ? 13  GLY C C    1 
ATOM   702  O  O    . GLY C 1 13 ? -1.593  6.399   7.655   1.00 60.07  ? 13  GLY C O    1 
ATOM   703  H  H    . GLY C 1 13 ? -2.813  4.580   5.465   1.00 73.71  ? 13  GLY C H    1 
ATOM   704  H  HA2  . GLY C 1 13 ? -4.202  6.785   5.934   1.00 86.24  ? 13  GLY C HA2  1 
ATOM   705  H  HA3  . GLY C 1 13 ? -4.025  5.575   6.932   1.00 86.24  ? 13  GLY C HA3  1 
ATOM   706  N  N    . LEU C 1 14 ? -2.711  8.294   7.167   1.00 46.94  ? 14  LEU C N    1 
ATOM   707  C  CA   . LEU C 1 14 ? -1.815  9.156   7.926   1.00 54.29  ? 14  LEU C CA   1 
ATOM   708  C  C    . LEU C 1 14 ? -2.516  9.642   9.167   1.00 49.42  ? 14  LEU C C    1 
ATOM   709  O  O    . LEU C 1 14 ? -3.635  10.136  9.082   1.00 49.40  ? 14  LEU C O    1 
ATOM   710  C  CB   . LEU C 1 14 ? -1.361  10.379  7.107   1.00 49.94  ? 14  LEU C CB   1 
ATOM   711  C  CG   . LEU C 1 14 ? -0.570  10.202  5.811   1.00 78.82  ? 14  LEU C CG   1 
ATOM   712  C  CD1  . LEU C 1 14 ? 0.606   9.259   6.019   1.00 107.22 ? 14  LEU C CD1  1 
ATOM   713  C  CD2  . LEU C 1 14 ? -1.479  9.738   4.680   1.00 76.47  ? 14  LEU C CD2  1 
ATOM   714  H  HA   . LEU C 1 14 ? -1.028  8.653   8.192   1.00 65.14  ? 14  LEU C HA   1 
ATOM   715  H  HB2  . LEU C 1 14 ? -2.159  10.881  6.874   1.00 59.93  ? 14  LEU C HB2  1 
ATOM   716  H  HB3  . LEU C 1 14 ? -0.811  10.926  7.689   1.00 59.93  ? 14  LEU C HB3  1 
ATOM   717  H  HG   . LEU C 1 14 ? -0.207  11.064  5.555   1.00 94.59  ? 14  LEU C HG   1 
ATOM   718  H  HD11 . LEU C 1 14 ? 1.087   9.165   5.181   1.00 128.67 ? 14  LEU C HD11 1 
ATOM   719  H  HD12 . LEU C 1 14 ? 1.191   9.628   6.698   1.00 128.67 ? 14  LEU C HD12 1 
ATOM   720  H  HD13 . LEU C 1 14 ? 0.271   8.395   6.306   1.00 128.67 ? 14  LEU C HD13 1 
ATOM   721  H  HD21 . LEU C 1 14 ? -0.949  9.636   3.873   1.00 91.76  ? 14  LEU C HD21 1 
ATOM   722  H  HD22 . LEU C 1 14 ? -1.879  8.890   4.924   1.00 91.76  ? 14  LEU C HD22 1 
ATOM   723  H  HD23 . LEU C 1 14 ? -2.171  10.402  4.539   1.00 91.76  ? 14  LEU C HD23 1 
HETATM 724  N  N    . ORN C 1 15 ? -1.851  9.524   10.311  1.00 41.12  ? 15  ORN C N    1 
HETATM 725  C  CA   . ORN C 1 15 ? -2.271  10.099  11.421  1.00 53.24  ? 15  ORN C CA   1 
HETATM 726  C  CB   . ORN C 1 15 ? -2.155  9.241   12.669  1.00 51.21  ? 15  ORN C CB   1 
HETATM 727  C  CG   . ORN C 1 15 ? -2.201  10.053  13.948  1.00 65.30  ? 15  ORN C CG   1 
HETATM 728  C  CD   . ORN C 1 15 ? -1.708  9.205   15.100  1.00 66.81  ? 15  ORN C CD   1 
HETATM 729  N  NE   . ORN C 1 15 ? -1.950  9.884   16.332  1.00 68.36  ? 15  ORN C NE   1 
HETATM 730  C  C    . ORN C 1 15 ? -2.008  11.433  11.425  1.00 52.17  ? 15  ORN C C    1 
HETATM 731  O  O    . ORN C 1 15 ? -0.844  11.766  11.494  1.00 49.62  ? 15  ORN C O    1 
HETATM 732  H  H    . ORN C 1 15 ? -1.078  9.039   10.361  1.00 49.34  ? 15  ORN C H    1 
HETATM 733  H  HA   . ORN C 1 15 ? -3.250  10.055  11.377  1.00 63.89  ? 15  ORN C HA   1 
HETATM 734  H  HB2  . ORN C 1 15 ? -1.316  8.740   12.634  1.00 61.45  ? 15  ORN C HB2  1 
HETATM 735  H  HB3  . ORN C 1 15 ? -2.900  8.608   12.683  1.00 61.45  ? 15  ORN C HB3  1 
HETATM 736  H  HG2  . ORN C 1 15 ? -3.121  10.337  14.119  1.00 78.36  ? 15  ORN C HG2  1 
HETATM 737  H  HG3  . ORN C 1 15 ? -1.629  10.841  13.855  1.00 78.36  ? 15  ORN C HG3  1 
HETATM 738  H  HD2  . ORN C 1 15 ? -0.747  9.041   14.999  1.00 80.17  ? 15  ORN C HD2  1 
HETATM 739  H  HD3  . ORN C 1 15 ? -2.187  8.350   15.103  1.00 80.17  ? 15  ORN C HD3  1 
HETATM 740  H  HE1  . ORN C 1 15 ? -2.850  10.042  16.423  1.00 82.03  ? 15  ORN C HE1  1 
HETATM 741  H  HE2  . ORN C 1 15 ? -1.659  9.364   17.030  1.00 82.03  ? 15  ORN C HE2  1 
HETATM 742  H  HN3  . ORN C 1 15 ? -1.498  10.682  16.336  1.00 82.03  ? 15  ORN C HN3  1 
ATOM   743  N  N    . VAL C 1 16 ? -2.989  12.321  11.369  1.00 46.00  ? 16  VAL C N    1 
ATOM   744  C  CA   . VAL C 1 16 ? -2.712  13.759  11.362  1.00 46.91  ? 16  VAL C CA   1 
ATOM   745  C  C    . VAL C 1 16 ? -3.464  14.429  12.493  1.00 43.40  ? 16  VAL C C    1 
ATOM   746  O  O    . VAL C 1 16 ? -4.670  14.637  12.396  1.00 45.63  ? 16  VAL C O    1 
ATOM   747  C  CB   . VAL C 1 16 ? -3.097  14.386  10.019  1.00 60.43  ? 16  VAL C CB   1 
ATOM   748  C  CG1  . VAL C 1 16 ? -2.822  15.892  10.023  1.00 78.02  ? 16  VAL C CG1  1 
ATOM   749  C  CG2  . VAL C 1 16 ? -2.358  13.697  8.890   1.00 56.64  ? 16  VAL C CG2  1 
ATOM   750  H  H    . VAL C 1 16 ? -3.825  12.126  11.317  1.00 55.19  ? 16  VAL C H    1 
ATOM   751  H  HA   . VAL C 1 16 ? -1.763  13.902  11.502  1.00 56.29  ? 16  VAL C HA   1 
ATOM   752  H  HB   . VAL C 1 16 ? -4.047  14.259  9.875   1.00 72.52  ? 16  VAL C HB   1 
ATOM   753  H  HG11 . VAL C 1 16 ? -3.075  16.262  9.162   1.00 93.62  ? 16  VAL C HG11 1 
ATOM   754  H  HG12 . VAL C 1 16 ? -3.344  16.307  10.727  1.00 93.62  ? 16  VAL C HG12 1 
ATOM   755  H  HG13 . VAL C 1 16 ? -1.876  16.040  10.182  1.00 93.62  ? 16  VAL C HG13 1 
ATOM   756  H  HG21 . VAL C 1 16 ? -2.614  14.107  8.048   1.00 67.96  ? 16  VAL C HG21 1 
ATOM   757  H  HG22 . VAL C 1 16 ? -1.404  13.797  9.030   1.00 67.96  ? 16  VAL C HG22 1 
ATOM   758  H  HG23 . VAL C 1 16 ? -2.596  12.756  8.884   1.00 67.96  ? 16  VAL C HG23 1 
HETATM 759  N  N    . ORN D 1 1  ? 0.142   -15.960 11.648  1.00 60.37  ? 1   ORN D N    1 
HETATM 760  C  CA   . ORN D 1 1  ? 0.425   -14.619 12.230  1.00 56.59  ? 1   ORN D CA   1 
HETATM 761  C  CB   . ORN D 1 1  ? 1.627   -13.974 11.526  1.00 52.50  ? 1   ORN D CB   1 
HETATM 762  C  CG   . ORN D 1 1  ? 2.990   -14.573 11.919  1.00 54.42  ? 1   ORN D CG   1 
HETATM 763  C  CD   . ORN D 1 1  ? 3.470   -14.094 13.311  1.00 57.25  ? 1   ORN D CD   1 
HETATM 764  N  NE   . ORN D 1 1  ? 3.612   -12.658 13.322  1.00 50.57  ? 1   ORN D NE   1 
HETATM 765  C  C    . ORN D 1 1  ? -0.816  -13.721 12.068  1.00 55.85  ? 1   ORN D C    1 
HETATM 766  O  O    . ORN D 1 1  ? -1.742  -14.026 11.310  1.00 54.29  ? 1   ORN D O    1 
HETATM 767  H  H2   . ORN D 1 1  ? 0.150   -15.967 10.626  1.00 72.44  ? 1   ORN D H2   1 
HETATM 768  H  H    . ORN D 1 1  ? -0.774  -16.331 11.914  1.00 72.44  ? 1   ORN D H    1 
HETATM 769  H  HA   . ORN D 1 1  ? 0.591   -14.777 13.300  1.00 67.91  ? 1   ORN D HA   1 
HETATM 770  H  HB2  . ORN D 1 1  ? 1.653   -12.904 11.776  1.00 63.00  ? 1   ORN D HB2  1 
HETATM 771  H  HB3  . ORN D 1 1  ? 1.503   -14.106 10.442  1.00 63.00  ? 1   ORN D HB3  1 
HETATM 772  H  HG2  . ORN D 1 1  ? 3.736   -14.278 11.171  1.00 65.30  ? 1   ORN D HG2  1 
HETATM 773  H  HG3  . ORN D 1 1  ? 2.910   -15.666 11.925  1.00 65.30  ? 1   ORN D HG3  1 
HETATM 774  H  HD2  . ORN D 1 1  ? 2.734   -14.389 14.064  1.00 68.70  ? 1   ORN D HD2  1 
HETATM 775  H  HD3  . ORN D 1 1  ? 4.445   -14.543 13.520  1.00 68.70  ? 1   ORN D HD3  1 
HETATM 776  H  HE1  . ORN D 1 1  ? 4.460   -12.296 12.891  1.00 60.69  ? 1   ORN D HE1  1 
HETATM 777  H  HN3  . ORN D 1 1  ? 0.817   -16.674 11.930  1.00 72.44  ? 1   ORN D HN3  1 
ATOM   778  N  N    . CYS D 1 2  ? -0.815  -12.571 12.816  1.00 50.22  ? 2   CYS D N    1 
ATOM   779  C  CA   . CYS D 1 2  ? -1.918  -11.619 12.771  1.00 45.05  ? 2   CYS D CA   1 
ATOM   780  C  C    . CYS D 1 2  ? -1.440  -10.279 12.237  1.00 43.12  ? 2   CYS D C    1 
ATOM   781  O  O    . CYS D 1 2  ? -0.261  -9.952  12.352  1.00 48.06  ? 2   CYS D O    1 
ATOM   782  C  CB   . CYS D 1 2  ? -2.538  -11.455 14.162  1.00 46.04  ? 2   CYS D CB   1 
ATOM   783  S  SG   . CYS D 1 2  ? -3.270  -12.984 14.795  1.00 55.79  ? 2   CYS D SG   1 
ATOM   784  H  H    . CYS D 1 2  ? -0.178  -12.343 13.348  1.00 60.26  ? 2   CYS D H    1 
ATOM   785  H  HA   . CYS D 1 2  ? -2.603  -11.955 12.172  1.00 54.06  ? 2   CYS D HA   1 
ATOM   786  H  HB2  . CYS D 1 2  ? -1.848  -11.173 14.783  1.00 55.25  ? 2   CYS D HB2  1 
ATOM   787  H  HB3  . CYS D 1 2  ? -3.238  -10.784 14.117  1.00 55.25  ? 2   CYS D HB3  1 
ATOM   788  N  N    . VAL D 1 3  ? -2.353  -9.510  11.649  1.00 38.49  ? 3   VAL D N    1 
ATOM   789  C  CA   . VAL D 1 3  ? -2.056  -8.172  11.146  1.00 45.37  ? 3   VAL D CA   1 
ATOM   790  C  C    . VAL D 1 3  ? -2.546  -7.156  12.160  1.00 48.44  ? 3   VAL D C    1 
ATOM   791  O  O    . VAL D 1 3  ? -3.730  -7.150  12.522  1.00 45.38  ? 3   VAL D O    1 
ATOM   792  C  CB   . VAL D 1 3  ? -2.715  -7.914  9.784   1.00 44.54  ? 3   VAL D CB   1 
ATOM   793  C  CG1  . VAL D 1 3  ? -2.425  -6.493  9.304   1.00 55.70  ? 3   VAL D CG1  1 
ATOM   794  C  CG2  . VAL D 1 3  ? -2.249  -8.924  8.778   1.00 57.48  ? 3   VAL D CG2  1 
ATOM   795  H  H    . VAL D 1 3  ? -3.171  -9.748  11.528  1.00 46.19  ? 3   VAL D H    1 
ATOM   796  H  HA   . VAL D 1 3  ? -1.096  -8.069  11.047  1.00 54.45  ? 3   VAL D HA   1 
ATOM   797  H  HB   . VAL D 1 3  ? -3.676  -8.007  9.877   1.00 53.44  ? 3   VAL D HB   1 
ATOM   798  H  HG11 . VAL D 1 3  ? -2.852  -6.357  8.444   1.00 66.84  ? 3   VAL D HG11 1 
ATOM   799  H  HG12 . VAL D 1 3  ? -2.777  -5.863  9.952   1.00 66.84  ? 3   VAL D HG12 1 
ATOM   800  H  HG13 . VAL D 1 3  ? -1.465  -6.379  9.219   1.00 66.84  ? 3   VAL D HG13 1 
ATOM   801  H  HG21 . VAL D 1 3  ? -2.678  -8.741  7.927   1.00 68.97  ? 3   VAL D HG21 1 
ATOM   802  H  HG22 . VAL D 1 3  ? -1.287  -8.854  8.684   1.00 68.97  ? 3   VAL D HG22 1 
ATOM   803  H  HG23 . VAL D 1 3  ? -2.490  -9.811  9.086   1.00 68.97  ? 3   VAL D HG23 1 
ATOM   804  N  N    . PHE D 1 4  ? -1.647  -6.285  12.598  1.00 42.63  ? 4   PHE D N    1 
ATOM   805  C  CA   . PHE D 1 4  ? -2.025  -5.162  13.461  1.00 40.27  ? 4   PHE D CA   1 
ATOM   806  C  C    . PHE D 1 4  ? -1.778  -3.846  12.722  1.00 45.74  ? 4   PHE D C    1 
ATOM   807  O  O    . PHE D 1 4  ? -0.826  -3.748  11.949  1.00 41.93  ? 4   PHE D O    1 
ATOM   808  C  CB   . PHE D 1 4  ? -1.249  -5.208  14.770  1.00 55.39  ? 4   PHE D CB   1 
ATOM   809  C  CG   . PHE D 1 4  ? -1.407  -6.507  15.515  1.00 82.84  ? 4   PHE D CG   1 
ATOM   810  C  CD1  . PHE D 1 4  ? -2.656  -7.101  15.637  1.00 95.62  ? 4   PHE D CD1  1 
ATOM   811  C  CD2  . PHE D 1 4  ? -0.309  -7.144  16.072  1.00 79.31  ? 4   PHE D CD2  1 
ATOM   812  C  CE1  . PHE D 1 4  ? -2.809  -8.296  16.311  1.00 99.29  ? 4   PHE D CE1  1 
ATOM   813  C  CE2  . PHE D 1 4  ? -0.456  -8.342  16.751  1.00 73.31  ? 4   PHE D CE2  1 
ATOM   814  C  CZ   . PHE D 1 4  ? -1.709  -8.917  16.869  1.00 87.16  ? 4   PHE D CZ   1 
ATOM   815  H  H    . PHE D 1 4  ? -0.808  -6.318  12.410  1.00 51.15  ? 4   PHE D H    1 
ATOM   816  H  HA   . PHE D 1 4  ? -2.972  -5.221  13.667  1.00 48.33  ? 4   PHE D HA   1 
ATOM   817  H  HB2  . PHE D 1 4  ? -0.305  -5.087  14.581  1.00 66.46  ? 4   PHE D HB2  1 
ATOM   818  H  HB3  . PHE D 1 4  ? -1.563  -4.495  15.348  1.00 66.46  ? 4   PHE D HB3  1 
ATOM   819  H  HD1  . PHE D 1 4  ? -3.400  -6.685  15.265  1.00 114.75 ? 4   PHE D HD1  1 
ATOM   820  H  HD2  . PHE D 1 4  ? 0.534   -6.759  15.995  1.00 95.17  ? 4   PHE D HD2  1 
ATOM   821  H  HE1  . PHE D 1 4  ? -3.652  -8.682  16.391  1.00 119.15 ? 4   PHE D HE1  1 
ATOM   822  H  HE2  . PHE D 1 4  ? 0.286   -8.760  17.125  1.00 87.97  ? 4   PHE D HE2  1 
ATOM   823  H  HZ   . PHE D 1 4  ? -1.810  -9.723  17.324  1.00 104.59 ? 4   PHE D HZ   1 
HETATM 824  C  C1   . MEA D 1 5  ? -3.363  -2.728  14.153  1.00 56.90  ? 5   MEA D C1   1 
HETATM 825  N  N    . MEA D 1 5  ? -2.641  -2.853  12.936  1.00 52.16  ? 5   MEA D N    1 
HETATM 826  C  CA   . MEA D 1 5  ? -2.467  -1.564  12.276  1.00 42.76  ? 5   MEA D CA   1 
HETATM 827  C  C    . MEA D 1 5  ? -1.860  -0.567  13.273  1.00 36.72  ? 5   MEA D C    1 
HETATM 828  O  O    . MEA D 1 5  ? -2.528  -0.154  14.246  1.00 40.28  ? 5   MEA D O    1 
HETATM 829  C  CB   . MEA D 1 5  ? -3.711  -1.039  11.718  1.00 40.74  ? 5   MEA D CB   1 
HETATM 830  C  CG   . MEA D 1 5  ? -4.307  -2.139  10.824  1.00 62.82  ? 5   MEA D CG   1 
HETATM 831  C  CD1  . MEA D 1 5  ? -5.198  -3.068  11.355  1.00 92.64  ? 5   MEA D CD1  1 
HETATM 832  C  CE1  . MEA D 1 5  ? -5.731  -4.067  10.544  1.00 110.66 ? 5   MEA D CE1  1 
HETATM 833  C  CZ   . MEA D 1 5  ? -5.370  -4.136  9.198   1.00 103.75 ? 5   MEA D CZ   1 
HETATM 834  C  CE2  . MEA D 1 5  ? -4.471  -3.203  8.662   1.00 80.25  ? 5   MEA D CE2  1 
HETATM 835  C  CD2  . MEA D 1 5  ? -3.939  -2.211  9.462   1.00 57.83  ? 5   MEA D CD2  1 
HETATM 836  H  HC1  . MEA D 1 5  ? -2.743  -2.450  14.880  1.00 68.27  ? 5   MEA D HC1  1 
HETATM 837  H  HC2  . MEA D 1 5  ? -4.068  -2.050  14.047  1.00 68.27  ? 5   MEA D HC2  1 
HETATM 838  H  HC3  . MEA D 1 5  ? -3.778  -3.605  14.387  1.00 68.27  ? 5   MEA D HC3  1 
HETATM 839  H  HA   . MEA D 1 5  ? -1.825  -1.685  11.533  1.00 51.32  ? 5   MEA D HA   1 
HETATM 840  H  HB1  . MEA D 1 5  ? -3.528  -0.232  11.183  1.00 48.88  ? 5   MEA D HB1  1 
HETATM 841  H  HB2  . MEA D 1 5  ? -4.338  -0.822  12.449  1.00 48.88  ? 5   MEA D HB2  1 
HETATM 842  H  HD1  . MEA D 1 5  ? -5.448  -3.018  12.292  1.00 111.16 ? 5   MEA D HD1  1 
HETATM 843  H  HE1  . MEA D 1 5  ? -6.364  -4.724  10.918  1.00 132.80 ? 5   MEA D HE1  1 
HETATM 844  H  HZ   . MEA D 1 5  ? -5.751  -4.846  8.618   1.00 124.50 ? 5   MEA D HZ   1 
HETATM 845  H  HE2  . MEA D 1 5  ? -4.225  -3.253  7.732   1.00 96.30  ? 5   MEA D HE2  1 
HETATM 846  H  HD2  . MEA D 1 5  ? -3.345  -1.677  8.895   1.00 69.40  ? 5   MEA D HD2  1 
ATOM   847  N  N    . CYS D 1 6  ? -0.612  -0.190  13.021  1.00 39.28  ? 6   CYS D N    1 
ATOM   848  C  CA   . CYS D 1 6  ? 0.144   0.634   13.953  1.00 44.70  ? 6   CYS D CA   1 
ATOM   849  C  C    . CYS D 1 6  ? 0.846   1.804   13.267  1.00 49.00  ? 6   CYS D C    1 
ATOM   850  O  O    . CYS D 1 6  ? 1.027   1.812   12.040  1.00 41.75  ? 6   CYS D O    1 
ATOM   851  C  CB   . CYS D 1 6  ? 1.171   -0.234  14.686  1.00 44.51  ? 6   CYS D CB   1 
ATOM   852  S  SG   . CYS D 1 6  ? 0.465   -1.773  15.360  1.00 43.44  ? 6   CYS D SG   1 
ATOM   853  H  H    . CYS D 1 6  ? -0.177  -0.401  12.310  1.00 47.13  ? 6   CYS D H    1 
ATOM   854  H  HA   . CYS D 1 6  ? -0.464  0.999   14.615  1.00 53.64  ? 6   CYS D HA   1 
ATOM   855  H  HB2  . CYS D 1 6  ? 1.878   -0.476  14.067  1.00 53.41  ? 6   CYS D HB2  1 
ATOM   856  H  HB3  . CYS D 1 6  ? 1.541   0.273   15.426  1.00 53.41  ? 6   CYS D HB3  1 
ATOM   857  N  N    . GLU D 1 7  ? 1.241   2.799   14.060  1.00 42.88  ? 7   GLU D N    1 
ATOM   858  C  CA   . GLU D 1 7  ? 1.959   3.956   13.543  1.00 43.46  ? 7   GLU D CA   1 
ATOM   859  C  C    . GLU D 1 7  ? 2.994   4.424   14.553  1.00 56.80  ? 7   GLU D C    1 
ATOM   860  O  O    . GLU D 1 7  ? 2.830   4.250   15.762  1.00 54.58  ? 7   GLU D O    1 
ATOM   861  C  CB   . GLU D 1 7  ? 1.022   5.137   13.203  1.00 59.76  ? 7   GLU D CB   1 
ATOM   862  C  CG   . GLU D 1 7  ? 0.046   5.558   14.312  1.00 63.36  ? 7   GLU D CG   1 
ATOM   863  C  CD   . GLU D 1 7  ? 0.671   6.467   15.375  1.00 70.92  ? 7   GLU D CD   1 
ATOM   864  O  OE1  . GLU D 1 7  ? 0.363   6.268   16.571  1.00 77.90  ? 7   GLU D OE1  1 
ATOM   865  O  OE2  . GLU D 1 7  ? 1.456   7.381   15.026  1.00 61.64  ? 7   GLU D OE2  1 
ATOM   866  H  H    . GLU D 1 7  ? 1.103   2.825   14.909  1.00 51.46  ? 7   GLU D H    1 
ATOM   867  H  HA   . GLU D 1 7  ? 2.425   3.700   12.731  1.00 52.15  ? 7   GLU D HA   1 
ATOM   868  H  HB2  . GLU D 1 7  ? 1.569   5.910   12.989  1.00 71.71  ? 7   GLU D HB2  1 
ATOM   869  H  HB3  . GLU D 1 7  ? 0.491   4.894   12.428  1.00 71.71  ? 7   GLU D HB3  1 
ATOM   870  H  HG2  . GLU D 1 7  ? -0.694  6.039   13.910  1.00 76.04  ? 7   GLU D HG2  1 
ATOM   871  H  HG3  . GLU D 1 7  ? -0.281  4.763   14.758  1.00 76.04  ? 7   GLU D HG3  1 
ATOM   872  N  N    . ASP D 1 8  ? 4.060   5.027   14.036  1.00 54.75  ? 8   ASP D N    1 
ATOM   873  C  CA   . ASP D 1 8  ? 5.066   5.677   14.865  1.00 64.91  ? 8   ASP D CA   1 
ATOM   874  C  C    . ASP D 1 8  ? 5.475   6.988   14.203  1.00 85.32  ? 8   ASP D C    1 
ATOM   875  O  O    . ASP D 1 8  ? 6.574   7.112   13.665  1.00 101.71 ? 8   ASP D O    1 
ATOM   876  C  CB   . ASP D 1 8  ? 6.278   4.766   15.067  1.00 75.48  ? 8   ASP D CB   1 
ATOM   877  C  CG   . ASP D 1 8  ? 7.147   5.201   16.233  1.00 99.21  ? 8   ASP D CG   1 
ATOM   878  O  OD1  . ASP D 1 8  ? 6.858   4.786   17.375  1.00 103.18 ? 8   ASP D OD1  1 
ATOM   879  O  OD2  . ASP D 1 8  ? 8.115   5.957   16.009  1.00 118.26 ? 8   ASP D OD2  1 
ATOM   880  H  H    . ASP D 1 8  ? 4.224   5.073   13.192  1.00 65.70  ? 8   ASP D H    1 
ATOM   881  H  HA   . ASP D 1 8  ? 4.687   5.878   15.735  1.00 77.90  ? 8   ASP D HA   1 
ATOM   882  H  HB2  . ASP D 1 8  ? 5.969   3.864   15.243  1.00 90.58  ? 8   ASP D HB2  1 
ATOM   883  H  HB3  . ASP D 1 8  ? 6.822   4.781   14.265  1.00 90.58  ? 8   ASP D HB3  1 
HETATM 884  N  N    . ORN D 1 9  ? 2.032   10.794  10.639  1.00 82.12  ? 9   ORN D N    1 
HETATM 885  C  CA   . ORN D 1 9  ? 2.564   9.461   11.010  1.00 69.28  ? 9   ORN D CA   1 
HETATM 886  C  CB   . ORN D 1 9  ? 2.476   9.242   12.533  1.00 71.45  ? 9   ORN D CB   1 
HETATM 887  C  CG   . ORN D 1 9  ? 3.500   10.052  13.353  1.00 77.66  ? 9   ORN D CG   1 
HETATM 888  C  CD   . ORN D 1 9  ? 4.804   9.279   13.621  1.00 79.68  ? 9   ORN D CD   1 
HETATM 889  N  NE   . ORN D 1 9  ? 4.537   7.994   14.228  1.00 71.59  ? 9   ORN D NE   1 
HETATM 890  C  C    . ORN D 1 9  ? 1.736   8.402   10.300  1.00 58.54  ? 9   ORN D C    1 
HETATM 891  O  O    . ORN D 1 9  ? 0.557   8.203   10.598  1.00 62.25  ? 9   ORN D O    1 
HETATM 892  H  H2   . ORN D 1 9  ? 2.664   11.562  10.875  1.00 98.55  ? 9   ORN D H2   1 
HETATM 893  H  H    . ORN D 1 9  ? 1.146   11.020  11.099  1.00 98.55  ? 9   ORN D H    1 
HETATM 894  H  HA   . ORN D 1 9  ? 3.587   9.412   10.627  1.00 83.14  ? 9   ORN D HA   1 
HETATM 895  H  HB2  . ORN D 1 9  ? 1.467   9.494   12.888  1.00 85.74  ? 9   ORN D HB2  1 
HETATM 896  H  HB3  . ORN D 1 9  ? 2.689   8.181   12.724  1.00 85.74  ? 9   ORN D HB3  1 
HETATM 897  H  HG2  . ORN D 1 9  ? 3.739   10.971  12.806  1.00 93.19  ? 9   ORN D HG2  1 
HETATM 898  H  HG3  . ORN D 1 9  ? 3.050   10.321  14.316  1.00 93.19  ? 9   ORN D HG3  1 
HETATM 899  H  HD2  . ORN D 1 9  ? 5.422   9.865   14.306  1.00 95.62  ? 9   ORN D HD2  1 
HETATM 900  H  HD3  . ORN D 1 9  ? 5.323   9.123   12.670  1.00 95.62  ? 9   ORN D HD3  1 
HETATM 901  H  HE1  . ORN D 1 9  ? 3.624   7.888   14.666  1.00 85.91  ? 9   ORN D HE1  1 
HETATM 902  H  HN3  . ORN D 1 9  ? 1.849   10.893  9.636   1.00 98.55  ? 9   ORN D HN3  1 
ATOM   903  N  N    . ALA D 1 10 ? 2.381   7.678   9.329   1.00 64.66  ? 10  ALA D N    1 
ATOM   904  C  CA   . ALA D 1 10 ? 1.694   6.625   8.575   1.00 55.22  ? 10  ALA D CA   1 
ATOM   905  C  C    . ALA D 1 10 ? 1.254   5.465   9.461   1.00 54.40  ? 10  ALA D C    1 
ATOM   906  O  O    . ALA D 1 10 ? 2.017   4.973   10.291  1.00 52.75  ? 10  ALA D O    1 
ATOM   907  C  CB   . ALA D 1 10 ? 2.587   6.117   7.464   1.00 54.67  ? 10  ALA D CB   1 
ATOM   908  H  H    . ALA D 1 10 ? 3.203   7.793   9.102   1.00 77.59  ? 10  ALA D H    1 
ATOM   909  H  HA   . ALA D 1 10 ? 0.900   7.003   8.167   1.00 66.26  ? 10  ALA D HA   1 
ATOM   910  H  HB1  . ALA D 1 10 ? 2.118   5.422   6.976   1.00 65.61  ? 10  ALA D HB1  1 
ATOM   911  H  HB2  . ALA D 1 10 ? 2.800   6.853   6.870   1.00 65.61  ? 10  ALA D HB2  1 
ATOM   912  H  HB3  . ALA D 1 10 ? 3.401   5.759   7.852   1.00 65.61  ? 10  ALA D HB3  1 
ATOM   913  N  N    . ILE D 1 11 ? 0.011   5.031   9.268   1.00 49.03  ? 11  ILE D N    1 
ATOM   914  C  CA   . ILE D 1 11 ? -0.514  3.814   9.879   1.00 48.74  ? 11  ILE D CA   1 
ATOM   915  C  C    . ILE D 1 11 ? -0.316  2.688   8.876   1.00 47.68  ? 11  ILE D C    1 
ATOM   916  O  O    . ILE D 1 11 ? -0.800  2.765   7.742   1.00 56.82  ? 11  ILE D O    1 
ATOM   917  C  CB   . ILE D 1 11 ? -1.995  3.963   10.260  1.00 56.51  ? 11  ILE D CB   1 
ATOM   918  C  CG1  . ILE D 1 11 ? -2.181  5.152   11.194  1.00 56.20  ? 11  ILE D CG1  1 
ATOM   919  C  CG2  . ILE D 1 11 ? -2.513  2.677   10.940  1.00 57.38  ? 11  ILE D CG2  1 
ATOM   920  C  CD1  . ILE D 1 11 ? -3.620  5.556   11.388  1.00 71.64  ? 11  ILE D CD1  1 
ATOM   921  H  H    . ILE D 1 11 ? -0.563  5.436   8.772   1.00 58.83  ? 11  ILE D H    1 
ATOM   922  H  HA   . ILE D 1 11 ? -0.007  3.607   10.680  1.00 58.49  ? 11  ILE D HA   1 
ATOM   923  H  HB   . ILE D 1 11 ? -2.510  4.116   9.453   1.00 67.82  ? 11  ILE D HB   1 
ATOM   924  H  HG12 . ILE D 1 11 ? -1.816  4.925   12.064  1.00 67.44  ? 11  ILE D HG12 1 
ATOM   925  H  HG13 . ILE D 1 11 ? -1.706  5.914   10.827  1.00 67.44  ? 11  ILE D HG13 1 
ATOM   926  H  HG21 . ILE D 1 11 ? -3.448  2.797   11.170  1.00 68.85  ? 11  ILE D HG21 1 
ATOM   927  H  HG22 . ILE D 1 11 ? -2.416  1.935   10.323  1.00 68.85  ? 11  ILE D HG22 1 
ATOM   928  H  HG23 . ILE D 1 11 ? -1.993  2.513   11.742  1.00 68.85  ? 11  ILE D HG23 1 
ATOM   929  H  HD11 . ILE D 1 11 ? -3.655  6.315   11.991  1.00 85.97  ? 11  ILE D HD11 1 
ATOM   930  H  HD12 . ILE D 1 11 ? -3.998  5.798   10.529  1.00 85.97  ? 11  ILE D HD12 1 
ATOM   931  H  HD13 . ILE D 1 11 ? -4.109  4.809   11.768  1.00 85.97  ? 11  ILE D HD13 1 
ATOM   932  N  N    . ILE D 1 12 ? 0.412   1.653   9.287   1.00 40.98  ? 12  ILE D N    1 
ATOM   933  C  CA   . ILE D 1 12 ? 0.748   0.537   8.418   1.00 43.01  ? 12  ILE D CA   1 
ATOM   934  C  C    . ILE D 1 12 ? 0.232   -0.744  9.052   1.00 47.72  ? 12  ILE D C    1 
ATOM   935  O  O    . ILE D 1 12 ? 0.017   -0.830  10.262  1.00 42.97  ? 12  ILE D O    1 
ATOM   936  C  CB   . ILE D 1 12 ? 2.266   0.440   8.166   1.00 46.06  ? 12  ILE D CB   1 
ATOM   937  C  CG1  . ILE D 1 12 ? 3.015   0.181   9.488   1.00 49.96  ? 12  ILE D CG1  1 
ATOM   938  C  CG2  . ILE D 1 12 ? 2.749   1.704   7.503   1.00 68.80  ? 12  ILE D CG2  1 
ATOM   939  C  CD1  . ILE D 1 12 ? 4.514   0.033   9.348   1.00 62.99  ? 12  ILE D CD1  1 
ATOM   940  H  H    . ILE D 1 12 ? 0.729   1.577   10.083  1.00 49.17  ? 12  ILE D H    1 
ATOM   941  H  HA   . ILE D 1 12 ? 0.305   0.653   7.563   1.00 51.61  ? 12  ILE D HA   1 
ATOM   942  H  HB   . ILE D 1 12 ? 2.433   -0.305  7.567   1.00 55.28  ? 12  ILE D HB   1 
ATOM   943  H  HG12 . ILE D 1 12 ? 2.849   0.925   10.089  1.00 59.95  ? 12  ILE D HG12 1 
ATOM   944  H  HG13 . ILE D 1 12 ? 2.674   -0.637  9.882   1.00 59.95  ? 12  ILE D HG13 1 
ATOM   945  H  HG21 . ILE D 1 12 ? 3.704   1.633   7.348   1.00 82.56  ? 12  ILE D HG21 1 
ATOM   946  H  HG22 . ILE D 1 12 ? 2.285   1.814   6.658   1.00 82.56  ? 12  ILE D HG22 1 
ATOM   947  H  HG23 . ILE D 1 12 ? 2.563   2.457   8.085   1.00 82.56  ? 12  ILE D HG23 1 
ATOM   948  H  HD11 . ILE D 1 12 ? 4.898   -0.126  10.224  1.00 75.59  ? 12  ILE D HD11 1 
ATOM   949  H  HD12 . ILE D 1 12 ? 4.702   -0.717  8.761   1.00 75.59  ? 12  ILE D HD12 1 
ATOM   950  H  HD13 . ILE D 1 12 ? 4.877   0.848   8.969   1.00 75.59  ? 12  ILE D HD13 1 
ATOM   951  N  N    . GLY D 1 13 ? 0.041   -1.757  8.208   1.00 45.78  ? 13  GLY D N    1 
ATOM   952  C  CA   . GLY D 1 13 ? -0.193  -3.102  8.699   1.00 46.10  ? 13  GLY D CA   1 
ATOM   953  C  C    . GLY D 1 13 ? 1.125   -3.759  9.046   1.00 53.39  ? 13  GLY D C    1 
ATOM   954  O  O    . GLY D 1 13 ? 2.096   -3.667  8.288   1.00 62.71  ? 13  GLY D O    1 
ATOM   955  H  H    . GLY D 1 13 ? 0.044   -1.687  7.350   1.00 54.93  ? 13  GLY D H    1 
ATOM   956  H  HA2  . GLY D 1 13 ? -0.751  -3.072  9.493   1.00 55.33  ? 13  GLY D HA2  1 
ATOM   957  H  HA3  . GLY D 1 13 ? -0.641  -3.629  8.019   1.00 55.33  ? 13  GLY D HA3  1 
ATOM   958  N  N    . LEU D 1 14 ? 1.175   -4.389  10.211  1.00 41.02  ? 14  LEU D N    1 
ATOM   959  C  CA   . LEU D 1 14 ? 2.347   -5.141  10.645  1.00 57.84  ? 14  LEU D CA   1 
ATOM   960  C  C    . LEU D 1 14 ? 1.952   -6.587  10.864  1.00 55.27  ? 14  LEU D C    1 
ATOM   961  O  O    . LEU D 1 14 ? 0.960   -6.856  11.550  1.00 47.45  ? 14  LEU D O    1 
ATOM   962  C  CB   . LEU D 1 14 ? 2.938   -4.565  11.936  1.00 54.40  ? 14  LEU D CB   1 
ATOM   963  C  CG   . LEU D 1 14 ? 3.567   -3.173  11.840  1.00 81.38  ? 14  LEU D CG   1 
ATOM   964  C  CD1  . LEU D 1 14 ? 4.017   -2.707  13.218  1.00 79.00  ? 14  LEU D CD1  1 
ATOM   965  C  CD2  . LEU D 1 14 ? 4.733   -3.166  10.857  1.00 85.75  ? 14  LEU D CD2  1 
ATOM   966  H  H    . LEU D 1 14 ? 0.530   -4.398  10.780  1.00 49.22  ? 14  LEU D H    1 
ATOM   967  H  HA   . LEU D 1 14 ? 3.026   -5.109  9.953   1.00 69.41  ? 14  LEU D HA   1 
ATOM   968  H  HB2  . LEU D 1 14 ? 2.230   -4.514  12.598  1.00 65.27  ? 14  LEU D HB2  1 
ATOM   969  H  HB3  . LEU D 1 14 ? 3.627   -5.170  12.250  1.00 65.27  ? 14  LEU D HB3  1 
ATOM   970  H  HG   . LEU D 1 14 ? 2.900   -2.548  11.515  1.00 97.66  ? 14  LEU D HG   1 
ATOM   971  H  HD11 . LEU D 1 14 ? 4.412   -1.825  13.139  1.00 94.80  ? 14  LEU D HD11 1 
ATOM   972  H  HD12 . LEU D 1 14 ? 3.246   -2.672  13.806  1.00 94.80  ? 14  LEU D HD12 1 
ATOM   973  H  HD13 . LEU D 1 14 ? 4.670   -3.333  13.566  1.00 94.80  ? 14  LEU D HD13 1 
ATOM   974  H  HD21 . LEU D 1 14 ? 5.109   -2.272  10.819  1.00 102.89 ? 14  LEU D HD21 1 
ATOM   975  H  HD22 . LEU D 1 14 ? 5.406   -3.795  11.161  1.00 102.89 ? 14  LEU D HD22 1 
ATOM   976  H  HD23 . LEU D 1 14 ? 4.409   -3.426  9.980   1.00 102.89 ? 14  LEU D HD23 1 
HETATM 977  N  N    . ORN D 1 15 ? 2.738   -7.493  10.276  1.00 48.89  ? 15  ORN D N    1 
HETATM 978  C  CA   . ORN D 1 15 ? 2.573   -8.797  10.399  1.00 53.67  ? 15  ORN D CA   1 
HETATM 979  C  CB   . ORN D 1 15 ? 2.713   -9.561  9.088   1.00 59.96  ? 15  ORN D CB   1 
HETATM 980  C  CG   . ORN D 1 15 ? 2.567   -11.068 9.252   1.00 63.69  ? 15  ORN D CG   1 
HETATM 981  C  CD   . ORN D 1 15 ? 3.589   -11.806 8.412   1.00 66.20  ? 15  ORN D CD   1 
HETATM 982  N  NE   . ORN D 1 15 ? 3.387   -11.563 7.022   1.00 56.37  ? 15  ORN D NE   1 
HETATM 983  C  C    . ORN D 1 15 ? 3.110   -9.311  11.531  1.00 52.09  ? 15  ORN D C    1 
HETATM 984  O  O    . ORN D 1 15 ? 4.328   -9.360  11.578  1.00 56.02  ? 15  ORN D O    1 
HETATM 985  H  H    . ORN D 1 15 ? 3.438   -7.225  9.753   1.00 58.67  ? 15  ORN D H    1 
HETATM 986  H  HA   . ORN D 1 15 ? 1.607   -8.939  10.496  1.00 64.40  ? 15  ORN D HA   1 
HETATM 987  H  HB2  . ORN D 1 15 ? 3.585   -9.358  8.694   1.00 71.95  ? 15  ORN D HB2  1 
HETATM 988  H  HB3  . ORN D 1 15 ? 2.014   -9.257  8.475   1.00 71.95  ? 15  ORN D HB3  1 
HETATM 989  H  HG2  . ORN D 1 15 ? 1.667   -11.339 8.984   1.00 76.43  ? 15  ORN D HG2  1 
HETATM 990  H  HG3  . ORN D 1 15 ? 2.706   -11.300 10.192  1.00 76.43  ? 15  ORN D HG3  1 
HETATM 991  H  HD2  . ORN D 1 15 ? 3.511   -12.768 8.584   1.00 79.44  ? 15  ORN D HD2  1 
HETATM 992  H  HD3  . ORN D 1 15 ? 4.488   -11.507 8.664   1.00 79.44  ? 15  ORN D HD3  1 
HETATM 993  H  HE1  . ORN D 1 15 ? 3.456   -10.663 6.855   1.00 67.65  ? 15  ORN D HE1  1 
HETATM 994  H  HE2  . ORN D 1 15 ? 4.023   -12.014 6.537   1.00 67.65  ? 15  ORN D HE2  1 
HETATM 995  H  HN3  . ORN D 1 15 ? 2.552   -11.856 6.778   1.00 67.65  ? 15  ORN D HN3  1 
ATOM   996  N  N    . VAL D 1 16 ? 2.347   -9.767  12.516  1.00 49.60  ? 16  VAL D N    1 
ATOM   997  C  CA   . VAL D 1 16 ? 2.908   -10.333 13.737  1.00 49.91  ? 16  VAL D CA   1 
ATOM   998  C  C    . VAL D 1 16 ? 2.623   -11.834 13.818  1.00 49.73  ? 16  VAL D C    1 
ATOM   999  O  O    . VAL D 1 16 ? 1.588   -12.261 14.339  1.00 62.58  ? 16  VAL D O    1 
ATOM   1000 C  CB   . VAL D 1 16 ? 2.362   -9.600  14.970  1.00 60.38  ? 16  VAL D CB   1 
ATOM   1001 C  CG1  . VAL D 1 16 ? 2.872   -10.235 16.255  1.00 58.61  ? 16  VAL D CG1  1 
ATOM   1002 C  CG2  . VAL D 1 16 ? 2.748   -8.128  14.904  1.00 66.62  ? 16  VAL D CG2  1 
ATOM   1003 H  H    . VAL D 1 16 ? 1.487   -9.748  12.503  1.00 59.53  ? 16  VAL D H    1 
ATOM   1004 H  HA   . VAL D 1 16 ? 3.871   -10.215 13.723  1.00 59.89  ? 16  VAL D HA   1 
ATOM   1005 H  HB   . VAL D 1 16 ? 1.393   -9.658  14.969  1.00 72.46  ? 16  VAL D HB   1 
ATOM   1006 H  HG11 . VAL D 1 16 ? 2.509   -9.750  17.011  1.00 70.34  ? 16  VAL D HG11 1 
ATOM   1007 H  HG12 . VAL D 1 16 ? 2.583   -11.160 16.285  1.00 70.34  ? 16  VAL D HG12 1 
ATOM   1008 H  HG13 . VAL D 1 16 ? 3.841   -10.191 16.265  1.00 70.34  ? 16  VAL D HG13 1 
ATOM   1009 H  HG21 . VAL D 1 16 ? 2.397   -7.675  15.687  1.00 79.95  ? 16  VAL D HG21 1 
ATOM   1010 H  HG22 . VAL D 1 16 ? 3.715   -8.055  14.884  1.00 79.95  ? 16  VAL D HG22 1 
ATOM   1011 H  HG23 . VAL D 1 16 ? 2.370   -7.738  14.100  1.00 79.95  ? 16  VAL D HG23 1 
HETATM 1012 NA NA   . NA  E 2 .  ? -1.175  0.571   -15.281 1.00 71.78  ? 101 NA  A NA   1 
HETATM 1013 O  O1   . HEZ F 3 .  ? 1.193   -14.482 -23.045 1.00 76.79  ? 102 HEZ A O1   1 
HETATM 1014 C  C1   . HEZ F 3 .  ? 2.332   -13.668 -22.908 1.00 83.04  ? 102 HEZ A C1   1 
HETATM 1015 C  C2   . HEZ F 3 .  ? 2.031   -12.489 -21.975 1.00 88.65  ? 102 HEZ A C2   1 
HETATM 1016 C  C3   . HEZ F 3 .  ? 3.261   -12.182 -21.117 1.00 89.31  ? 102 HEZ A C3   1 
HETATM 1017 C  C4   . HEZ F 3 .  ? 3.352   -10.689 -20.788 1.00 79.79  ? 102 HEZ A C4   1 
HETATM 1018 C  C5   . HEZ F 3 .  ? 4.765   -10.373 -20.293 1.00 85.43  ? 102 HEZ A C5   1 
HETATM 1019 C  C6   . HEZ F 3 .  ? 5.084   -8.890  -20.476 1.00 90.18  ? 102 HEZ A C6   1 
HETATM 1020 O  O6   . HEZ F 3 .  ? 6.447   -8.678  -20.214 1.00 87.62  ? 102 HEZ A O6   1 
HETATM 1021 H  HO1  . HEZ F 3 .  ? 1.069   -14.659 -23.867 1.00 92.15  ? 102 HEZ A HO1  1 
HETATM 1022 H  H11  . HEZ F 3 .  ? 3.058   -14.193 -22.537 1.00 99.65  ? 102 HEZ A H11  1 
HETATM 1023 H  H12  . HEZ F 3 .  ? 2.591   -13.329 -23.779 1.00 99.65  ? 102 HEZ A H12  1 
HETATM 1024 H  H21  . HEZ F 3 .  ? 1.804   -11.709 -22.504 1.00 106.38 ? 102 HEZ A H21  1 
HETATM 1025 H  H22  . HEZ F 3 .  ? 1.285   -12.715 -21.399 1.00 106.38 ? 102 HEZ A H22  1 
HETATM 1026 H  H31  . HEZ F 3 .  ? 3.205   -12.687 -20.289 1.00 107.17 ? 102 HEZ A H31  1 
HETATM 1027 H  H32  . HEZ F 3 .  ? 4.060   -12.451 -21.598 1.00 107.17 ? 102 HEZ A H32  1 
HETATM 1028 H  H41  . HEZ F 3 .  ? 3.164   -10.169 -21.586 1.00 95.75  ? 102 HEZ A H41  1 
HETATM 1029 H  H42  . HEZ F 3 .  ? 2.708   -10.469 -20.098 1.00 95.75  ? 102 HEZ A H42  1 
HETATM 1030 H  H51  . HEZ F 3 .  ? 4.831   -10.600 -19.352 1.00 102.51 ? 102 HEZ A H51  1 
HETATM 1031 H  H52  . HEZ F 3 .  ? 5.405   -10.902 -20.795 1.00 102.51 ? 102 HEZ A H52  1 
HETATM 1032 H  H61  . HEZ F 3 .  ? 4.884   -8.626  -21.387 1.00 108.21 ? 102 HEZ A H61  1 
HETATM 1033 H  H62  . HEZ F 3 .  ? 4.550   -8.365  -19.861 1.00 108.21 ? 102 HEZ A H62  1 
HETATM 1034 H  HO6  . HEZ F 3 .  ? 6.626   -7.850  -20.291 1.00 105.14 ? 102 HEZ A HO6  1 
HETATM 1035 O  O1   . HEZ G 3 .  ? 8.811   -7.937  -4.828  1.00 46.53  ? 103 HEZ A O1   1 
HETATM 1036 C  C1   . HEZ G 3 .  ? 7.927   -8.633  -5.665  1.00 51.71  ? 103 HEZ A C1   1 
HETATM 1037 C  C2   . HEZ G 3 .  ? 8.688   -9.605  -6.562  1.00 69.65  ? 103 HEZ A C2   1 
HETATM 1038 C  C3   . HEZ G 3 .  ? 9.315   -8.855  -7.736  1.00 66.34  ? 103 HEZ A C3   1 
HETATM 1039 C  C4   . HEZ G 3 .  ? 10.675  -8.303  -7.320  1.00 59.58  ? 103 HEZ A C4   1 
HETATM 1040 C  C5   . HEZ G 3 .  ? 11.343  -7.649  -8.527  1.00 61.13  ? 103 HEZ A C5   1 
HETATM 1041 C  C6   . HEZ G 3 .  ? 12.779  -7.274  -8.161  1.00 57.55  ? 103 HEZ A C6   1 
HETATM 1042 O  O6   . HEZ G 3 .  ? 12.754  -6.469  -7.009  1.00 53.61  ? 103 HEZ A O6   1 
HETATM 1043 H  HO1  . HEZ G 3 .  ? 8.854   -8.327  -4.074  1.00 55.83  ? 103 HEZ A HO1  1 
HETATM 1044 H  H11  . HEZ G 3 .  ? 7.295   -9.128  -5.121  1.00 62.06  ? 103 HEZ A H11  1 
HETATM 1045 H  H12  . HEZ G 3 .  ? 7.445   -7.998  -6.218  1.00 62.06  ? 103 HEZ A H12  1 
HETATM 1046 H  H21  . HEZ G 3 .  ? 9.386   -10.039 -6.048  1.00 83.58  ? 103 HEZ A H21  1 
HETATM 1047 H  H22  . HEZ G 3 .  ? 8.074   -10.276 -6.901  1.00 83.58  ? 103 HEZ A H22  1 
HETATM 1048 H  H31  . HEZ G 3 .  ? 9.427   -9.463  -8.484  1.00 79.61  ? 103 HEZ A H31  1 
HETATM 1049 H  H32  . HEZ G 3 .  ? 8.736   -8.123  -7.998  1.00 79.61  ? 103 HEZ A H32  1 
HETATM 1050 H  H41  . HEZ G 3 .  ? 10.556  -7.644  -6.619  1.00 71.49  ? 103 HEZ A H41  1 
HETATM 1051 H  H42  . HEZ G 3 .  ? 11.233  -9.026  -6.994  1.00 71.49  ? 103 HEZ A H42  1 
HETATM 1052 H  H51  . HEZ G 3 .  ? 10.852  -6.850  -8.776  1.00 73.35  ? 103 HEZ A H51  1 
HETATM 1053 H  H52  . HEZ G 3 .  ? 11.350  -8.270  -9.272  1.00 73.35  ? 103 HEZ A H52  1 
HETATM 1054 H  H61  . HEZ G 3 .  ? 13.291  -8.080  -7.985  1.00 69.07  ? 103 HEZ A H61  1 
HETATM 1055 H  H62  . HEZ G 3 .  ? 13.184  -6.783  -8.893  1.00 69.07  ? 103 HEZ A H62  1 
HETATM 1056 H  HO6  . HEZ G 3 .  ? 12.077  -5.956  -7.036  1.00 64.33  ? 103 HEZ A HO6  1 
HETATM 1057 CL CL   . CL  H 4 .  ? -0.595  8.324   18.287  1.00 77.17  ? 101 CL  C CL   1 
HETATM 1058 O  O1   . HEZ I 3 .  ? -11.805 2.351   -0.889  1.00 77.45  ? 102 HEZ C O1   1 
HETATM 1059 C  C1   . HEZ I 3 .  ? -10.563 1.710   -0.764  1.00 75.68  ? 102 HEZ C C1   1 
HETATM 1060 C  C2   . HEZ I 3 .  ? -9.442  2.750   -0.686  1.00 73.07  ? 102 HEZ C C2   1 
HETATM 1061 C  C3   . HEZ I 3 .  ? -9.216  3.181   0.766   1.00 72.67  ? 102 HEZ C C3   1 
HETATM 1062 C  C4   . HEZ I 3 .  ? -7.758  3.589   0.975   1.00 72.51  ? 102 HEZ C C4   1 
HETATM 1063 C  C5   . HEZ I 3 .  ? -7.123  2.608   1.958   1.00 62.60  ? 102 HEZ C C5   1 
HETATM 1064 C  C6   . HEZ I 3 .  ? -5.698  3.049   2.289   1.00 84.39  ? 102 HEZ C C6   1 
HETATM 1065 O  O6   . HEZ I 3 .  ? -4.922  1.922   2.599   1.00 87.43  ? 102 HEZ C O6   1 
HETATM 1066 H  HO1  . HEZ I 3 .  ? -12.428 1.798   -0.720  1.00 92.93  ? 102 HEZ C HO1  1 
HETATM 1067 H  H11  . HEZ I 3 .  ? -10.559 1.172   0.043   1.00 90.82  ? 102 HEZ C H11  1 
HETATM 1068 H  H12  . HEZ I 3 .  ? -10.419 1.138   -1.534  1.00 90.82  ? 102 HEZ C H12  1 
HETATM 1069 H  H21  . HEZ I 3 .  ? -8.624  2.366   -1.038  1.00 87.68  ? 102 HEZ C H21  1 
HETATM 1070 H  H22  . HEZ I 3 .  ? -9.686  3.525   -1.217  1.00 87.68  ? 102 HEZ C H22  1 
HETATM 1071 H  H31  . HEZ I 3 .  ? -9.791  3.935   0.970   1.00 87.20  ? 102 HEZ C H31  1 
HETATM 1072 H  H32  . HEZ I 3 .  ? -9.431  2.444   1.356   1.00 87.20  ? 102 HEZ C H32  1 
HETATM 1073 H  H41  . HEZ I 3 .  ? -7.283  3.557   0.130   1.00 87.02  ? 102 HEZ C H41  1 
HETATM 1074 H  H42  . HEZ I 3 .  ? -7.718  4.488   1.339   1.00 87.02  ? 102 HEZ C H42  1 
HETATM 1075 H  H51  . HEZ I 3 .  ? -7.649  2.583   2.772   1.00 75.12  ? 102 HEZ C H51  1 
HETATM 1076 H  H52  . HEZ I 3 .  ? -7.101  1.724   1.561   1.00 75.12  ? 102 HEZ C H52  1 
HETATM 1077 H  H61  . HEZ I 3 .  ? -5.314  3.505   1.523   1.00 101.27 ? 102 HEZ C H61  1 
HETATM 1078 H  H62  . HEZ I 3 .  ? -5.714  3.650   3.049   1.00 101.27 ? 102 HEZ C H62  1 
HETATM 1079 H  HO6  . HEZ I 3 .  ? -4.814  1.875   3.441   1.00 104.92 ? 102 HEZ C HO6  1 
HETATM 1080 O  O1   . HEZ J 3 .  ? -6.609  5.247   -7.613  1.00 64.21  ? 103 HEZ C O1   1 
HETATM 1081 C  C1   . HEZ J 3 .  ? -7.104  4.108   -6.963  1.00 60.42  ? 103 HEZ C C1   1 
HETATM 1082 C  C2   . HEZ J 3 .  ? -7.937  4.546   -5.757  1.00 56.90  ? 103 HEZ C C2   1 
HETATM 1083 C  C3   . HEZ J 3 .  ? -7.014  5.105   -4.678  1.00 69.74  ? 103 HEZ C C3   1 
HETATM 1084 C  C4   . HEZ J 3 .  ? -7.079  6.628   -4.697  1.00 70.52  ? 103 HEZ C C4   1 
HETATM 1085 C  C5   . HEZ J 3 .  ? -6.132  7.209   -3.649  1.00 67.26  ? 103 HEZ C C5   1 
HETATM 1086 C  C6   . HEZ J 3 .  ? -6.123  8.732   -3.789  1.00 66.50  ? 103 HEZ C C6   1 
HETATM 1087 O  O6   . HEZ J 3 .  ? -5.627  9.079   -5.056  1.00 58.92  ? 103 HEZ C O6   1 
HETATM 1088 H  HO1  . HEZ J 3 .  ? -5.828  5.088   -7.908  1.00 77.05  ? 103 HEZ C HO1  1 
HETATM 1089 H  H11  . HEZ J 3 .  ? -6.364  3.557   -6.664  1.00 72.51  ? 103 HEZ C H11  1 
HETATM 1090 H  H12  . HEZ J 3 .  ? -7.661  3.600   -7.575  1.00 72.51  ? 103 HEZ C H12  1 
HETATM 1091 H  H21  . HEZ J 3 .  ? -8.567  5.231   -6.031  1.00 68.28  ? 103 HEZ C H21  1 
HETATM 1092 H  H22  . HEZ J 3 .  ? -8.422  3.783   -5.404  1.00 68.28  ? 103 HEZ C H22  1 
HETATM 1093 H  H31  . HEZ J 3 .  ? -7.295  4.780   -3.810  1.00 83.69  ? 103 HEZ C H31  1 
HETATM 1094 H  H32  . HEZ J 3 .  ? -6.103  4.818   -4.851  1.00 83.69  ? 103 HEZ C H32  1 
HETATM 1095 H  H41  . HEZ J 3 .  ? -6.823  6.949   -5.576  1.00 84.63  ? 103 HEZ C H41  1 
HETATM 1096 H  H42  . HEZ J 3 .  ? -7.986  6.912   -4.503  1.00 84.63  ? 103 HEZ C H42  1 
HETATM 1097 H  H51  . HEZ J 3 .  ? -5.236  6.863   -3.791  1.00 80.71  ? 103 HEZ C H51  1 
HETATM 1098 H  H52  . HEZ J 3 .  ? -6.437  6.965   -2.762  1.00 80.71  ? 103 HEZ C H52  1 
HETATM 1099 H  H61  . HEZ J 3 .  ? -5.555  9.118   -3.104  1.00 79.80  ? 103 HEZ C H61  1 
HETATM 1100 H  H62  . HEZ J 3 .  ? -7.026  9.072   -3.691  1.00 79.80  ? 103 HEZ C H62  1 
HETATM 1101 H  HO6  . HEZ J 3 .  ? -5.050  9.697   -4.976  1.00 70.70  ? 103 HEZ C HO6  1 
HETATM 1102 CL CL   . CL  K 4 .  ? -2.555  -17.363 13.772  1.00 121.60 ? 101 CL  D CL   1 
HETATM 1103 NA NA   . NA  L 2 .  ? 2.429   -15.177 7.157   1.00 56.52  ? 102 NA  D NA   1 
HETATM 1104 O  O    . HOH M 5 .  ? 1.377   1.165   -21.216 1.00 57.33  ? 201 HOH A O    1 
HETATM 1105 O  O    . HOH M 5 .  ? 7.969   -5.332  -20.616 1.00 84.30  ? 202 HOH A O    1 
HETATM 1106 O  O    . HOH M 5 .  ? 8.401   -3.063  -3.414  1.00 53.25  ? 203 HOH A O    1 
HETATM 1107 O  O    . HOH M 5 .  ? -2.178  -1.005  -27.255 1.00 58.13  ? 204 HOH A O    1 
HETATM 1108 O  O    . HOH M 5 .  ? 5.777   -1.706  -4.346  1.00 44.57  ? 205 HOH A O    1 
HETATM 1109 O  O    . HOH M 5 .  ? -3.973  -0.530  -25.995 1.00 79.37  ? 206 HOH A O    1 
HETATM 1110 O  O    . HOH M 5 .  ? 3.496   0.129   -6.760  1.00 61.74  ? 207 HOH A O    1 
HETATM 1111 O  O    . HOH M 5 .  ? 2.435   2.182   -19.095 1.00 66.82  ? 208 HOH A O    1 
HETATM 1112 O  O    . HOH N 5 .  ? 4.215   -6.559  7.848   1.00 58.60  ? 101 HOH B O    1 
HETATM 1113 O  O    . HOH N 5 .  ? -4.804  -0.289  -13.621 1.00 90.39  ? 102 HOH B O    1 
HETATM 1114 O  O    . HOH N 5 .  ? -9.424  1.503   -12.684 1.00 62.64  ? 103 HOH B O    1 
HETATM 1115 O  O    . HOH N 5 .  ? 9.038   -5.916  -1.093  1.00 59.28  ? 104 HOH B O    1 
HETATM 1116 O  O    . HOH N 5 .  ? 5.657   -6.606  10.182  1.00 66.81  ? 105 HOH B O    1 
HETATM 1117 O  O    . HOH N 5 .  ? -0.062  3.278   -12.124 1.00 64.32  ? 106 HOH B O    1 
HETATM 1118 O  O    . HOH N 5 .  ? -0.720  4.652   -10.159 1.00 75.61  ? 107 HOH B O    1 
HETATM 1119 O  O    . HOH N 5 .  ? 8.643   -3.647  9.814   1.00 77.79  ? 108 HOH B O    1 
HETATM 1120 O  O    . HOH N 5 .  ? -7.518  0.993   -13.899 1.00 77.45  ? 109 HOH B O    1 
HETATM 1121 O  O    . HOH N 5 .  ? 7.855   -8.335  0.436   1.00 57.37  ? 110 HOH B O    1 
HETATM 1122 O  O    . HOH N 5 .  ? -5.743  -2.469  -12.529 1.00 62.35  ? 111 HOH B O    1 
HETATM 1123 O  O    . HOH N 5 .  ? -5.998  2.869   -15.011 1.00 61.82  ? 112 HOH B O    1 
HETATM 1124 O  O    . HOH N 5 .  ? 7.889   -5.937  11.053  1.00 77.19  ? 113 HOH B O    1 
HETATM 1125 O  O    . HOH N 5 .  ? 10.803  -1.271  -3.062  1.00 70.76  ? 114 HOH B O    1 
HETATM 1126 O  O    . HOH O 5 .  ? 2.079   8.356   -2.106  1.00 53.35  ? 201 HOH C O    1 
HETATM 1127 O  O    . HOH O 5 .  ? -0.481  12.088  16.029  1.00 57.96  ? 202 HOH C O    1 
HETATM 1128 O  O    . HOH O 5 .  ? 1.892   2.034   -6.657  1.00 77.49  ? 203 HOH C O    1 
HETATM 1129 O  O    . HOH O 5 .  ? -1.965  1.896   3.720   1.00 69.66  ? 204 HOH C O    1 
HETATM 1130 O  O    . HOH O 5 .  ? 4.793   5.772   -3.299  1.00 69.91  ? 205 HOH C O    1 
HETATM 1131 O  O    . HOH O 5 .  ? 1.307   12.022  14.013  1.00 73.48  ? 206 HOH C O    1 
HETATM 1132 O  O    . HOH O 5 .  ? -10.648 -1.202  -0.119  1.00 76.39  ? 207 HOH C O    1 
HETATM 1133 O  O    . HOH P 5 .  ? 2.855   8.286   16.928  1.00 63.75  ? 201 HOH D O    1 
HETATM 1134 O  O    . HOH P 5 .  ? 4.638   5.439   11.123  1.00 55.17  ? 202 HOH D O    1 
HETATM 1135 O  O    . HOH P 5 .  ? 6.608   -12.475 13.409  1.00 65.84  ? 203 HOH D O    1 
HETATM 1136 O  O    . HOH P 5 .  ? -3.444  2.002   5.964   1.00 68.47  ? 204 HOH D O    1 
HETATM 1137 O  O    . HOH P 5 .  ? -0.367  -12.475 17.119  1.00 67.26  ? 205 HOH D O    1 
HETATM 1138 O  O    . HOH P 5 .  ? 4.788   -15.616 7.163   1.00 98.75  ? 206 HOH D O    1 
# 
loop_
_atom_site_anisotrop.id 
_atom_site_anisotrop.type_symbol 
_atom_site_anisotrop.pdbx_label_atom_id 
_atom_site_anisotrop.pdbx_label_alt_id 
_atom_site_anisotrop.pdbx_label_comp_id 
_atom_site_anisotrop.pdbx_label_asym_id 
_atom_site_anisotrop.pdbx_label_seq_id 
_atom_site_anisotrop.pdbx_PDB_ins_code 
_atom_site_anisotrop.U[1][1] 
_atom_site_anisotrop.U[2][2] 
_atom_site_anisotrop.U[3][3] 
_atom_site_anisotrop.U[1][2] 
_atom_site_anisotrop.U[1][3] 
_atom_site_anisotrop.U[2][3] 
_atom_site_anisotrop.pdbx_auth_seq_id 
_atom_site_anisotrop.pdbx_auth_comp_id 
_atom_site_anisotrop.pdbx_auth_asym_id 
_atom_site_anisotrop.pdbx_auth_atom_id 
1    N N   . ORN A 1  ? 0.3816 0.5373 0.3161 -0.0733 0.0048  -0.0445 1  ORN A N   
2    C CA  . ORN A 1  ? 0.3955 0.5299 0.3312 -0.0580 0.0161  -0.0514 1  ORN A CA  
3    C CB  . ORN A 1  ? 0.3893 0.4967 0.3227 -0.0710 0.0099  -0.0513 1  ORN A CB  
4    C CG  . ORN A 1  ? 0.4482 0.5118 0.3314 -0.0854 -0.0022 -0.0639 1  ORN A CG  
5    C CD  . ORN A 1  ? 0.5329 0.5554 0.3724 -0.0620 0.0138  -0.0832 1  ORN A CD  
6    N NE  . ORN A 1  ? 0.4590 0.4748 0.3195 -0.0494 0.0240  -0.0822 1  ORN A NE  
7    C C   . ORN A 1  ? 0.4340 0.5902 0.4042 -0.0484 0.0229  -0.0405 1  ORN A C   
8    O O   . ORN A 1  ? 0.4187 0.6001 0.4134 -0.0526 0.0216  -0.0274 1  ORN A O   
20   N N   . CYS A 2  ? 0.3926 0.5302 0.3572 -0.0361 0.0296  -0.0447 2  CYS A N   
21   C CA  . CYS A 2  ? 0.3734 0.5092 0.3479 -0.0316 0.0310  -0.0367 2  CYS A CA  
22   C C   . CYS A 2  ? 0.4184 0.5234 0.3841 -0.0291 0.0366  -0.0392 2  CYS A C   
23   O O   . CYS A 2  ? 0.4530 0.5440 0.4108 -0.0289 0.0380  -0.0462 2  CYS A O   
24   C CB  . CYS A 2  ? 0.4332 0.5796 0.4084 -0.0249 0.0265  -0.0308 2  CYS A CB  
25   S SG  . CYS A 2  ? 0.4287 0.6177 0.4222 -0.0259 0.0210  -0.0190 2  CYS A SG  
30   N N   . VAL A 3  ? 0.4196 0.5063 0.3790 -0.0263 0.0410  -0.0328 3  VAL A N   
31   C CA  . VAL A 3  ? 0.4902 0.5448 0.4334 -0.0212 0.0488  -0.0327 3  VAL A CA  
32   C C   . VAL A 3  ? 0.4796 0.5139 0.3989 -0.0208 0.0394  -0.0338 3  VAL A C   
33   O O   . VAL A 3  ? 0.4823 0.5074 0.3872 -0.0253 0.0298  -0.0291 3  VAL A O   
34   C CB  . VAL A 3  ? 0.5729 0.6100 0.5117 -0.0142 0.0650  -0.0212 3  VAL A CB  
35   C CG1 . VAL A 3  ? 0.6273 0.6292 0.5431 -0.0052 0.0769  -0.0187 3  VAL A CG1 
36   C CG2 . VAL A 3  ? 0.5003 0.5726 0.4781 -0.0184 0.0700  -0.0079 3  VAL A CG2 
46   N N   . PHE A 4  ? 0.5619 0.5885 0.4783 -0.0182 0.0391  -0.0360 4  PHE A N   
47   C CA  . PHE A 4  ? 0.5280 0.5406 0.4278 -0.0207 0.0276  -0.0290 4  PHE A CA  
48   C C   . PHE A 4  ? 0.5221 0.4951 0.3919 -0.0187 0.0333  -0.0286 4  PHE A C   
49   O O   . PHE A 4  ? 0.5068 0.4770 0.3851 -0.0120 0.0478  -0.0319 4  PHE A O   
50   C CB  . PHE A 4  ? 0.5607 0.5994 0.4841 -0.0153 0.0258  -0.0241 4  PHE A CB  
51   C CG  . PHE A 4  ? 0.6311 0.7061 0.5763 -0.0127 0.0231  -0.0180 4  PHE A CG  
52   C CD1 . PHE A 4  ? 0.5172 0.6041 0.4687 -0.0071 0.0336  -0.0296 4  PHE A CD1 
53   C CD2 . PHE A 4  ? 1.0432 1.1398 1.0007 -0.0180 0.0079  0.0039  4  PHE A CD2 
54   C CE1 . PHE A 4  ? 0.7568 0.8744 0.7213 -0.0015 0.0346  -0.0226 4  PHE A CE1 
55   C CE2 . PHE A 4  ? 1.3123 1.4486 1.2956 -0.0126 0.0086  0.0160  4  PHE A CE2 
56   C CZ  . PHE A 4  ? 1.0576 1.2034 1.0417 -0.0017 0.0249  0.0011  4  PHE A CZ  
66   C C1  . MEA A 5  ? 0.6122 0.5571 0.4378 -0.0421 -0.0060 -0.0093 5  MEA A C1  
67   N N   . MEA A 5  ? 0.5358 0.4764 0.3676 -0.0269 0.0195  -0.0214 5  MEA A N   
68   C CA  . MEA A 5  ? 0.5516 0.4483 0.3427 -0.0241 0.0257  -0.0205 5  MEA A CA  
69   C C   . MEA A 5  ? 0.5187 0.4230 0.3146 -0.0316 0.0094  -0.0084 5  MEA A C   
70   O O   . MEA A 5  ? 0.6115 0.5051 0.3859 -0.0487 -0.0168 0.0055  5  MEA A O   
71   C CB  . MEA A 5  ? 0.6902 0.5236 0.4129 -0.0269 0.0252  -0.0217 5  MEA A CB  
72   C CG  . MEA A 5  ? 1.0108 0.8406 0.7380 -0.0124 0.0497  -0.0268 5  MEA A CG  
73   C CD1 . MEA A 5  ? 1.4369 1.2667 1.1628 -0.0184 0.0418  -0.0280 5  MEA A CD1 
74   C CE1 . MEA A 5  ? 1.5643 1.3959 1.3012 -0.0038 0.0657  -0.0268 5  MEA A CE1 
75   C CZ  . MEA A 5  ? 1.2913 1.1303 1.0459 0.0159  0.0966  -0.0194 5  MEA A CZ  
76   C CE2 . MEA A 5  ? 1.0031 0.8433 0.7604 0.0201  0.1027  -0.0170 5  MEA A CE2 
77   C CD2 . MEA A 5  ? 0.7887 0.6214 0.5297 0.0067  0.0801  -0.0233 5  MEA A CD2 
89   N N   . CYS A 6  ? 0.5619 0.4824 0.3856 -0.0213 0.0223  -0.0089 6  CYS A N   
90   C CA  . CYS A 6  ? 0.5444 0.4810 0.3861 -0.0235 0.0122  0.0066  6  CYS A CA  
91   C C   . CYS A 6  ? 0.5476 0.4625 0.3758 -0.0183 0.0215  0.0089  6  CYS A C   
92   O O   . CYS A 6  ? 0.5768 0.4776 0.4005 -0.0090 0.0407  -0.0006 6  CYS A O   
93   C CB  . CYS A 6  ? 0.5442 0.5235 0.4387 -0.0122 0.0204  0.0077  6  CYS A CB  
94   S SG  . CYS A 6  ? 0.6108 0.6206 0.5235 -0.0133 0.0164  0.0051  6  CYS A SG  
99   N N   . GLU A 7  ? 0.5143 0.4325 0.3423 -0.0252 0.0069  0.0283  7  GLU A N   
100  C CA  . GLU A 7  ? 0.5931 0.4942 0.4100 -0.0213 0.0137  0.0348  7  GLU A CA  
101  C C   . GLU A 7  ? 0.8487 0.7851 0.7154 -0.0161 0.0118  0.0543  7  GLU A C   
102  O O   . GLU A 7  ? 0.7400 0.7084 0.6351 -0.0200 -0.0015 0.0739  7  GLU A O   
103  C CB  . GLU A 7  ? 0.8576 0.7105 0.6030 -0.0363 -0.0026 0.0430  7  GLU A CB  
104  C CG  . GLU A 7  ? 0.9558 0.8076 0.6814 -0.0620 -0.0398 0.0627  7  GLU A CG  
105  C CD  . GLU A 7  ? 1.0346 0.9200 0.7939 -0.0721 -0.0593 0.0964  7  GLU A CD  
106  O OE1 . GLU A 7  ? 0.8483 0.7629 0.6298 -0.0905 -0.0881 0.1238  7  GLU A OE1 
107  O OE2 . GLU A 7  ? 0.9997 0.8863 0.7686 -0.0619 -0.0465 0.1014  7  GLU A OE2 
114  N N   . ASP A 8  ? 0.8053 0.7359 0.6852 -0.0054 0.0272  0.0542  8  ASP A N   
115  C CA  . ASP A 8  ? 1.0076 0.9609 0.9298 0.0038  0.0307  0.0742  8  ASP A CA  
116  C C   . ASP A 8  ? 1.0553 0.9929 0.9641 0.0014  0.0301  0.0874  8  ASP A C   
117  O O   . ASP A 8  ? 1.3551 1.2854 1.2827 0.0128  0.0470  0.0833  8  ASP A O   
118  C CB  . ASP A 8  ? 1.2855 1.2406 1.2401 0.0222  0.0529  0.0590  8  ASP A CB  
119  C CG  . ASP A 8  ? 1.5192 1.4940 1.5124 0.0391  0.0621  0.0807  8  ASP A CG  
120  O OD1 . ASP A 8  ? 1.7510 1.7419 1.7610 0.0382  0.0552  0.1110  8  ASP A OD1 
121  O OD2 . ASP A 8  ? 1.5512 1.5229 1.5548 0.0550  0.0782  0.0705  8  ASP A OD2 
126  N N   . ORN A 9  ? 1.1326 0.8665 0.7208 -0.0268 0.0197  0.0891  9  ORN A N   
127  C CA  . ORN A 9  ? 0.9454 0.7278 0.6176 -0.0105 0.0404  0.0758  9  ORN A CA  
128  C CB  . ORN A 9  ? 0.7455 0.5772 0.4825 -0.0199 0.0209  0.0803  9  ORN A CB  
129  C CG  . ORN A 9  ? 0.9444 0.8000 0.7043 -0.0311 -0.0004 0.1101  9  ORN A CG  
130  C CD  . ORN A 9  ? 1.1109 1.0203 0.9569 -0.0207 0.0045  0.1206  9  ORN A CD  
131  N NE  . ORN A 9  ? 1.0800 1.0066 0.9489 -0.0169 0.0070  0.1055  9  ORN A NE  
132  C C   . ORN A 9  ? 0.8315 0.5895 0.4759 -0.0002 0.0587  0.0558  9  ORN A C   
133  O O   . ORN A 9  ? 0.9499 0.6541 0.5156 -0.0053 0.0540  0.0493  9  ORN A O   
145  N N   . ALA A 10 ? 0.8097 0.6042 0.5186 0.0130  0.0787  0.0484  10 ALA A N   
146  C CA  . ALA A 10 ? 0.7914 0.5764 0.4911 0.0230  0.0964  0.0374  10 ALA A CA  
147  C C   . ALA A 10 ? 0.8462 0.6439 0.5555 0.0106  0.0770  0.0235  10 ALA A C   
148  O O   . ALA A 10 ? 0.6930 0.5283 0.4507 0.0020  0.0610  0.0231  10 ALA A O   
149  C CB  . ALA A 10 ? 0.8208 0.6424 0.5858 0.0347  0.1176  0.0435  10 ALA A CB  
155  N N   . ILE A 11 ? 0.7462 0.5094 0.4075 0.0126  0.0817  0.0153  11 ILE A N   
156  C CA  . ILE A 11 ? 0.7158 0.4957 0.3941 0.0035  0.0683  0.0045  11 ILE A CA  
157  C C   . ILE A 11 ? 0.6641 0.4729 0.3881 0.0172  0.0915  0.0010  11 ILE A C   
158  O O   . ILE A 11 ? 0.7686 0.5529 0.4683 0.0340  0.1180  0.0070  11 ILE A O   
159  C CB  . ILE A 11 ? 0.8389 0.5579 0.4352 -0.0067 0.0546  -0.0002 11 ILE A CB  
160  C CG1 . ILE A 11 ? 1.0149 0.6982 0.5561 -0.0274 0.0251  0.0098  11 ILE A CG1 
161  C CG2 . ILE A 11 ? 0.8284 0.5738 0.4536 -0.0181 0.0379  -0.0070 11 ILE A CG2 
162  C CD1 . ILE A 11 ? 1.0596 0.6523 0.4891 -0.0402 0.0108  0.0055  11 ILE A CD1 
174  N N   . ILE A 12 ? 0.6030 0.4607 0.3885 0.0107  0.0824  -0.0043 12 ILE A N   
175  C CA  . ILE A 12 ? 0.6181 0.5084 0.4531 0.0151  0.0949  -0.0034 12 ILE A CA  
176  C C   . ILE A 12 ? 0.5929 0.5015 0.4396 0.0088  0.0859  -0.0133 12 ILE A C   
177  O O   . ILE A 12 ? 0.6091 0.5289 0.4591 0.0001  0.0679  -0.0207 12 ILE A O   
178  C CB  . ILE A 12 ? 0.7325 0.6479 0.6132 0.0101  0.0897  -0.0023 12 ILE A CB  
179  C CG1 . ILE A 12 ? 1.1724 1.0737 1.0477 0.0163  0.0991  0.0114  12 ILE A CG1 
180  C CG2 . ILE A 12 ? 0.8585 0.7997 0.7803 0.0044  0.0912  -0.0001 12 ILE A CG2 
181  C CD1 . ILE A 12 ? 1.4738 1.3858 1.3837 0.0109  0.0915  0.0122  12 ILE A CD1 
193  N N   . GLY A 13 ? 0.6152 0.5316 0.4732 0.0147  0.1001  -0.0073 13 GLY A N   
194  C CA  . GLY A 13 ? 0.6135 0.5574 0.4953 0.0074  0.0919  -0.0133 13 GLY A CA  
195  C C   . GLY A 13 ? 0.5146 0.4914 0.4378 -0.0038 0.0805  -0.0177 13 GLY A C   
196  O O   . GLY A 13 ? 0.6125 0.5974 0.5599 -0.0070 0.0838  -0.0076 13 GLY A O   
200  N N   . LEU A 14 ? 0.4627 0.4517 0.3875 -0.0099 0.0666  -0.0304 14 LEU A N   
201  C CA  . LEU A 14 ? 0.5120 0.5123 0.4524 -0.0172 0.0586  -0.0383 14 LEU A CA  
202  C C   . LEU A 14 ? 0.4551 0.4774 0.4043 -0.0246 0.0526  -0.0415 14 LEU A C   
203  O O   . LEU A 14 ? 0.4650 0.4986 0.4094 -0.0213 0.0505  -0.0435 14 LEU A O   
204  C CB  . LEU A 14 ? 0.5150 0.5076 0.4454 -0.0107 0.0552  -0.0456 14 LEU A CB  
205  C CG  . LEU A 14 ? 0.7493 0.7247 0.6740 -0.0048 0.0583  -0.0393 14 LEU A CG  
206  C CD1 . LEU A 14 ? 0.6030 0.5836 0.5290 0.0037  0.0561  -0.0358 14 LEU A CD1 
207  C CD2 . LEU A 14 ? 0.6943 0.6538 0.6271 -0.0082 0.0620  -0.0382 14 LEU A CD2 
238  N N   . VAL A 16 ? 0.4719 0.5141 0.4001 -0.0350 0.0368  -0.0628 16 VAL A N   
239  C CA  . VAL A 16 ? 0.4374 0.4659 0.3382 -0.0236 0.0417  -0.0733 16 VAL A CA  
240  C C   . VAL A 16 ? 0.4154 0.4594 0.3054 -0.0304 0.0362  -0.0752 16 VAL A C   
241  O O   . VAL A 16 ? 0.4274 0.5052 0.3331 -0.0229 0.0390  -0.0681 16 VAL A O   
242  C CB  . VAL A 16 ? 0.4391 0.4826 0.3515 -0.0038 0.0515  -0.0654 16 VAL A CB  
243  C CG1 . VAL A 16 ? 0.5523 0.5837 0.4429 0.0162  0.0658  -0.0672 16 VAL A CG1 
244  C CG2 . VAL A 16 ? 0.4479 0.4784 0.3695 -0.0021 0.0526  -0.0604 16 VAL A CG2 
254  N N   . ORN B 1  ? 0.6213 0.7170 0.5194 0.0906  0.0689  0.1431  1  ORN B N   
255  C CA  . ORN B 1  ? 0.7241 0.7905 0.6323 0.0724  0.0535  0.1039  1  ORN B CA  
256  C CB  . ORN B 1  ? 0.7130 0.7123 0.5791 0.0736  0.0668  0.0772  1  ORN B CB  
257  C CG  . ORN B 1  ? 0.7200 0.7146 0.5690 0.0541  0.0660  0.0555  1  ORN B CG  
258  C CD  . ORN B 1  ? 0.6833 0.7081 0.5616 0.0319  0.0462  0.0250  1  ORN B CD  
259  N NE  . ORN B 1  ? 0.7852 0.7941 0.6713 0.0276  0.0410  0.0067  1  ORN B NE  
260  C C   . ORN B 1  ? 0.7409 0.8215 0.6755 0.0830  0.0486  0.1234  1  ORN B C   
261  O O   . ORN B 1  ? 0.5721 0.6806 0.5126 0.1097  0.0618  0.1689  1  ORN B O   
273  N N   . CYS B 2  ? 0.6237 0.6884 0.5733 0.0658  0.0315  0.0919  2  CYS B N   
274  C CA  . CYS B 2  ? 0.5099 0.5841 0.4849 0.0711  0.0241  0.1049  2  CYS B CA  
275  C C   . CYS B 2  ? 0.6591 0.6808 0.6176 0.0808  0.0329  0.0799  2  CYS B C   
276  O O   . CYS B 2  ? 0.6354 0.6267 0.5736 0.0701  0.0342  0.0485  2  CYS B O   
277  C CB  . CYS B 2  ? 0.5689 0.6667 0.5681 0.0390  -0.0072 0.0958  2  CYS B CB  
278  S SG  . CYS B 2  ? 0.5614 0.7157 0.5677 0.0120  -0.0277 0.1272  2  CYS B SG  
283  N N   . VAL B 3  ? 0.5679 0.5867 0.5355 0.0993  0.0378  0.0989  3  VAL B N   
284  C CA  . VAL B 3  ? 0.6141 0.5849 0.5645 0.1058  0.0427  0.0784  3  VAL B CA  
285  C C   . VAL B 3  ? 0.5705 0.5604 0.5602 0.0906  0.0220  0.0628  3  VAL B C   
286  O O   . VAL B 3  ? 0.4767 0.5025 0.4982 0.0892  0.0109  0.0864  3  VAL B O   
287  C CB  . VAL B 3  ? 0.9227 0.8592 0.8392 0.1435  0.0664  0.1087  3  VAL B CB  
288  C CG1 . VAL B 3  ? 0.7966 0.6734 0.6824 0.1428  0.0675  0.0852  3  VAL B CG1 
289  C CG2 . VAL B 3  ? 1.2113 1.1139 1.0722 0.1663  0.0911  0.1287  3  VAL B CG2 
299  N N   . PHE B 4  ? 0.5232 0.4913 0.5076 0.0791  0.0170  0.0289  4  PHE B N   
300  C CA  . PHE B 4  ? 0.5354 0.5096 0.5456 0.0733  0.0031  0.0144  4  PHE B CA  
301  C C   . PHE B 4  ? 0.5985 0.5484 0.6018 0.0838  0.0099  0.0090  4  PHE B C   
302  O O   . PHE B 4  ? 0.5762 0.4965 0.5446 0.0844  0.0201  0.0071  4  PHE B O   
303  C CB  . PHE B 4  ? 0.5970 0.5751 0.6046 0.0595  -0.0056 -0.0134 4  PHE B CB  
304  C CG  . PHE B 4  ? 0.6961 0.6846 0.6974 0.0461  -0.0159 -0.0095 4  PHE B CG  
305  C CD1 . PHE B 4  ? 0.8175 0.8039 0.8224 0.0324  -0.0354 -0.0013 4  PHE B CD1 
306  C CD2 . PHE B 4  ? 0.6560 0.6527 0.6417 0.0417  -0.0093 -0.0112 4  PHE B CD2 
307  C CE1 . PHE B 4  ? 0.9218 0.9118 0.9096 0.0110  -0.0507 0.0052  4  PHE B CE1 
308  C CE2 . PHE B 4  ? 0.6997 0.7061 0.6758 0.0274  -0.0206 -0.0063 4  PHE B CE2 
309  C CZ  . PHE B 4  ? 0.6921 0.6943 0.6670 0.0102  -0.0426 0.0023  4  PHE B CZ  
319  C C1  . MEA B 5  ? 0.5440 0.5113 0.5935 0.0800  -0.0135 0.0069  5  MEA B C1  
320  N N   . MEA B 5  ? 0.5018 0.4561 0.5291 0.0886  0.0023  0.0092  5  MEA B N   
321  C CA  . MEA B 5  ? 0.5256 0.4596 0.5461 0.0981  0.0073  0.0058  5  MEA B CA  
322  C C   . MEA B 5  ? 0.4456 0.3928 0.4847 0.0921  -0.0010 -0.0166 5  MEA B C   
323  O O   . MEA B 5  ? 0.4634 0.4152 0.5226 0.0953  -0.0095 -0.0187 5  MEA B O   
324  C CB  . MEA B 5  ? 0.6950 0.6251 0.7245 0.1174  0.0115  0.0306  5  MEA B CB  
325  C CG  . MEA B 5  ? 1.0690 0.9939 1.0757 0.1353  0.0268  0.0616  5  MEA B CG  
326  C CD1 . MEA B 5  ? 0.7643 0.7360 0.8019 0.1371  0.0225  0.0920  5  MEA B CD1 
327  C CE1 . MEA B 5  ? 0.8990 0.8801 0.9188 0.1618  0.0411  0.1292  5  MEA B CE1 
328  C CZ  . MEA B 5  ? 1.0031 0.9219 0.9574 0.1875  0.0661  0.1301  5  MEA B CZ  
329  C CE2 . MEA B 5  ? 1.2269 1.0804 1.1375 0.1765  0.0654  0.0951  5  MEA B CE2 
330  C CD2 . MEA B 5  ? 1.4361 1.3048 1.3808 0.1491  0.0449  0.0640  5  MEA B CD2 
342  N N   . CYS B 6  ? 0.4397 0.3929 0.4663 0.0834  0.0015  -0.0279 6  CYS B N   
343  C CA  . CYS B 6  ? 0.4444 0.4276 0.4878 0.0858  -0.0002 -0.0403 6  CYS B CA  
344  C C   . CYS B 6  ? 0.4339 0.4357 0.4770 0.0789  -0.0007 -0.0363 6  CYS B C   
345  O O   . CYS B 6  ? 0.4382 0.4232 0.4524 0.0596  -0.0029 -0.0293 6  CYS B O   
346  C CB  . CYS B 6  ? 0.5158 0.5200 0.5522 0.0812  0.0027  -0.0481 6  CYS B CB  
347  S SG  . CYS B 6  ? 0.5190 0.5006 0.5443 0.0797  -0.0019 -0.0513 6  CYS B SG  
352  N N   . GLU B 7  ? 0.4214 0.4519 0.4872 0.0934  0.0006  -0.0380 7  GLU B N   
353  C CA  . GLU B 7  ? 0.5208 0.5902 0.5944 0.0857  -0.0018 -0.0272 7  GLU B CA  
354  C C   . GLU B 7  ? 0.5574 0.6875 0.6344 0.0727  0.0000  -0.0167 7  GLU B C   
355  O O   . GLU B 7  ? 0.5076 0.6660 0.5946 0.0947  0.0110  -0.0189 7  GLU B O   
356  C CB  . GLU B 7  ? 0.5084 0.5930 0.6070 0.1131  0.0026  -0.0269 7  GLU B CB  
357  C CG  . GLU B 7  ? 0.7602 0.8845 0.8701 0.1051  -0.0022 -0.0113 7  GLU B CG  
358  C CD  . GLU B 7  ? 0.8364 0.9498 0.9642 0.1322  0.0013  -0.0129 7  GLU B CD  
359  O OE1 . GLU B 7  ? 0.7554 0.8745 0.8851 0.1233  -0.0056 -0.0036 7  GLU B OE1 
360  O OE2 . GLU B 7  ? 0.6594 0.7486 0.7897 0.1593  0.0095  -0.0232 7  GLU B OE2 
367  N N   . ASP B 8  ? 0.6085 0.7521 0.6673 0.0355  -0.0115 -0.0023 8  ASP B N   
368  C CA  . ASP B 8  ? 0.5901 0.8075 0.6564 0.0128  -0.0147 0.0188  8  ASP B CA  
369  C C   . ASP B 8  ? 0.6764 0.9570 0.7564 -0.0086 -0.0269 0.0462  8  ASP B C   
370  O O   . ASP B 8  ? 0.7928 1.0426 0.8339 -0.0543 -0.0471 0.0551  8  ASP B O   
371  C CB  . ASP B 8  ? 0.7674 0.9447 0.7897 -0.0263 -0.0240 0.0188  8  ASP B CB  
372  C CG  . ASP B 8  ? 0.7837 1.0349 0.8208 -0.0386 -0.0217 0.0362  8  ASP B CG  
373  O OD1 . ASP B 8  ? 0.5505 0.8999 0.6277 -0.0280 -0.0170 0.0605  8  ASP B OD1 
374  O OD2 . ASP B 8  ? 0.7883 1.0035 0.7966 -0.0547 -0.0221 0.0298  8  ASP B OD2 
379  N N   . ORN B 9  ? 1.2054 1.5357 1.3000 -0.0355 -0.0661 0.0922  9  ORN B N   
380  C CA  . ORN B 9  ? 0.8776 1.1480 0.9489 -0.0327 -0.0579 0.0692  9  ORN B CA  
381  C CB  . ORN B 9  ? 0.5402 0.8375 0.6573 0.0242  -0.0312 0.0562  9  ORN B CB  
382  C CG  . ORN B 9  ? 0.5659 0.9816 0.7253 0.0397  -0.0201 0.0860  9  ORN B CG  
383  C CD  . ORN B 9  ? 0.6055 1.0520 0.7550 0.0114  -0.0237 0.0970  9  ORN B CD  
384  N NE  . ORN B 9  ? 0.5961 0.9595 0.7222 0.0271  -0.0138 0.0625  9  ORN B NE  
385  C C   . ORN B 9  ? 0.6469 0.7864 0.6591 -0.0335 -0.0591 0.0417  9  ORN B C   
386  O O   . ORN B 9  ? 0.7408 0.8352 0.7407 -0.0202 -0.0593 0.0354  9  ORN B O   
398  N N   . ALA B 10 ? 0.7369 0.8199 0.7109 -0.0447 -0.0568 0.0302  10 ALA B N   
399  C CA  . ALA B 10 ? 0.7344 0.7039 0.6499 -0.0357 -0.0513 0.0136  10 ALA B CA  
400  C C   . ALA B 10 ? 0.6993 0.6622 0.6465 0.0030  -0.0322 -0.0017 10 ALA B C   
401  O O   . ALA B 10 ? 0.6557 0.6648 0.6310 0.0036  -0.0281 -0.0034 10 ALA B O   
402  C CB  . ALA B 10 ? 0.9371 0.8302 0.7602 -0.0825 -0.0649 0.0193  10 ALA B CB  
408  N N   . ILE B 11 ? 0.6101 0.5200 0.5507 0.0338  -0.0218 -0.0080 11 ILE B N   
409  C CA  . ILE B 11 ? 0.5795 0.4798 0.5388 0.0596  -0.0093 -0.0138 11 ILE B CA  
410  C C   . ILE B 11 ? 0.6165 0.4471 0.5090 0.0535  -0.0031 -0.0091 11 ILE B C   
411  O O   . ILE B 11 ? 0.6557 0.4131 0.4843 0.0580  0.0009  -0.0018 11 ILE B O   
412  C CB  . ILE B 11 ? 0.6006 0.4978 0.5927 0.0925  -0.0031 -0.0116 11 ILE B CB  
413  C CG1 . ILE B 11 ? 0.6828 0.6277 0.7208 0.0995  -0.0079 -0.0155 11 ILE B CG1 
414  C CG2 . ILE B 11 ? 0.6199 0.5250 0.6357 0.1065  0.0023  -0.0101 11 ILE B CG2 
415  C CD1 . ILE B 11 ? 0.7253 0.6595 0.7864 0.1243  -0.0052 -0.0105 11 ILE B CD1 
427  N N   . ILE B 12 ? 0.6177 0.4625 0.5141 0.0470  0.0000  -0.0119 12 ILE B N   
428  C CA  . ILE B 12 ? 0.6609 0.4415 0.4900 0.0413  0.0076  -0.0062 12 ILE B CA  
429  C C   . ILE B 12 ? 0.6092 0.4161 0.4707 0.0611  0.0179  -0.0041 12 ILE B C   
430  O O   . ILE B 12 ? 0.5801 0.4476 0.5039 0.0665  0.0138  -0.0108 12 ILE B O   
431  C CB  . ILE B 12 ? 0.7304 0.5007 0.5153 -0.0043 -0.0052 -0.0071 12 ILE B CB  
432  C CG1 . ILE B 12 ? 0.6686 0.5352 0.5218 -0.0161 -0.0110 -0.0117 12 ILE B CG1 
433  C CG2 . ILE B 12 ? 0.8740 0.6139 0.6138 -0.0350 -0.0215 -0.0022 12 ILE B CG2 
434  C CD1 . ILE B 12 ? 0.8992 0.7784 0.7219 -0.0614 -0.0232 -0.0034 12 ILE B CD1 
446  N N   . GLY B 13 ? 0.6890 0.4406 0.4954 0.0727  0.0317  0.0077  13 GLY B N   
447  C CA  . GLY B 13 ? 0.6980 0.4804 0.5293 0.0848  0.0395  0.0148  13 GLY B CA  
448  C C   . GLY B 13 ? 0.7014 0.5022 0.5290 0.0550  0.0327  0.0024  13 GLY B C   
449  O O   . GLY B 13 ? 0.7388 0.5018 0.5151 0.0273  0.0275  -0.0011 13 GLY B O   
453  N N   . LEU B 14 ? 0.6096 0.4683 0.4875 0.0567  0.0301  -0.0017 14 LEU B N   
454  C CA  . LEU B 14 ? 0.6242 0.5069 0.5014 0.0355  0.0269  -0.0105 14 LEU B CA  
455  C C   . LEU B 14 ? 0.8550 0.7519 0.7383 0.0462  0.0339  -0.0025 14 LEU B C   
456  O O   . LEU B 14 ? 0.6385 0.5663 0.5579 0.0587  0.0307  0.0031  14 LEU B O   
457  C CB  . LEU B 14 ? 0.6291 0.5721 0.5531 0.0262  0.0165  -0.0251 14 LEU B CB  
458  C CG  . LEU B 14 ? 0.6767 0.6305 0.6040 0.0136  0.0089  -0.0262 14 LEU B CG  
459  C CD1 . LEU B 14 ? 0.6605 0.6703 0.6361 0.0274  0.0069  -0.0343 14 LEU B CD1 
460  C CD2 . LEU B 14 ? 0.6337 0.5879 0.5266 -0.0222 0.0025  -0.0184 14 LEU B CD2 
491  N N   . VAL B 16 ? 0.8240 0.7957 0.7301 0.0384  0.0341  -0.0004 16 VAL B N   
492  C CA  . VAL B 16 ? 0.8321 0.8366 0.7508 0.0291  0.0268  -0.0138 16 VAL B CA  
493  C C   . VAL B 16 ? 0.7059 0.7233 0.6182 0.0305  0.0290  0.0027  16 VAL B C   
494  O O   . VAL B 16 ? 0.6047 0.6418 0.5328 0.0301  0.0184  0.0151  16 VAL B O   
495  C CB  . VAL B 16 ? 0.9221 0.9379 0.8616 0.0302  0.0133  -0.0278 16 VAL B CB  
496  C CG1 . VAL B 16 ? 0.7188 0.7445 0.6452 0.0262  0.0084  -0.0414 16 VAL B CG1 
497  C CG2 . VAL B 16 ? 1.0700 1.0829 1.0187 0.0342  0.0142  -0.0396 16 VAL B CG2 
507  N N   . ORN C 1  ? 0.7932 0.4582 0.7054 0.1217  0.0453  0.0933  1  ORN C N   
508  C CA  . ORN C 1  ? 0.6540 0.3810 0.6216 0.1264  0.0331  0.0836  1  ORN C CA  
509  C CB  . ORN C 1  ? 0.7606 0.4681 0.7080 0.1701  0.0095  0.0889  1  ORN C CB  
510  C CG  . ORN C 1  ? 0.7958 0.5629 0.7720 0.1950  -0.0257 0.0965  1  ORN C CG  
511  C CD  . ORN C 1  ? 0.7509 0.6209 0.7976 0.1738  -0.0358 0.0879  1  ORN C CD  
512  N NE  . ORN C 1  ? 0.6931 0.5946 0.7673 0.1767  -0.0324 0.0706  1  ORN C NE  
513  C C   . ORN C 1  ? 0.6919 0.4015 0.6630 0.0946  0.0651  0.0649  1  ORN C C   
514  O O   . ORN C 1  ? 0.7436 0.3852 0.6667 0.0698  0.0981  0.0588  1  ORN C O   
526  N N   . CYS C 2  ? 0.5943 0.3644 0.6183 0.0901  0.0564  0.0533  2  CYS C N   
527  C CA  . CYS C 2  ? 0.6173 0.3791 0.6508 0.0614  0.0806  0.0341  2  CYS C CA  
528  C C   . CYS C 2  ? 0.7133 0.4632 0.7405 0.0790  0.0763  0.0320  2  CYS C C   
529  O O   . CYS C 2  ? 0.7057 0.4855 0.7450 0.1091  0.0533  0.0380  2  CYS C O   
530  C CB  . CYS C 2  ? 0.5138 0.3542 0.6127 0.0366  0.0718  0.0149  2  CYS C CB  
531  S SG  . CYS C 2  ? 0.5192 0.3917 0.6393 0.0246  0.0706  0.0062  2  CYS C SG  
536  N N   . VAL C 3  ? 0.6189 0.3304 0.6299 0.0583  0.1000  0.0187  3  VAL C N   
537  C CA  . VAL C 3  ? 0.6360 0.3366 0.6419 0.0734  0.0978  0.0124  3  VAL C CA  
538  C C   . VAL C 3  ? 0.6528 0.4191 0.7143 0.0471  0.0953  -0.0039 3  VAL C C   
539  O O   . VAL C 3  ? 0.6212 0.3957 0.7007 0.0131  0.1078  -0.0186 3  VAL C O   
540  C CB  . VAL C 3  ? 0.8335 0.4224 0.7610 0.0717  0.1219  0.0099  3  VAL C CB  
541  C CG1 . VAL C 3  ? 0.8842 0.4638 0.8075 0.0946  0.1159  0.0003  3  VAL C CG1 
542  C CG2 . VAL C 3  ? 1.9882 1.4838 1.8338 0.0983  0.1184  0.0259  3  VAL C CG2 
552  N N   . PHE C 4  ? 0.6107 0.4232 0.6968 0.0614  0.0787  -0.0066 4  PHE C N   
553  C CA  . PHE C 4  ? 0.5724 0.4231 0.6865 0.0369  0.0739  -0.0212 4  PHE C CA  
554  C C   . PHE C 4  ? 0.5585 0.3898 0.6584 0.0452  0.0849  -0.0319 4  PHE C C   
555  O O   . PHE C 4  ? 0.6598 0.4850 0.7485 0.0781  0.0845  -0.0316 4  PHE C O   
556  C CB  . PHE C 4  ? 0.6218 0.5320 0.7585 0.0328  0.0483  -0.0183 4  PHE C CB  
557  C CG  . PHE C 4  ? 0.6063 0.5326 0.7529 0.0309  0.0330  -0.0091 4  PHE C CG  
558  C CD1 . PHE C 4  ? 0.7909 0.7210 0.9536 0.0121  0.0283  -0.0220 4  PHE C CD1 
559  C CD2 . PHE C 4  ? 0.6150 0.5581 0.7588 0.0497  0.0216  0.0064  4  PHE C CD2 
560  C CE1 . PHE C 4  ? 0.6996 0.6492 0.8743 0.0144  0.0137  -0.0199 4  PHE C CE1 
561  C CE2 . PHE C 4  ? 0.6112 0.5641 0.7589 0.0489  0.0074  0.0144  4  PHE C CE2 
562  C CZ  . PHE C 4  ? 0.5995 0.5551 0.7619 0.0324  0.0043  0.0010  4  PHE C CZ  
572  C C1  . MEA C 5  ? 0.6736 0.5243 0.7972 -0.0094 0.0766  -0.0556 5  MEA C C1  
573  N N   . MEA C 5  ? 0.6246 0.4476 0.7262 0.0195  0.0915  -0.0462 5  MEA C N   
574  C CA  . MEA C 5  ? 0.6451 0.4461 0.7295 0.0258  0.1034  -0.0579 5  MEA C CA  
575  C C   . MEA C 5  ? 0.5755 0.4208 0.6726 0.0087  0.0937  -0.0692 5  MEA C C   
576  O O   . MEA C 5  ? 0.6180 0.4580 0.7128 -0.0202 0.0851  -0.0773 5  MEA C O   
577  C CB  . MEA C 5  ? 0.7212 0.4641 0.7814 0.0073  0.1211  -0.0667 5  MEA C CB  
578  C CG  . MEA C 5  ? 1.0007 0.6839 1.0278 0.0089  0.1362  -0.0577 5  MEA C CG  
579  C CD1 . MEA C 5  ? 1.1289 0.8242 1.1744 -0.0221 0.1415  -0.0613 5  MEA C CD1 
580  C CE1 . MEA C 5  ? 1.2749 0.9088 1.2779 -0.0316 0.1637  -0.0565 5  MEA C CE1 
581  C CZ  . MEA C 5  ? 1.3788 0.9185 1.3041 -0.0052 0.1727  -0.0439 5  MEA C CZ  
582  C CE2 . MEA C 5  ? 1.2992 0.8271 1.2097 0.0372  0.1577  -0.0418 5  MEA C CE2 
583  C CD2 . MEA C 5  ? 1.1457 0.7549 1.1148 0.0419  0.1435  -0.0509 5  MEA C CD2 
595  N N   . CYS C 6  ? 0.5816 0.4655 0.6860 0.0244  0.0949  -0.0746 6  CYS C N   
596  C CA  . CYS C 6  ? 0.5721 0.4919 0.6731 -0.0021 0.0921  -0.0862 6  CYS C CA  
597  C C   . CYS C 6  ? 0.6683 0.6138 0.7730 0.0072  0.1126  -0.1101 6  CYS C C   
598  O O   . CYS C 6  ? 0.6527 0.6031 0.7726 0.0471  0.1199  -0.1191 6  CYS C O   
599  C CB  . CYS C 6  ? 0.6044 0.5673 0.7137 -0.0102 0.0755  -0.0768 6  CYS C CB  
600  S SG  . CYS C 6  ? 0.5748 0.5180 0.6826 -0.0170 0.0480  -0.0564 6  CYS C SG  
605  N N   . GLU C 7  ? 0.5719 0.5283 0.6549 -0.0294 0.1199  -0.1248 7  GLU C N   
606  C CA  . GLU C 7  ? 0.6002 0.5901 0.6875 -0.0308 0.1459  -0.1559 7  GLU C CA  
607  C C   . GLU C 7  ? 0.8500 0.8734 0.9136 -0.0794 0.1549  -0.1698 7  GLU C C   
608  O O   . GLU C 7  ? 0.6197 0.6020 0.6351 -0.1152 0.1368  -0.1534 7  GLU C O   
609  C CB  . GLU C 7  ? 0.6753 0.6096 0.7333 -0.0352 0.1583  -0.1655 7  GLU C CB  
610  C CG  . GLU C 7  ? 0.9944 0.8665 1.0015 -0.0767 0.1444  -0.1546 7  GLU C CG  
611  C CD  . GLU C 7  ? 1.3434 1.2038 1.2985 -0.1212 0.1581  -0.1740 7  GLU C CD  
612  O OE1 . GLU C 7  ? 1.5072 1.4224 1.4739 -0.1286 0.1858  -0.1989 7  GLU C OE1 
613  O OE2 . GLU C 7  ? 1.4342 1.2285 1.3331 -0.1501 0.1405  -0.1690 7  GLU C OE2 
620  N N   . ASP C 8  ? 0.7771 0.8717 0.8694 -0.0810 0.1822  -0.2055 8  ASP C N   
621  C CA  . ASP C 8  ? 0.9881 1.1179 1.0521 -0.1385 0.2029  -0.2278 8  ASP C CA  
622  C C   . ASP C 8  ? 1.0417 1.2263 1.1235 -0.1498 0.2449  -0.2781 8  ASP C C   
623  O O   . ASP C 8  ? 1.1126 1.3879 1.2277 -0.1715 0.2712  -0.3169 8  ASP C O   
624  C CB  . ASP C 8  ? 0.7880 0.9876 0.8896 -0.1379 0.1951  -0.2279 8  ASP C CB  
625  C CG  . ASP C 8  ? 0.7728 0.9811 0.8189 -0.2118 0.2138  -0.2433 8  ASP C CG  
626  O OD1 . ASP C 8  ? 0.8831 1.0492 0.8618 -0.2629 0.2384  -0.2602 8  ASP C OD1 
627  O OD2 . ASP C 8  ? 0.8330 1.0809 0.8918 -0.2224 0.2049  -0.2393 8  ASP C OD2 
632  N N   . ORN C 9  ? 1.0607 1.0660 1.1186 -0.0047 0.2773  -0.3286 9  ORN C N   
633  C CA  . ORN C 9  ? 0.8972 0.9666 1.0096 0.0211  0.2585  -0.3208 9  ORN C CA  
634  C CB  . ORN C 9  ? 0.8433 0.9253 0.9369 -0.0387 0.2554  -0.2988 9  ORN C CB  
635  C CG  . ORN C 9  ? 0.8042 0.9248 0.8709 -0.1043 0.2910  -0.3318 9  ORN C CG  
636  C CD  . ORN C 9  ? 0.7866 0.9680 0.8637 -0.1425 0.2930  -0.3334 9  ORN C CD  
637  N NE  . ORN C 9  ? 0.9637 1.0975 1.0261 -0.1358 0.2530  -0.2829 9  ORN C NE  
638  C C   . ORN C 9  ? 0.8332 0.8370 0.9417 0.0712  0.2252  -0.2845 9  ORN C C   
639  O O   . ORN C 9  ? 0.8360 0.7481 0.8978 0.0604  0.2159  -0.2537 9  ORN C O   
651  N N   . ALA C 10 ? 0.8295 0.8814 0.9847 0.1237  0.2077  -0.2927 10 ALA C N   
652  C CA  . ALA C 10 ? 0.8470 0.8247 0.9804 0.1669  0.1790  -0.2607 10 ALA C CA  
653  C C   . ALA C 10 ? 0.8901 0.8302 1.0029 0.1261  0.1680  -0.2135 10 ALA C C   
654  O O   . ALA C 10 ? 0.6994 0.6956 0.8339 0.0910  0.1675  -0.2069 10 ALA C O   
655  C CB  . ALA C 10 ? 0.7766 0.8069 0.9530 0.2310  0.1573  -0.2828 10 ALA C CB  
661  N N   . ILE C 11 ? 0.7528 0.5972 0.8204 0.1287  0.1599  -0.1853 11 ILE C N   
662  C CA  . ILE C 11 ? 0.7178 0.5353 0.7768 0.1011  0.1487  -0.1501 11 ILE C CA  
663  C C   . ILE C 11 ? 0.7477 0.5197 0.7890 0.1433  0.1344  -0.1359 11 ILE C C   
664  O O   . ILE C 11 ? 0.8845 0.5703 0.8749 0.1706  0.1350  -0.1370 11 ILE C O   
665  C CB  . ILE C 11 ? 0.8733 0.6268 0.8983 0.0603  0.1544  -0.1377 11 ILE C CB  
666  C CG1 . ILE C 11 ? 1.0956 0.8603 1.1124 0.0289  0.1656  -0.1557 11 ILE C CG1 
667  C CG2 . ILE C 11 ? 0.8514 0.6137 0.8892 0.0300  0.1409  -0.1155 11 ILE C CG2 
668  C CD1 . ILE C 11 ? 1.3060 0.9953 1.2844 0.0114  0.1715  -0.1555 11 ILE C CD1 
680  N N   . ILE C 12 ? 0.7373 0.5513 0.8049 0.1466  0.1207  -0.1221 12 ILE C N   
681  C CA  . ILE C 12 ? 0.9571 0.7302 1.0025 0.1899  0.1039  -0.1116 12 ILE C CA  
682  C C   . ILE C 12 ? 0.9889 0.7515 1.0313 0.1609  0.1000  -0.0813 12 ILE C C   
683  O O   . ILE C 12 ? 0.7484 0.5710 0.8270 0.1240  0.0995  -0.0750 12 ILE C O   
684  C CB  . ILE C 12 ? 1.2741 1.1256 1.3643 0.2370  0.0866  -0.1366 12 ILE C CB  
685  C CG1 . ILE C 12 ? 1.2369 1.1975 1.3873 0.1995  0.0892  -0.1382 12 ILE C CG1 
686  C CG2 . ILE C 12 ? 1.6075 1.4742 1.7058 0.2722  0.0907  -0.1768 12 ILE C CG2 
687  C CD1 . ILE C 12 ? 1.1707 1.2364 1.3808 0.2274  0.0820  -0.1750 12 ILE C CD1 
699  N N   . GLY C 13 ? 0.8909 0.5653 0.8777 0.1765  0.0970  -0.0654 13 GLY C N   
700  C CA  . GLY C 13 ? 1.0257 0.6950 1.0099 0.1583  0.0941  -0.0428 13 GLY C CA  
701  C C   . GLY C 13 ? 0.7981 0.5235 0.8115 0.1926  0.0699  -0.0406 13 GLY C C   
702  O O   . GLY C 13 ? 0.8646 0.5630 0.8548 0.2452  0.0519  -0.0505 13 GLY C O   
706  N N   . LEU C 14 ? 0.6409 0.4411 0.7015 0.1665  0.0647  -0.0316 14 LEU C N   
707  C CA  . LEU C 14 ? 0.7064 0.5619 0.7943 0.1903  0.0429  -0.0293 14 LEU C CA  
708  C C   . LEU C 14 ? 0.6675 0.4826 0.7279 0.1840  0.0380  -0.0040 14 LEU C C   
709  O O   . LEU C 14 ? 0.6662 0.4803 0.7307 0.1445  0.0493  0.0060  14 LEU C O   
710  C CB  . LEU C 14 ? 0.5979 0.5567 0.7427 0.1617  0.0405  -0.0390 14 LEU C CB  
711  C CG  . LEU C 14 ? 0.9347 0.9509 1.1093 0.1541  0.0517  -0.0690 14 LEU C CG  
712  C CD1 . LEU C 14 ? 1.2856 1.3154 1.4729 0.2092  0.0448  -0.0975 14 LEU C CD1 
713  C CD2 . LEU C 14 ? 0.9244 0.9023 1.0788 0.1210  0.0702  -0.0696 14 LEU C CD2 
743  N N   . VAL C 16 ? 0.6026 0.4666 0.6784 0.1678  0.0083  0.0370  16 VAL C N   
744  C CA  . VAL C 16 ? 0.5783 0.5142 0.6897 0.1543  -0.0091 0.0414  16 VAL C CA  
745  C C   . VAL C 16 ? 0.5503 0.4584 0.6402 0.1485  -0.0134 0.0601  16 VAL C C   
746  O O   . VAL C 16 ? 0.5821 0.4792 0.6724 0.1216  -0.0014 0.0604  16 VAL C O   
747  C CB  . VAL C 16 ? 0.7249 0.7075 0.8637 0.1159  -0.0055 0.0317  16 VAL C CB  
748  C CG1 . VAL C 16 ? 0.9290 0.9583 1.0769 0.0985  -0.0259 0.0370  16 VAL C CG1 
749  C CG2 . VAL C 16 ? 0.6636 0.6704 0.8179 0.1170  0.0046  0.0109  16 VAL C CG2 
759  N N   . ORN D 1  ? 1.0224 0.4250 0.8462 0.2006  -0.1619 0.0641  1  ORN D N   
760  C CA  . ORN D 1  ? 0.9422 0.4195 0.7886 0.1915  -0.1529 0.0804  1  ORN D CA  
761  C CB  . ORN D 1  ? 0.8566 0.4024 0.7358 0.2367  -0.1314 0.0729  1  ORN D CB  
762  C CG  . ORN D 1  ? 0.8650 0.4339 0.7688 0.2730  -0.1358 0.0924  1  ORN D CG  
763  C CD  . ORN D 1  ? 0.8788 0.4940 0.8025 0.2610  -0.1491 0.1265  1  ORN D CD  
764  N NE  . ORN D 1  ? 0.7612 0.4487 0.7117 0.2512  -0.1368 0.1234  1  ORN D NE  
765  C C   . ORN D 1  ? 0.9369 0.4183 0.7669 0.1538  -0.1499 0.0664  1  ORN D C   
766  O O   . ORN D 1  ? 0.9380 0.3810 0.7437 0.1440  -0.1511 0.0403  1  ORN D O   
778  N N   . CYS D 2  ? 0.8352 0.3871 0.6858 0.1283  -0.1416 0.0800  2  CYS D N   
779  C CA  . CYS D 2  ? 0.7593 0.3480 0.6046 0.0904  -0.1293 0.0654  2  CYS D CA  
780  C C   . CYS D 2  ? 0.7030 0.3594 0.5759 0.1064  -0.1011 0.0543  2  CYS D C   
781  O O   . CYS D 2  ? 0.7416 0.4366 0.6477 0.1282  -0.0932 0.0651  2  CYS D O   
782  C CB  . CYS D 2  ? 0.7632 0.3797 0.6065 0.0405  -0.1413 0.0868  2  CYS D CB  
783  S SG  . CYS D 2  ? 0.9244 0.4602 0.7351 0.0108  -0.1700 0.1095  2  CYS D SG  
788  N N   . VAL D 3  ? 0.6433 0.3153 0.5038 0.0953  -0.0858 0.0348  3  VAL D N   
789  C CA  . VAL D 3  ? 0.7063 0.4296 0.5882 0.1066  -0.0572 0.0290  3  VAL D CA  
790  C C   . VAL D 3  ? 0.7277 0.4931 0.6197 0.0670  -0.0556 0.0324  3  VAL D C   
791  O O   . VAL D 3  ? 0.6980 0.4618 0.5645 0.0397  -0.0641 0.0248  3  VAL D O   
792  C CB  . VAL D 3  ? 0.7074 0.4213 0.5636 0.1305  -0.0400 0.0070  3  VAL D CB  
793  C CG1 . VAL D 3  ? 0.8273 0.5858 0.7033 0.1416  -0.0081 0.0100  3  VAL D CG1 
794  C CG2 . VAL D 3  ? 0.8885 0.5649 0.7304 0.1737  -0.0436 -0.0035 3  VAL D CG2 
804  N N   . PHE D 4  ? 0.6271 0.4350 0.5577 0.0645  -0.0451 0.0405  4  PHE D N   
805  C CA  . PHE D 4  ? 0.5814 0.4264 0.5223 0.0328  -0.0424 0.0354  4  PHE D CA  
806  C C   . PHE D 4  ? 0.6395 0.4976 0.6006 0.0435  -0.0124 0.0284  4  PHE D C   
807  O O   . PHE D 4  ? 0.5813 0.4440 0.5680 0.0676  0.0050  0.0371  4  PHE D O   
808  C CB  . PHE D 4  ? 0.7507 0.6334 0.7202 0.0136  -0.0602 0.0467  4  PHE D CB  
809  C CG  . PHE D 4  ? 1.1112 0.9773 1.0592 0.0068  -0.0876 0.0631  4  PHE D CG  
810  C CD1 . PHE D 4  ? 1.2962 1.1335 1.2034 -0.0110 -0.0982 0.0627  4  PHE D CD1 
811  C CD2 . PHE D 4  ? 1.0544 0.9352 1.0238 0.0183  -0.1021 0.0818  4  PHE D CD2 
812  C CE1 . PHE D 4  ? 1.3570 1.1701 1.2455 -0.0218 -0.1211 0.0843  4  PHE D CE1 
813  C CE2 . PHE D 4  ? 0.9949 0.8501 0.9404 0.0154  -0.1260 0.1035  4  PHE D CE2 
814  C CZ  . PHE D 4  ? 1.1969 1.0127 1.1021 -0.0069 -0.1347 0.1065  4  PHE D CZ  
824  C C1  . MEA D 5  ? 0.7811 0.6651 0.7155 -0.0020 -0.0243 0.0066  5  MEA D C1  
825  N N   . MEA D 5  ? 0.7235 0.5870 0.6714 0.0282  -0.0051 0.0153  5  MEA D N   
826  C CA  . MEA D 5  ? 0.6002 0.4613 0.5635 0.0381  0.0239  0.0131  5  MEA D CA  
827  C C   . MEA D 5  ? 0.5024 0.3870 0.5057 0.0094  0.0221  0.0079  5  MEA D C   
828  O O   . MEA D 5  ? 0.5482 0.4440 0.5383 -0.0122 0.0078  -0.0088 5  MEA D O   
829  C CB  . MEA D 5  ? 0.5934 0.4381 0.5163 0.0494  0.0350  0.0014  5  MEA D CB  
830  C CG  . MEA D 5  ? 0.8901 0.7204 0.7763 0.0725  0.0302  -0.0004 5  MEA D CG  
831  C CD1 . MEA D 5  ? 1.2765 1.1082 1.1352 0.0548  0.0046  -0.0094 5  MEA D CD1 
832  C CE1 . MEA D 5  ? 1.5207 1.3337 1.3504 0.0698  -0.0026 -0.0165 5  MEA D CE1 
833  C CZ  . MEA D 5  ? 1.4399 1.2392 1.2629 0.1098  0.0152  -0.0177 5  MEA D CZ  
834  C CE2 . MEA D 5  ? 1.1319 0.9383 0.9790 0.1322  0.0436  -0.0037 5  MEA D CE2 
835  C CD2 . MEA D 5  ? 0.8325 0.6511 0.7137 0.1103  0.0516  0.0063  5  MEA D CD2 
847  N N   . CYS D 6  ? 0.5138 0.4122 0.5663 0.0093  0.0360  0.0193  6  CYS D N   
848  C CA  . CYS D 6  ? 0.5571 0.4839 0.6572 -0.0222 0.0304  0.0108  6  CYS D CA  
849  C C   . CYS D 6  ? 0.6011 0.5172 0.7436 -0.0268 0.0616  0.0185  6  CYS D C   
850  O O   . CYS D 6  ? 0.5150 0.4155 0.6556 -0.0008 0.0892  0.0392  6  CYS D O   
851  C CB  . CYS D 6  ? 0.5277 0.5033 0.6599 -0.0294 0.0078  0.0181  6  CYS D CB  
852  S SG  . CYS D 6  ? 0.5313 0.5056 0.6136 -0.0217 -0.0249 0.0227  6  CYS D SG  
857  N N   . GLU D 7  ? 0.5079 0.4328 0.6886 -0.0609 0.0572  0.0019  7  GLU D N   
858  C CA  . GLU D 7  ? 0.5045 0.4133 0.7337 -0.0767 0.0852  0.0105  7  GLU D CA  
859  C C   . GLU D 7  ? 0.6365 0.5904 0.9312 -0.1197 0.0688  -0.0070 7  GLU D C   
860  O O   . GLU D 7  ? 0.6005 0.5836 0.8896 -0.1362 0.0361  -0.0345 7  GLU D O   
861  C CB  . GLU D 7  ? 0.7445 0.5826 0.9435 -0.0735 0.1039  0.0023  7  GLU D CB  
862  C CG  . GLU D 7  ? 0.8067 0.6290 0.9718 -0.0846 0.0785  -0.0361 7  GLU D CG  
863  C CD  . GLU D 7  ? 0.8839 0.7134 1.0973 -0.1272 0.0632  -0.0666 7  GLU D CD  
864  O OE1 . GLU D 7  ? 0.9653 0.8294 1.1651 -0.1389 0.0310  -0.0979 7  GLU D OE1 
865  O OE2 . GLU D 7  ? 0.7580 0.5614 1.0227 -0.1503 0.0831  -0.0599 7  GLU D OE2 
872  N N   . ASP D 8  ? 0.5850 0.5524 0.9428 -0.1385 0.0921  0.0098  8  ASP D N   
873  C CA  . ASP D 8  ? 0.6752 0.6857 1.1055 -0.1867 0.0796  -0.0098 8  ASP D CA  
874  C C   . ASP D 8  ? 0.9337 0.8980 1.4101 -0.2150 0.1137  0.0023  8  ASP D C   
875  O O   . ASP D 8  ? 1.1056 1.1130 1.6459 -0.2316 0.1347  0.0281  8  ASP D O   
876  C CB  . ASP D 8  ? 0.7599 0.8688 1.2393 -0.1868 0.0674  0.0024  8  ASP D CB  
877  C CG  . ASP D 8  ? 1.0170 1.1919 1.5607 -0.2333 0.0403  -0.0287 8  ASP D CG  
878  O OD1 . ASP D 8  ? 1.0652 1.2704 1.5850 -0.2341 0.0032  -0.0566 8  ASP D OD1 
879  O OD2 . ASP D 8  ? 1.2241 1.4265 1.8429 -0.2701 0.0560  -0.0248 8  ASP D OD2 
884  N N   . ORN D 9  ? 1.0846 0.6492 1.3863 -0.1249 0.2429  0.0778  9  ORN D N   
885  C CA  . ORN D 9  ? 0.8831 0.5438 1.2055 -0.1283 0.2219  0.0711  9  ORN D CA  
886  C CB  . ORN D 9  ? 0.8978 0.5893 1.2277 -0.1566 0.1751  0.0170  9  ORN D CB  
887  C CG  . ORN D 9  ? 0.9471 0.6467 1.3567 -0.2186 0.1644  -0.0064 9  ORN D CG  
888  C CD  . ORN D 9  ? 0.9146 0.7214 1.3915 -0.2440 0.1533  0.0006  9  ORN D CD  
889  N NE  . ORN D 9  ? 0.8017 0.6751 1.2432 -0.2187 0.1206  -0.0142 9  ORN D NE  
890  C C   . ORN D 9  ? 0.7634 0.4450 1.0157 -0.0704 0.2233  0.0846  9  ORN D C   
891  O O   . ORN D 9  ? 0.8384 0.4983 1.0284 -0.0453 0.2055  0.0608  9  ORN D O   
903  N N   . ALA D 10 ? 0.8201 0.5519 1.0847 -0.0486 0.2443  0.1213  10 ALA D N   
904  C CA  . ALA D 10 ? 0.7148 0.4664 0.9169 0.0054  0.2441  0.1294  10 ALA D CA  
905  C C   . ALA D 10 ? 0.7014 0.4882 0.8774 0.0078  0.2015  0.0951  10 ALA D C   
906  O O   . ALA D 10 ? 0.6509 0.4851 0.8682 -0.0192 0.1786  0.0828  10 ALA D O   
907  C CB  . ALA D 10 ? 0.6837 0.4860 0.9077 0.0284  0.2723  0.1684  10 ALA D CB  
913  N N   . ILE D 11 ? 0.6627 0.4299 0.7702 0.0402  0.1916  0.0826  11 ILE D N   
914  C CA  . ILE D 11 ? 0.6597 0.4558 0.7366 0.0451  0.1564  0.0594  11 ILE D CA  
915  C C   . ILE D 11 ? 0.6440 0.4652 0.7027 0.0821  0.1628  0.0759  11 ILE D C   
916  O O   . ILE D 11 ? 0.7766 0.5835 0.7988 0.1195  0.1848  0.0888  11 ILE D O   
917  C CB  . ILE D 11 ? 0.7860 0.5566 0.8047 0.0539  0.1413  0.0345  11 ILE D CB  
918  C CG1 . ILE D 11 ? 0.7869 0.5294 0.8191 0.0259  0.1361  0.0138  11 ILE D CG1 
919  C CG2 . ILE D 11 ? 0.7948 0.5976 0.7876 0.0499  0.1065  0.0166  11 ILE D CG2 
920  C CD1 . ILE D 11 ? 1.0091 0.7288 0.9841 0.0445  0.1295  -0.0075 11 ILE D CD1 
932  N N   . ILE D 12 ? 0.5386 0.3980 0.6203 0.0764  0.1429  0.0739  12 ILE D N   
933  C CA  . ILE D 12 ? 0.5622 0.4415 0.6302 0.1138  0.1456  0.0843  12 ILE D CA  
934  C C   . ILE D 12 ? 0.6335 0.5090 0.6706 0.1141  0.1085  0.0645  12 ILE D C   
935  O O   . ILE D 12 ? 0.5707 0.4488 0.6129 0.0822  0.0826  0.0514  12 ILE D O   
936  C CB  . ILE D 12 ? 0.5650 0.4929 0.6923 0.1156  0.1602  0.1061  12 ILE D CB  
937  C CG1 . ILE D 12 ? 0.5877 0.5497 0.7610 0.0798  0.1321  0.0963  12 ILE D CG1 
938  C CG2 . ILE D 12 ? 0.8412 0.7713 1.0017 0.1088  0.2000  0.1318  12 ILE D CG2 
939  C CD1 . ILE D 12 ? 0.7099 0.7373 0.9463 0.0814  0.1423  0.1148  12 ILE D CD1 
951  N N   . GLY D 13 ? 0.6223 0.4912 0.6259 0.1509  0.1063  0.0629  13 GLY D N   
952  C CA  . GLY D 13 ? 0.6377 0.4940 0.6200 0.1515  0.0731  0.0499  13 GLY D CA  
953  C C   . GLY D 13 ? 0.7073 0.5917 0.7297 0.1574  0.0644  0.0615  13 GLY D C   
954  O O   . GLY D 13 ? 0.8060 0.7212 0.8552 0.1842  0.0861  0.0754  13 GLY D O   
958  N N   . LEU D 14 ? 0.5496 0.4324 0.5765 0.1349  0.0338  0.0587  14 LEU D N   
959  C CA  . LEU D 14 ? 0.7430 0.6535 0.8013 0.1463  0.0201  0.0699  14 LEU D CA  
960  C C   . LEU D 14 ? 0.7393 0.6027 0.7581 0.1608  -0.0090 0.0657  14 LEU D C   
961  O O   . LEU D 14 ? 0.6605 0.4929 0.6493 0.1330  -0.0285 0.0599  14 LEU D O   
962  C CB  . LEU D 14 ? 0.6689 0.6260 0.7719 0.1088  0.0086  0.0745  14 LEU D CB  
963  C CG  . LEU D 14 ? 0.9788 0.9794 1.1340 0.0877  0.0339  0.0776  14 LEU D CG  
964  C CD1 . LEU D 14 ? 0.9212 0.9656 1.1148 0.0481  0.0143  0.0715  14 LEU D CD1 
965  C CD2 . LEU D 14 ? 1.0073 1.0497 1.2010 0.1179  0.0595  0.0943  14 LEU D CD2 
996  N N   . VAL D 16 ? 0.7089 0.4884 0.6875 0.1812  -0.0836 0.0883  16 VAL D N   
997  C CA  . VAL D 16 ? 0.7048 0.4980 0.6936 0.1765  -0.1079 0.1104  16 VAL D CA  
998  C C   . VAL D 16 ? 0.7456 0.4513 0.6929 0.1950  -0.1324 0.1200  16 VAL D C   
999  O O   . VAL D 16 ? 0.9354 0.5920 0.8503 0.1611  -0.1473 0.1255  16 VAL D O   
1000 C CB  . VAL D 16 ? 0.8224 0.6551 0.8169 0.1244  -0.1157 0.1157  16 VAL D CB  
1001 C CG1 . VAL D 16 ? 0.7922 0.6454 0.7895 0.1230  -0.1419 0.1413  16 VAL D CG1 
1002 C CG2 . VAL D 16 ? 0.8628 0.7678 0.9008 0.1073  -0.0937 0.1033  16 VAL D CG2 
# 
